data_4O8U
#
_entry.id   4O8U
#
_cell.length_a   218.381
_cell.length_b   125.640
_cell.length_c   94.044
_cell.angle_alpha   90.00
_cell.angle_beta   102.86
_cell.angle_gamma   90.00
#
_symmetry.space_group_name_H-M   'C 1 2 1'
#
loop_
_entity.id
_entity.type
_entity.pdbx_description
1 polymer 'Uncharacterized protein PF2046'
2 water water
#
_entity_poly.entity_id   1
_entity_poly.type   'polypeptide(L)'
_entity_poly.pdbx_seq_one_letter_code
;SRIVAADTGGAVLDETFEPIGLIATVAVLVEKPYRSAKEV(MSE)VKYANPYDYDLTGRQAIRDEVLLAIELARKVKPDV
IHLDSTLGGIELRKLDEPTIDALGISDKGKEVWKELSKDLQPLARKFWEETNIEIVAIGKSSVPVRIAEIYAGIYSAKWG
IENVEKEGHLIIGLPRY(MSE)EVNIKDGKIIGRSLDPREGGLYGSAEVSVPEGVKWEIYPNPVARRF(MSE)IFEIFSK
R
;
_entity_poly.pdbx_strand_id   A,B,C,D,E,F
#
# COMPACT_ATOMS: atom_id res chain seq x y z
N SER A 1 -22.31 8.27 29.46
CA SER A 1 -21.46 9.09 28.59
C SER A 1 -22.29 10.00 27.66
N ARG A 2 -21.90 11.27 27.58
CA ARG A 2 -22.61 12.31 26.84
C ARG A 2 -21.65 12.99 25.86
N ILE A 3 -21.99 12.96 24.57
CA ILE A 3 -21.07 13.35 23.51
C ILE A 3 -21.64 14.39 22.55
N VAL A 4 -20.84 15.40 22.23
CA VAL A 4 -21.19 16.31 21.14
C VAL A 4 -20.38 15.99 19.88
N ALA A 5 -20.99 16.10 18.71
CA ALA A 5 -20.30 15.83 17.45
C ALA A 5 -20.87 16.73 16.38
N ALA A 6 -20.08 17.07 15.37
CA ALA A 6 -20.58 17.92 14.28
C ALA A 6 -20.26 17.37 12.89
N ASP A 7 -21.03 17.78 11.89
CA ASP A 7 -20.75 17.38 10.50
C ASP A 7 -21.41 18.22 9.42
N THR A 8 -20.72 18.42 8.30
CA THR A 8 -21.28 18.97 7.05
C THR A 8 -21.13 17.87 6.02
N GLY A 9 -22.16 17.53 5.23
CA GLY A 9 -23.46 18.16 5.15
C GLY A 9 -24.13 17.57 3.91
N GLY A 10 -25.27 18.11 3.48
CA GLY A 10 -25.86 17.68 2.21
C GLY A 10 -25.25 18.51 1.08
N ALA A 11 -25.59 18.23 -0.17
CA ALA A 11 -25.04 19.06 -1.24
C ALA A 11 -26.07 19.41 -2.32
N VAL A 12 -25.97 20.63 -2.83
CA VAL A 12 -26.70 21.01 -4.04
C VAL A 12 -25.93 20.51 -5.25
N LEU A 13 -26.62 19.81 -6.15
CA LEU A 13 -25.97 19.23 -7.33
C LEU A 13 -26.48 19.91 -8.60
N ASP A 14 -25.66 19.94 -9.64
CA ASP A 14 -26.18 20.36 -10.93
C ASP A 14 -26.93 19.19 -11.58
N GLU A 15 -27.19 19.29 -12.88
CA GLU A 15 -27.95 18.25 -13.58
C GLU A 15 -27.10 17.03 -13.91
N THR A 16 -25.79 17.20 -13.86
CA THR A 16 -24.82 16.14 -14.12
C THR A 16 -24.63 15.30 -12.86
N PHE A 17 -25.29 15.72 -11.78
CA PHE A 17 -25.14 15.15 -10.43
C PHE A 17 -23.82 15.52 -9.74
N GLU A 18 -23.04 16.40 -10.35
CA GLU A 18 -21.81 16.91 -9.74
C GLU A 18 -22.14 17.95 -8.68
N PRO A 19 -21.50 17.86 -7.50
CA PRO A 19 -21.79 18.78 -6.40
C PRO A 19 -21.28 20.17 -6.72
N ILE A 20 -22.04 21.21 -6.39
CA ILE A 20 -21.52 22.57 -6.51
C ILE A 20 -21.21 23.19 -5.14
N GLY A 21 -21.89 22.74 -4.09
CA GLY A 21 -21.67 23.26 -2.76
C GLY A 21 -22.40 22.54 -1.64
N LEU A 22 -21.79 22.57 -0.45
CA LEU A 22 -22.38 21.95 0.72
C LEU A 22 -23.42 22.86 1.37
N ILE A 23 -24.41 22.26 2.02
CA ILE A 23 -25.56 22.99 2.55
C ILE A 23 -25.50 23.18 4.08
N ALA A 24 -25.73 22.10 4.84
CA ALA A 24 -25.90 22.22 6.29
C ALA A 24 -24.73 21.71 7.13
N THR A 25 -24.34 22.49 8.14
CA THR A 25 -23.47 22.00 9.20
C THR A 25 -24.27 21.84 10.49
N VAL A 26 -24.20 20.68 11.13
CA VAL A 26 -25.01 20.42 12.31
C VAL A 26 -24.18 19.85 13.46
N ALA A 27 -24.37 20.38 14.66
CA ALA A 27 -23.78 19.80 15.87
C ALA A 27 -24.90 19.13 16.67
N VAL A 28 -24.62 17.97 17.25
CA VAL A 28 -25.65 17.24 17.97
C VAL A 28 -25.17 16.81 19.35
N LEU A 29 -26.09 16.74 20.31
CA LEU A 29 -25.78 16.14 21.60
C LEU A 29 -26.36 14.72 21.62
N VAL A 30 -25.50 13.75 21.87
CA VAL A 30 -25.91 12.36 21.84
C VAL A 30 -25.70 11.68 23.19
N GLU A 31 -26.75 11.05 23.69
CA GLU A 31 -26.63 10.24 24.91
C GLU A 31 -27.36 8.92 24.73
N LYS A 32 -27.08 8.00 25.66
CA LYS A 32 -27.74 6.71 25.75
C LYS A 32 -29.22 6.84 25.39
N PRO A 33 -29.71 5.94 24.50
CA PRO A 33 -29.00 4.80 23.93
C PRO A 33 -28.32 5.08 22.59
N TYR A 34 -27.84 6.31 22.39
CA TYR A 34 -27.03 6.67 21.21
C TYR A 34 -27.60 6.33 19.84
N ARG A 35 -28.90 6.52 19.67
CA ARG A 35 -29.55 6.29 18.38
C ARG A 35 -30.01 7.57 17.71
N SER A 36 -29.95 8.68 18.44
CA SER A 36 -30.53 9.94 17.97
C SER A 36 -29.97 11.14 18.73
N ALA A 37 -30.41 12.35 18.37
CA ALA A 37 -29.93 13.56 19.06
C ALA A 37 -30.89 14.04 20.15
N LYS A 38 -30.32 14.45 21.27
CA LYS A 38 -31.07 15.06 22.37
C LYS A 38 -31.26 16.53 22.07
N GLU A 39 -30.27 17.13 21.43
CA GLU A 39 -30.30 18.54 21.11
C GLU A 39 -29.46 18.82 19.85
N VAL A 40 -29.88 19.81 19.07
CA VAL A 40 -29.23 20.12 17.80
C VAL A 40 -28.96 21.62 17.64
N MSE A 41 -27.85 21.99 17.01
CA MSE A 41 -27.80 23.28 16.38
C MSE A 41 -27.26 23.24 14.96
O MSE A 41 -26.43 22.39 14.62
CB MSE A 41 -27.12 24.33 17.25
CG MSE A 41 -25.69 24.07 17.61
SE MSE A 41 -25.12 25.54 18.82
CE MSE A 41 -26.47 25.37 20.21
N VAL A 42 -27.78 24.16 14.14
CA VAL A 42 -27.54 24.17 12.71
C VAL A 42 -26.94 25.50 12.26
N LYS A 43 -26.10 25.44 11.22
CA LYS A 43 -25.64 26.62 10.54
C LYS A 43 -25.61 26.30 9.05
N TYR A 44 -26.40 27.01 8.25
CA TYR A 44 -26.37 26.77 6.80
C TYR A 44 -25.25 27.54 6.08
N ALA A 45 -24.64 26.92 5.10
CA ALA A 45 -23.67 27.60 4.25
C ALA A 45 -24.43 28.16 3.06
N ASN A 46 -23.75 28.93 2.21
CA ASN A 46 -24.29 29.28 0.91
C ASN A 46 -23.72 28.29 -0.09
N PRO A 47 -24.55 27.33 -0.54
CA PRO A 47 -24.08 26.27 -1.43
C PRO A 47 -23.57 26.79 -2.78
N TYR A 48 -24.14 27.89 -3.24
CA TYR A 48 -23.55 28.63 -4.34
C TYR A 48 -22.51 29.53 -3.67
N ASP A 49 -21.35 29.74 -4.30
CA ASP A 49 -20.22 30.40 -3.62
C ASP A 49 -19.76 29.62 -2.37
N TYR A 50 -19.52 28.33 -2.56
CA TYR A 50 -18.92 27.50 -1.53
C TYR A 50 -17.69 26.91 -2.18
N ASP A 51 -16.59 26.82 -1.44
CA ASP A 51 -15.40 26.20 -2.00
C ASP A 51 -15.28 24.75 -1.55
N LEU A 52 -15.62 23.83 -2.46
CA LEU A 52 -15.52 22.40 -2.18
C LEU A 52 -14.06 22.01 -2.01
N THR A 53 -13.19 22.83 -2.57
CA THR A 53 -11.76 22.71 -2.38
C THR A 53 -11.39 23.12 -0.96
N GLY A 54 -10.58 22.32 -0.29
CA GLY A 54 -10.18 22.65 1.06
C GLY A 54 -11.21 22.24 2.11
N ARG A 55 -11.08 22.82 3.30
CA ARG A 55 -11.89 22.42 4.44
C ARG A 55 -12.38 23.60 5.26
N GLN A 56 -13.31 24.37 4.69
CA GLN A 56 -14.08 25.31 5.50
C GLN A 56 -15.07 24.50 6.34
N ALA A 57 -15.35 23.28 5.89
CA ALA A 57 -16.32 22.40 6.55
C ALA A 57 -15.86 21.95 7.94
N ILE A 58 -14.61 21.54 8.08
CA ILE A 58 -14.14 21.06 9.37
C ILE A 58 -13.94 22.24 10.35
N ARG A 59 -13.68 23.41 9.80
CA ARG A 59 -13.51 24.60 10.61
C ARG A 59 -14.86 25.00 11.20
N ASP A 60 -15.91 24.97 10.38
CA ASP A 60 -17.25 25.27 10.86
C ASP A 60 -17.77 24.22 11.84
N GLU A 61 -17.34 22.97 11.66
CA GLU A 61 -17.71 21.88 12.55
C GLU A 61 -17.15 22.05 13.97
N VAL A 62 -15.84 22.25 14.08
CA VAL A 62 -15.21 22.49 15.37
C VAL A 62 -15.88 23.67 16.07
N LEU A 63 -16.07 24.74 15.29
CA LEU A 63 -16.66 25.97 15.79
C LEU A 63 -18.06 25.71 16.32
N LEU A 64 -18.87 25.04 15.53
CA LEU A 64 -20.24 24.75 15.93
C LEU A 64 -20.31 23.77 17.12
N ALA A 65 -19.42 22.79 17.16
CA ALA A 65 -19.42 21.82 18.25
C ALA A 65 -19.06 22.49 19.56
N ILE A 66 -18.03 23.33 19.51
CA ILE A 66 -17.59 24.09 20.68
C ILE A 66 -18.74 24.92 21.22
N GLU A 67 -19.47 25.58 20.33
CA GLU A 67 -20.60 26.41 20.71
C GLU A 67 -21.65 25.61 21.49
N LEU A 68 -22.06 24.46 20.95
CA LEU A 68 -23.06 23.62 21.62
C LEU A 68 -22.52 22.99 22.89
N ALA A 69 -21.22 22.67 22.90
CA ALA A 69 -20.63 22.03 24.05
C ALA A 69 -20.57 22.99 25.23
N ARG A 70 -20.36 24.27 24.95
CA ARG A 70 -20.39 25.30 26.00
C ARG A 70 -21.73 25.30 26.70
N LYS A 71 -22.78 25.08 25.92
CA LYS A 71 -24.15 25.05 26.43
C LYS A 71 -24.54 23.76 27.17
N VAL A 72 -24.30 22.60 26.56
CA VAL A 72 -24.76 21.31 27.13
C VAL A 72 -23.71 20.57 27.94
N LYS A 73 -22.45 21.00 27.82
CA LYS A 73 -21.35 20.47 28.64
C LYS A 73 -21.17 18.95 28.57
N PRO A 74 -20.87 18.41 27.37
CA PRO A 74 -20.68 16.96 27.30
C PRO A 74 -19.33 16.59 27.90
N ASP A 75 -19.05 15.30 28.02
CA ASP A 75 -17.73 14.84 28.46
C ASP A 75 -16.67 15.03 27.38
N VAL A 76 -17.08 14.99 26.11
CA VAL A 76 -16.13 15.02 25.02
C VAL A 76 -16.79 15.48 23.73
N ILE A 77 -15.98 15.99 22.81
CA ILE A 77 -16.43 16.25 21.45
C ILE A 77 -15.76 15.25 20.51
N HIS A 78 -16.56 14.55 19.69
CA HIS A 78 -16.00 13.74 18.60
C HIS A 78 -15.87 14.55 17.31
N LEU A 79 -14.66 14.58 16.77
CA LEU A 79 -14.39 15.27 15.52
C LEU A 79 -14.36 14.26 14.37
N ASP A 80 -14.98 14.62 13.23
CA ASP A 80 -15.00 13.73 12.05
C ASP A 80 -13.72 13.79 11.21
N SER A 81 -12.68 13.18 11.74
CA SER A 81 -11.39 13.11 11.06
C SER A 81 -10.75 11.84 11.62
N THR A 82 -10.36 10.93 10.77
CA THR A 82 -9.85 9.69 11.32
C THR A 82 -8.35 9.81 11.56
N LEU A 83 -8.00 10.25 12.75
CA LEU A 83 -6.61 10.46 13.09
C LEU A 83 -6.14 9.56 14.21
N GLY A 84 -6.95 8.61 14.61
CA GLY A 84 -6.59 7.80 15.74
C GLY A 84 -7.05 8.28 17.10
N GLY A 85 -7.96 9.25 17.15
CA GLY A 85 -8.52 9.69 18.40
C GLY A 85 -7.65 10.66 19.15
N ILE A 86 -6.70 11.23 18.45
CA ILE A 86 -5.86 12.24 19.03
C ILE A 86 -6.61 13.56 19.34
N GLU A 87 -6.24 14.21 20.43
CA GLU A 87 -6.88 15.46 20.83
C GLU A 87 -6.43 16.60 19.97
N LEU A 88 -7.39 17.36 19.46
CA LEU A 88 -7.10 18.51 18.60
C LEU A 88 -6.16 19.50 19.28
N ARG A 89 -6.26 19.59 20.60
CA ARG A 89 -5.39 20.39 21.46
C ARG A 89 -3.91 20.20 21.17
N LYS A 90 -3.53 18.96 20.89
CA LYS A 90 -2.14 18.58 20.78
C LYS A 90 -1.66 18.44 19.33
N LEU A 91 -2.48 18.87 18.37
CA LEU A 91 -2.14 18.74 16.96
C LEU A 91 -1.28 19.90 16.50
N ASP A 92 0.00 19.90 16.87
CA ASP A 92 0.96 20.83 16.28
C ASP A 92 1.71 20.12 15.15
N GLU A 93 2.47 20.89 14.37
CA GLU A 93 3.24 20.36 13.24
C GLU A 93 4.05 19.09 13.53
N PRO A 94 4.81 19.05 14.67
CA PRO A 94 5.58 17.84 14.96
C PRO A 94 4.71 16.59 15.13
N THR A 95 3.61 16.68 15.87
CA THR A 95 2.82 15.46 16.08
C THR A 95 2.08 15.09 14.81
N ILE A 96 1.75 16.08 13.99
CA ILE A 96 1.16 15.83 12.68
C ILE A 96 2.15 15.09 11.77
N ASP A 97 3.39 15.55 11.75
CA ASP A 97 4.43 14.95 10.92
C ASP A 97 4.81 13.55 11.38
N ALA A 98 4.20 13.10 12.48
CA ALA A 98 4.42 11.75 12.98
C ALA A 98 3.15 10.89 12.93
N LEU A 99 2.07 11.43 12.40
CA LEU A 99 0.80 10.69 12.26
C LEU A 99 0.90 9.71 11.08
N GLY A 100 0.12 8.64 11.12
CA GLY A 100 0.15 7.63 10.07
C GLY A 100 -0.83 7.87 8.93
N ILE A 101 -0.92 9.11 8.45
CA ILE A 101 -1.81 9.43 7.35
C ILE A 101 -0.98 9.78 6.13
N SER A 102 -1.63 9.95 4.99
CA SER A 102 -0.91 10.29 3.77
C SER A 102 -0.21 11.64 3.91
N ASP A 103 0.78 11.88 3.06
CA ASP A 103 1.51 13.12 3.09
C ASP A 103 0.58 14.29 2.76
N LYS A 104 -0.30 14.08 1.79
CA LYS A 104 -1.32 15.07 1.46
C LYS A 104 -2.18 15.41 2.68
N GLY A 105 -2.51 14.39 3.47
CA GLY A 105 -3.30 14.58 4.68
C GLY A 105 -2.56 15.38 5.75
N LYS A 106 -1.26 15.16 5.86
CA LYS A 106 -0.44 15.91 6.79
C LYS A 106 -0.39 17.40 6.45
N GLU A 107 -0.39 17.72 5.17
CA GLU A 107 -0.31 19.13 4.81
C GLU A 107 -1.59 19.89 5.07
N VAL A 108 -2.72 19.29 4.71
CA VAL A 108 -4.03 19.85 5.05
C VAL A 108 -4.11 20.15 6.55
N TRP A 109 -3.70 19.19 7.36
CA TRP A 109 -3.83 19.37 8.79
C TRP A 109 -2.89 20.40 9.37
N LYS A 110 -1.72 20.56 8.78
CA LYS A 110 -0.80 21.60 9.19
C LYS A 110 -1.43 22.98 9.04
N GLU A 111 -2.09 23.21 7.91
CA GLU A 111 -2.80 24.45 7.65
C GLU A 111 -3.95 24.62 8.63
N LEU A 112 -4.76 23.57 8.75
CA LEU A 112 -5.89 23.54 9.67
C LEU A 112 -5.47 23.84 11.12
N SER A 113 -4.38 23.23 11.56
CA SER A 113 -4.02 23.29 12.96
C SER A 113 -3.54 24.67 13.37
N LYS A 114 -3.12 25.48 12.40
CA LYS A 114 -2.62 26.82 12.68
C LYS A 114 -3.61 27.64 13.52
N ASP A 115 -4.90 27.52 13.23
CA ASP A 115 -5.92 28.14 14.06
C ASP A 115 -6.76 27.14 14.89
N LEU A 116 -6.96 25.93 14.39
CA LEU A 116 -7.80 24.96 15.10
C LEU A 116 -7.15 24.48 16.38
N GLN A 117 -5.84 24.36 16.40
CA GLN A 117 -5.17 23.87 17.59
C GLN A 117 -5.17 24.87 18.78
N PRO A 118 -4.89 26.17 18.53
CA PRO A 118 -5.06 27.15 19.60
C PRO A 118 -6.50 27.20 20.06
N LEU A 119 -7.44 27.05 19.12
CA LEU A 119 -8.86 27.08 19.43
C LEU A 119 -9.25 25.97 20.40
N ALA A 120 -8.83 24.74 20.09
CA ALA A 120 -9.15 23.61 20.94
C ALA A 120 -8.48 23.74 22.30
N ARG A 121 -7.27 24.26 22.32
CA ARG A 121 -6.53 24.48 23.55
C ARG A 121 -7.14 25.49 24.48
N LYS A 122 -7.57 26.61 23.95
CA LYS A 122 -8.30 27.62 24.70
C LYS A 122 -9.58 27.03 25.28
N PHE A 123 -10.38 26.42 24.42
CA PHE A 123 -11.61 25.77 24.83
C PHE A 123 -11.40 24.70 25.93
N TRP A 124 -10.36 23.90 25.80
CA TRP A 124 -10.08 22.89 26.80
C TRP A 124 -9.71 23.58 28.11
N GLU A 125 -8.87 24.61 28.04
CA GLU A 125 -8.38 25.28 29.26
C GLU A 125 -9.51 25.81 30.11
N GLU A 126 -10.61 26.18 29.49
CA GLU A 126 -11.70 26.74 30.27
C GLU A 126 -12.90 25.83 30.44
N THR A 127 -12.80 24.60 29.95
CA THR A 127 -13.93 23.67 29.99
C THR A 127 -13.52 22.25 30.35
N ASN A 128 -12.23 21.94 30.14
CA ASN A 128 -11.73 20.58 30.27
C ASN A 128 -12.36 19.54 29.31
N ILE A 129 -13.00 20.00 28.24
CA ILE A 129 -13.57 19.10 27.24
C ILE A 129 -12.58 18.93 26.08
N GLU A 130 -12.18 17.69 25.81
CA GLU A 130 -11.30 17.41 24.67
C GLU A 130 -12.08 17.39 23.34
N ILE A 131 -11.39 17.65 22.24
CA ILE A 131 -11.96 17.42 20.91
C ILE A 131 -11.13 16.28 20.30
N VAL A 132 -11.73 15.09 20.15
CA VAL A 132 -10.96 13.93 19.68
C VAL A 132 -11.20 13.63 18.20
N ALA A 133 -10.11 13.53 17.44
CA ALA A 133 -10.22 13.18 16.02
C ALA A 133 -10.44 11.68 15.92
N ILE A 134 -11.66 11.24 16.13
CA ILE A 134 -11.93 9.82 16.17
C ILE A 134 -12.49 9.36 14.82
N GLY A 135 -13.37 10.17 14.23
CA GLY A 135 -13.85 9.92 12.87
C GLY A 135 -14.83 8.79 12.68
N LYS A 136 -14.48 7.90 11.74
CA LYS A 136 -15.36 6.81 11.27
C LYS A 136 -15.99 5.92 12.35
N SER A 137 -15.25 5.55 13.39
CA SER A 137 -15.81 4.69 14.43
C SER A 137 -16.83 5.37 15.37
N SER A 138 -17.04 6.67 15.21
CA SER A 138 -17.91 7.38 16.15
C SER A 138 -19.37 7.35 15.73
N VAL A 139 -20.25 6.83 16.59
CA VAL A 139 -21.67 6.85 16.28
C VAL A 139 -22.22 8.28 16.28
N PRO A 140 -21.90 9.08 17.33
CA PRO A 140 -22.35 10.48 17.29
C PRO A 140 -21.97 11.26 16.04
N VAL A 141 -20.81 10.98 15.45
CA VAL A 141 -20.43 11.64 14.20
C VAL A 141 -21.39 11.23 13.08
N ARG A 142 -21.71 9.94 13.01
CA ARG A 142 -22.67 9.44 12.03
C ARG A 142 -24.06 10.00 12.29
N ILE A 143 -24.42 10.23 13.55
CA ILE A 143 -25.72 10.83 13.85
C ILE A 143 -25.75 12.31 13.42
N ALA A 144 -24.63 13.00 13.58
CA ALA A 144 -24.54 14.39 13.11
C ALA A 144 -24.70 14.41 11.60
N GLU A 145 -24.15 13.44 10.91
CA GLU A 145 -24.23 13.36 9.46
C GLU A 145 -25.65 13.06 8.96
N ILE A 146 -26.42 12.31 9.71
CA ILE A 146 -27.80 12.08 9.38
C ILE A 146 -28.57 13.38 9.56
N TYR A 147 -28.28 14.10 10.63
CA TYR A 147 -28.91 15.42 10.84
C TYR A 147 -28.57 16.43 9.77
N ALA A 148 -27.33 16.43 9.29
CA ALA A 148 -26.94 17.34 8.22
C ALA A 148 -27.73 17.02 6.96
N GLY A 149 -27.99 15.74 6.74
CA GLY A 149 -28.86 15.32 5.66
C GLY A 149 -30.26 15.81 5.86
N ILE A 150 -30.83 15.59 7.04
CA ILE A 150 -32.18 16.04 7.37
C ILE A 150 -32.35 17.55 7.19
N TYR A 151 -31.39 18.33 7.68
CA TYR A 151 -31.48 19.79 7.57
C TYR A 151 -31.14 20.32 6.18
N SER A 152 -30.45 19.53 5.38
CA SER A 152 -30.26 19.89 3.98
C SER A 152 -31.58 19.71 3.25
N ALA A 153 -32.33 18.69 3.63
CA ALA A 153 -33.66 18.49 3.06
C ALA A 153 -34.56 19.66 3.46
N LYS A 154 -34.61 19.98 4.75
CA LYS A 154 -35.32 21.15 5.24
C LYS A 154 -34.93 22.39 4.43
N TRP A 155 -33.64 22.64 4.31
CA TRP A 155 -33.15 23.79 3.57
C TRP A 155 -33.67 23.78 2.13
N GLY A 156 -33.98 22.60 1.61
CA GLY A 156 -34.44 22.47 0.26
C GLY A 156 -35.93 22.74 0.09
N ILE A 157 -36.72 22.29 1.03
CA ILE A 157 -38.12 22.55 1.03
C ILE A 157 -38.36 24.06 1.13
N GLU A 158 -37.55 24.73 1.92
CA GLU A 158 -37.69 26.14 2.15
C GLU A 158 -36.94 27.07 1.21
N ASN A 159 -36.08 26.56 0.35
CA ASN A 159 -35.46 27.39 -0.65
C ASN A 159 -35.87 27.05 -2.06
N VAL A 160 -36.92 26.26 -2.21
CA VAL A 160 -37.31 25.78 -3.53
C VAL A 160 -38.21 26.74 -4.29
N GLU A 161 -38.74 27.73 -3.62
CA GLU A 161 -39.34 28.86 -4.30
C GLU A 161 -38.32 29.77 -4.99
N LYS A 162 -37.25 30.13 -4.29
CA LYS A 162 -36.29 31.06 -4.87
C LYS A 162 -35.64 30.48 -6.09
N GLU A 163 -35.23 29.23 -5.99
CA GLU A 163 -34.55 28.55 -7.07
C GLU A 163 -35.65 27.70 -7.52
N GLY A 164 -35.81 27.56 -8.81
CA GLY A 164 -36.95 26.84 -9.33
C GLY A 164 -36.97 25.36 -9.03
N HIS A 165 -35.80 24.78 -9.15
CA HIS A 165 -35.62 23.37 -9.05
C HIS A 165 -34.39 23.07 -8.23
N LEU A 166 -34.51 22.09 -7.36
CA LEU A 166 -33.43 21.78 -6.43
C LEU A 166 -33.11 20.28 -6.47
N ILE A 167 -31.85 19.97 -6.70
CA ILE A 167 -31.38 18.58 -6.63
C ILE A 167 -30.38 18.48 -5.47
N ILE A 168 -30.73 17.69 -4.45
CA ILE A 168 -29.88 17.59 -3.27
C ILE A 168 -29.28 16.19 -3.03
N GLY A 169 -27.98 16.12 -2.98
CA GLY A 169 -27.33 14.88 -2.65
C GLY A 169 -27.16 14.66 -1.16
N LEU A 170 -27.94 13.73 -0.68
CA LEU A 170 -27.94 13.34 0.70
C LEU A 170 -26.65 12.64 1.11
N PRO A 171 -26.32 12.78 2.47
CA PRO A 171 -25.14 11.99 2.86
C PRO A 171 -25.34 10.48 2.71
N ARG A 172 -24.26 9.75 2.73
CA ARG A 172 -24.30 8.32 2.47
C ARG A 172 -25.28 7.45 3.25
N TYR A 173 -25.95 6.65 2.46
CA TYR A 173 -26.94 5.68 2.84
C TYR A 173 -27.92 6.07 3.91
N MSE A 174 -28.68 7.07 3.58
CA MSE A 174 -29.69 7.63 4.44
C MSE A 174 -30.87 8.09 3.66
O MSE A 174 -30.75 8.57 2.56
CB MSE A 174 -29.07 8.74 5.28
CG MSE A 174 -28.96 10.03 4.51
SE MSE A 174 -29.35 11.44 5.77
CE MSE A 174 -31.27 11.60 5.88
N GLU A 175 -32.04 7.90 4.21
CA GLU A 175 -33.26 8.33 3.56
C GLU A 175 -33.91 9.41 4.40
N VAL A 176 -34.83 10.12 3.78
CA VAL A 176 -35.58 11.18 4.43
C VAL A 176 -37.06 10.98 4.05
N ASN A 177 -37.95 11.12 5.03
CA ASN A 177 -39.39 11.06 4.77
C ASN A 177 -40.10 12.24 5.43
N ILE A 178 -41.06 12.84 4.74
CA ILE A 178 -41.81 13.93 5.30
C ILE A 178 -43.28 13.59 5.46
N LYS A 179 -43.76 13.62 6.68
CA LYS A 179 -45.16 13.43 6.92
C LYS A 179 -45.61 14.49 7.89
N ASP A 180 -46.65 15.23 7.55
CA ASP A 180 -47.31 16.11 8.50
C ASP A 180 -46.41 17.15 9.21
N GLY A 181 -45.57 17.83 8.47
CA GLY A 181 -44.73 18.85 9.05
C GLY A 181 -43.44 18.38 9.69
N LYS A 182 -43.15 17.10 9.57
CA LYS A 182 -41.96 16.54 10.18
C LYS A 182 -41.09 15.88 9.15
N ILE A 183 -39.80 16.15 9.16
CA ILE A 183 -38.88 15.35 8.38
C ILE A 183 -38.24 14.35 9.33
N ILE A 184 -38.33 13.06 8.98
CA ILE A 184 -37.60 12.03 9.69
C ILE A 184 -36.46 11.54 8.81
N GLY A 185 -35.27 11.42 9.38
CA GLY A 185 -34.13 10.88 8.65
C GLY A 185 -33.63 9.61 9.29
N ARG A 186 -33.26 8.64 8.47
CA ARG A 186 -32.80 7.33 8.91
C ARG A 186 -31.58 6.93 8.19
N SER A 187 -30.66 6.25 8.85
CA SER A 187 -29.65 5.45 8.16
C SER A 187 -30.34 4.30 7.45
N LEU A 188 -29.85 3.95 6.26
CA LEU A 188 -30.36 2.80 5.55
C LEU A 188 -29.62 1.55 5.97
N ASP A 189 -28.53 1.71 6.71
CA ASP A 189 -27.70 0.58 7.09
C ASP A 189 -28.14 0.03 8.44
N PRO A 190 -28.85 -1.12 8.44
CA PRO A 190 -29.35 -1.75 9.67
C PRO A 190 -28.22 -2.15 10.61
N ARG A 191 -27.01 -2.27 10.06
CA ARG A 191 -25.86 -2.66 10.87
C ARG A 191 -25.48 -1.58 11.87
N GLU A 192 -25.93 -0.35 11.62
CA GLU A 192 -25.59 0.78 12.45
C GLU A 192 -26.43 0.80 13.73
N GLY A 193 -27.53 0.05 13.75
CA GLY A 193 -28.27 -0.17 14.98
C GLY A 193 -29.49 0.74 15.13
N GLY A 194 -30.01 1.24 14.01
CA GLY A 194 -31.22 2.06 14.03
C GLY A 194 -31.01 3.55 14.29
N LEU A 195 -29.98 4.16 13.69
CA LEU A 195 -29.79 5.60 13.87
C LEU A 195 -30.84 6.42 13.08
N TYR A 196 -31.33 7.49 13.71
CA TYR A 196 -32.43 8.28 13.15
C TYR A 196 -32.42 9.67 13.76
N GLY A 197 -33.26 10.55 13.22
CA GLY A 197 -33.34 11.90 13.74
C GLY A 197 -34.51 12.59 13.09
N SER A 198 -34.81 13.81 13.52
CA SER A 198 -36.06 14.46 13.19
C SER A 198 -35.90 15.98 13.14
N ALA A 199 -36.73 16.64 12.36
CA ALA A 199 -36.80 18.10 12.34
C ALA A 199 -38.19 18.54 11.89
N GLU A 200 -38.61 19.72 12.31
CA GLU A 200 -39.88 20.25 11.82
C GLU A 200 -39.65 20.92 10.47
N VAL A 201 -40.63 20.87 9.58
CA VAL A 201 -40.53 21.57 8.31
C VAL A 201 -41.91 22.08 7.90
N SER A 202 -41.92 23.22 7.24
CA SER A 202 -43.14 23.79 6.75
C SER A 202 -43.07 23.70 5.26
N VAL A 203 -43.90 22.87 4.68
CA VAL A 203 -43.82 22.61 3.25
C VAL A 203 -44.65 23.58 2.46
N PRO A 204 -44.04 24.41 1.63
CA PRO A 204 -44.85 25.43 0.95
C PRO A 204 -45.90 24.78 0.04
N GLU A 205 -47.02 25.47 -0.15
CA GLU A 205 -48.12 24.93 -0.97
C GLU A 205 -47.66 24.52 -2.37
N GLY A 206 -48.06 23.33 -2.80
CA GLY A 206 -47.75 22.85 -4.13
C GLY A 206 -46.29 22.57 -4.46
N VAL A 207 -45.46 22.28 -3.46
CA VAL A 207 -44.13 21.76 -3.77
C VAL A 207 -44.07 20.25 -3.65
N LYS A 208 -43.29 19.63 -4.52
CA LYS A 208 -43.20 18.18 -4.60
C LYS A 208 -41.77 17.73 -4.33
N TRP A 209 -41.61 16.55 -3.75
CA TRP A 209 -40.28 16.00 -3.54
C TRP A 209 -40.23 14.50 -3.84
N GLU A 210 -39.06 14.03 -4.25
CA GLU A 210 -38.86 12.60 -4.53
C GLU A 210 -37.49 12.20 -4.01
N ILE A 211 -37.38 10.96 -3.51
CA ILE A 211 -36.08 10.41 -3.13
C ILE A 211 -35.73 9.14 -3.94
N TYR A 212 -34.51 9.09 -4.48
CA TYR A 212 -34.11 7.97 -5.33
C TYR A 212 -32.58 7.86 -5.37
N PRO A 213 -32.05 6.70 -5.77
CA PRO A 213 -30.59 6.54 -5.86
C PRO A 213 -29.89 7.47 -6.85
N ASN A 214 -28.74 7.99 -6.44
CA ASN A 214 -27.90 8.79 -7.33
C ASN A 214 -27.17 7.81 -8.23
N PRO A 215 -27.44 7.89 -9.55
CA PRO A 215 -27.02 6.83 -10.48
C PRO A 215 -25.51 6.78 -10.63
N VAL A 216 -24.87 7.86 -10.29
CA VAL A 216 -23.47 7.98 -10.45
C VAL A 216 -22.69 7.92 -9.12
N ALA A 217 -23.41 7.74 -8.03
CA ALA A 217 -22.85 7.58 -6.68
C ALA A 217 -23.56 6.53 -5.85
N ARG A 218 -23.17 5.28 -5.97
CA ARG A 218 -23.86 4.18 -5.32
C ARG A 218 -23.91 4.26 -3.82
N ARG A 219 -25.09 4.06 -3.30
CA ARG A 219 -25.38 4.16 -1.88
C ARG A 219 -25.65 5.57 -1.41
N PHE A 220 -25.66 6.51 -2.32
CA PHE A 220 -26.08 7.87 -1.99
C PHE A 220 -27.41 8.18 -2.64
N MSE A 221 -28.34 8.76 -1.90
CA MSE A 221 -29.61 9.15 -2.45
C MSE A 221 -29.67 10.58 -2.98
O MSE A 221 -28.84 11.41 -2.62
CB MSE A 221 -30.70 8.96 -1.44
CG MSE A 221 -30.72 7.56 -0.88
SE MSE A 221 -30.90 6.12 -2.20
CE MSE A 221 -29.15 5.26 -2.05
N ILE A 222 -30.65 10.85 -3.84
CA ILE A 222 -30.98 12.18 -4.27
C ILE A 222 -32.29 12.58 -3.61
N PHE A 223 -32.36 13.80 -3.09
CA PHE A 223 -33.62 14.42 -2.68
C PHE A 223 -33.95 15.52 -3.69
N GLU A 224 -34.96 15.29 -4.52
CA GLU A 224 -35.28 16.20 -5.63
C GLU A 224 -36.57 16.93 -5.30
N ILE A 225 -36.55 18.25 -5.47
CA ILE A 225 -37.64 19.12 -5.04
C ILE A 225 -38.12 19.96 -6.21
N PHE A 226 -39.44 20.07 -6.39
CA PHE A 226 -40.03 20.93 -7.42
C PHE A 226 -40.94 21.96 -6.79
N SER A 227 -41.03 23.14 -7.41
CA SER A 227 -41.96 24.17 -6.96
C SER A 227 -43.19 24.23 -7.84
N SER B 1 -31.54 11.96 -17.14
CA SER B 1 -30.38 11.17 -17.57
C SER B 1 -30.75 9.70 -17.87
N ARG B 2 -30.31 9.19 -19.02
CA ARG B 2 -30.65 7.83 -19.45
C ARG B 2 -29.36 7.08 -19.74
N ILE B 3 -29.16 5.96 -19.04
CA ILE B 3 -27.90 5.26 -19.04
C ILE B 3 -28.05 3.79 -19.42
N VAL B 4 -27.17 3.30 -20.28
CA VAL B 4 -27.09 1.87 -20.55
C VAL B 4 -25.86 1.30 -19.84
N ALA B 5 -25.98 0.09 -19.29
CA ALA B 5 -24.85 -0.56 -18.62
C ALA B 5 -24.94 -2.06 -18.81
N ALA B 6 -23.81 -2.75 -18.82
CA ALA B 6 -23.85 -4.21 -18.98
C ALA B 6 -23.03 -4.97 -17.94
N ASP B 7 -23.38 -6.23 -17.70
CA ASP B 7 -22.60 -7.05 -16.77
C ASP B 7 -22.84 -8.56 -16.90
N THR B 8 -21.77 -9.34 -16.71
CA THR B 8 -21.84 -10.80 -16.54
C THR B 8 -21.37 -11.09 -15.13
N GLY B 9 -22.04 -11.95 -14.36
CA GLY B 9 -23.15 -12.79 -14.74
C GLY B 9 -23.30 -13.76 -13.58
N GLY B 10 -24.19 -14.73 -13.64
CA GLY B 10 -24.22 -15.74 -12.57
C GLY B 10 -23.26 -16.86 -12.92
N ALA B 11 -23.01 -17.78 -11.99
CA ALA B 11 -22.06 -18.85 -12.29
C ALA B 11 -22.63 -20.22 -12.02
N VAL B 12 -22.32 -21.19 -12.89
CA VAL B 12 -22.55 -22.60 -12.56
C VAL B 12 -21.41 -23.06 -11.67
N LEU B 13 -21.75 -23.70 -10.55
CA LEU B 13 -20.73 -24.15 -9.60
C LEU B 13 -20.70 -25.68 -9.52
N ASP B 14 -19.56 -26.25 -9.17
CA ASP B 14 -19.55 -27.69 -8.89
C ASP B 14 -20.01 -27.94 -7.45
N GLU B 15 -19.76 -29.15 -6.95
CA GLU B 15 -20.16 -29.52 -5.59
C GLU B 15 -19.32 -28.84 -4.49
N THR B 16 -18.10 -28.45 -4.84
CA THR B 16 -17.18 -27.76 -3.94
C THR B 16 -17.50 -26.25 -3.87
N PHE B 17 -18.54 -25.85 -4.62
CA PHE B 17 -18.92 -24.45 -4.80
C PHE B 17 -17.90 -23.62 -5.58
N GLU B 18 -16.97 -24.28 -6.27
CA GLU B 18 -16.03 -23.56 -7.13
C GLU B 18 -16.71 -23.34 -8.48
N PRO B 19 -16.59 -22.12 -9.02
CA PRO B 19 -17.24 -21.80 -10.31
C PRO B 19 -16.59 -22.58 -11.43
N ILE B 20 -17.38 -23.07 -12.37
CA ILE B 20 -16.78 -23.65 -13.57
C ILE B 20 -16.97 -22.74 -14.79
N GLY B 21 -18.00 -21.90 -14.76
CA GLY B 21 -18.22 -20.94 -15.84
C GLY B 21 -19.37 -19.97 -15.61
N LEU B 22 -19.24 -18.77 -16.16
CA LEU B 22 -20.27 -17.73 -16.07
C LEU B 22 -21.46 -18.01 -17.02
N ILE B 23 -22.62 -17.44 -16.69
CA ILE B 23 -23.85 -17.78 -17.39
C ILE B 23 -24.44 -16.65 -18.26
N ALA B 24 -24.88 -15.56 -17.65
CA ALA B 24 -25.62 -14.53 -18.42
C ALA B 24 -24.88 -13.21 -18.50
N THR B 25 -24.89 -12.60 -19.69
CA THR B 25 -24.49 -11.21 -19.82
C THR B 25 -25.75 -10.41 -20.12
N VAL B 26 -25.99 -9.34 -19.37
CA VAL B 26 -27.19 -8.54 -19.57
C VAL B 26 -26.85 -7.07 -19.72
N ALA B 27 -27.49 -6.39 -20.68
CA ALA B 27 -27.40 -4.94 -20.81
C ALA B 27 -28.76 -4.33 -20.46
N VAL B 28 -28.77 -3.25 -19.69
CA VAL B 28 -30.03 -2.68 -19.23
C VAL B 28 -30.09 -1.20 -19.57
N LEU B 29 -31.29 -0.69 -19.81
CA LEU B 29 -31.46 0.75 -19.92
C LEU B 29 -32.06 1.23 -18.60
N VAL B 30 -31.45 2.23 -18.02
CA VAL B 30 -31.90 2.73 -16.73
C VAL B 30 -32.21 4.21 -16.78
N GLU B 31 -33.38 4.58 -16.29
CA GLU B 31 -33.70 6.00 -16.13
C GLU B 31 -34.38 6.24 -14.78
N LYS B 32 -34.59 7.50 -14.45
CA LYS B 32 -35.22 7.91 -13.21
C LYS B 32 -36.46 7.06 -12.93
N PRO B 33 -36.62 6.57 -11.69
CA PRO B 33 -35.79 6.88 -10.53
C PRO B 33 -34.61 5.94 -10.28
N TYR B 34 -34.08 5.31 -11.33
CA TYR B 34 -32.84 4.49 -11.22
C TYR B 34 -32.89 3.36 -10.21
N ARG B 35 -34.02 2.67 -10.12
CA ARG B 35 -34.11 1.50 -9.25
C ARG B 35 -34.19 0.19 -10.02
N SER B 36 -34.49 0.28 -11.32
CA SER B 36 -34.68 -0.92 -12.14
C SER B 36 -34.41 -0.66 -13.62
N ALA B 37 -34.67 -1.64 -14.47
CA ALA B 37 -34.47 -1.48 -15.91
C ALA B 37 -35.76 -1.09 -16.66
N LYS B 38 -35.64 -0.16 -17.59
CA LYS B 38 -36.74 0.11 -18.52
C LYS B 38 -36.75 -0.94 -19.63
N GLU B 39 -35.56 -1.37 -20.05
CA GLU B 39 -35.45 -2.34 -21.13
C GLU B 39 -34.18 -3.16 -20.97
N VAL B 40 -34.18 -4.40 -21.44
CA VAL B 40 -33.10 -5.34 -21.19
C VAL B 40 -32.75 -6.15 -22.45
N MSE B 41 -31.46 -6.44 -22.67
CA MSE B 41 -31.14 -7.56 -23.54
C MSE B 41 -30.08 -8.52 -22.99
O MSE B 41 -29.19 -8.13 -22.22
CB MSE B 41 -30.88 -7.14 -25.00
CG MSE B 41 -29.64 -6.36 -25.25
SE MSE B 41 -29.65 -5.78 -27.12
CE MSE B 41 -31.46 -5.06 -27.27
N VAL B 42 -30.24 -9.79 -23.36
CA VAL B 42 -29.53 -10.91 -22.74
C VAL B 42 -28.75 -11.74 -23.75
N LYS B 43 -27.54 -12.14 -23.38
CA LYS B 43 -26.77 -13.11 -24.13
C LYS B 43 -26.26 -14.17 -23.17
N TYR B 44 -26.62 -15.43 -23.37
CA TYR B 44 -26.11 -16.50 -22.52
C TYR B 44 -24.78 -17.01 -23.06
N ALA B 45 -23.86 -17.34 -22.15
CA ALA B 45 -22.62 -17.97 -22.56
C ALA B 45 -22.84 -19.46 -22.35
N ASN B 46 -21.89 -20.28 -22.79
CA ASN B 46 -21.88 -21.67 -22.41
C ASN B 46 -21.00 -21.82 -21.16
N PRO B 47 -21.64 -22.01 -20.01
CA PRO B 47 -20.90 -22.08 -18.73
C PRO B 47 -19.93 -23.26 -18.67
N TYR B 48 -20.24 -24.34 -19.39
CA TYR B 48 -19.29 -25.41 -19.59
C TYR B 48 -18.50 -24.99 -20.82
N ASP B 49 -17.18 -25.21 -20.86
CA ASP B 49 -16.36 -24.59 -21.90
C ASP B 49 -16.48 -23.06 -21.87
N TYR B 50 -15.97 -22.48 -20.78
CA TYR B 50 -15.93 -21.05 -20.60
C TYR B 50 -14.58 -20.79 -19.96
N ASP B 51 -13.87 -19.77 -20.41
CA ASP B 51 -12.57 -19.48 -19.82
C ASP B 51 -12.72 -18.40 -18.73
N LEU B 52 -12.71 -18.83 -17.46
CA LEU B 52 -12.87 -17.94 -16.31
C LEU B 52 -11.67 -17.03 -16.20
N THR B 53 -10.55 -17.54 -16.69
CA THR B 53 -9.32 -16.77 -16.86
C THR B 53 -9.50 -15.77 -17.99
N GLY B 54 -8.95 -14.57 -17.83
CA GLY B 54 -9.09 -13.56 -18.86
C GLY B 54 -10.41 -12.81 -18.75
N ARG B 55 -10.78 -12.16 -19.85
CA ARG B 55 -11.93 -11.26 -19.84
C ARG B 55 -12.69 -11.30 -21.15
N GLN B 56 -13.27 -12.45 -21.47
CA GLN B 56 -14.23 -12.51 -22.56
C GLN B 56 -15.49 -11.80 -22.07
N ALA B 57 -15.63 -11.71 -20.76
CA ALA B 57 -16.83 -11.14 -20.15
C ALA B 57 -16.97 -9.65 -20.39
N ILE B 58 -15.88 -8.89 -20.30
CA ILE B 58 -15.96 -7.45 -20.46
C ILE B 58 -16.09 -7.10 -21.95
N ARG B 59 -15.56 -7.99 -22.78
CA ARG B 59 -15.66 -7.88 -24.21
C ARG B 59 -17.11 -8.10 -24.62
N ASP B 60 -17.77 -9.07 -23.99
CA ASP B 60 -19.18 -9.32 -24.28
C ASP B 60 -20.10 -8.18 -23.83
N GLU B 61 -19.79 -7.60 -22.67
CA GLU B 61 -20.53 -6.48 -22.11
C GLU B 61 -20.48 -5.22 -22.98
N VAL B 62 -19.28 -4.87 -23.42
CA VAL B 62 -19.12 -3.73 -24.30
C VAL B 62 -19.93 -3.98 -25.55
N LEU B 63 -19.86 -5.22 -26.05
CA LEU B 63 -20.52 -5.57 -27.28
C LEU B 63 -22.02 -5.50 -27.11
N LEU B 64 -22.52 -6.03 -26.01
CA LEU B 64 -23.97 -6.01 -25.77
C LEU B 64 -24.47 -4.60 -25.49
N ALA B 65 -23.73 -3.82 -24.70
CA ALA B 65 -24.19 -2.47 -24.34
C ALA B 65 -24.32 -1.62 -25.60
N ILE B 66 -23.32 -1.71 -26.46
CA ILE B 66 -23.33 -1.01 -27.74
C ILE B 66 -24.54 -1.37 -28.58
N GLU B 67 -24.87 -2.66 -28.60
CA GLU B 67 -26.05 -3.11 -29.34
C GLU B 67 -27.31 -2.48 -28.80
N LEU B 68 -27.52 -2.55 -27.49
CA LEU B 68 -28.71 -1.93 -26.89
C LEU B 68 -28.73 -0.40 -27.01
N ALA B 69 -27.54 0.21 -27.03
CA ALA B 69 -27.48 1.66 -27.01
C ALA B 69 -27.85 2.22 -28.39
N ARG B 70 -27.57 1.46 -29.44
CA ARG B 70 -28.00 1.84 -30.78
C ARG B 70 -29.51 1.86 -30.86
N LYS B 71 -30.15 0.94 -30.14
CA LYS B 71 -31.60 0.89 -30.13
C LYS B 71 -32.25 2.02 -29.30
N VAL B 72 -31.85 2.16 -28.03
CA VAL B 72 -32.55 3.10 -27.13
C VAL B 72 -31.91 4.49 -27.01
N LYS B 73 -30.69 4.64 -27.54
CA LYS B 73 -30.01 5.94 -27.60
C LYS B 73 -29.83 6.64 -26.26
N PRO B 74 -29.14 6.00 -25.31
CA PRO B 74 -28.98 6.65 -24.01
C PRO B 74 -27.99 7.79 -24.18
N ASP B 75 -27.81 8.59 -23.14
CA ASP B 75 -26.80 9.64 -23.13
C ASP B 75 -25.39 9.07 -22.97
N VAL B 76 -25.28 7.91 -22.32
CA VAL B 76 -23.96 7.40 -21.91
C VAL B 76 -24.02 5.90 -21.66
N ILE B 77 -22.90 5.23 -21.84
CA ILE B 77 -22.78 3.85 -21.36
C ILE B 77 -21.86 3.80 -20.14
N HIS B 78 -22.29 3.10 -19.09
CA HIS B 78 -21.43 2.82 -17.95
C HIS B 78 -20.83 1.45 -18.10
N LEU B 79 -19.52 1.37 -18.00
CA LEU B 79 -18.80 0.12 -18.11
C LEU B 79 -18.35 -0.31 -16.71
N ASP B 80 -18.49 -1.61 -16.38
CA ASP B 80 -18.09 -2.10 -15.06
C ASP B 80 -16.60 -2.35 -14.97
N SER B 81 -15.86 -1.28 -14.80
CA SER B 81 -14.41 -1.35 -14.71
C SER B 81 -14.01 -0.07 -14.02
N THR B 82 -13.42 -0.18 -12.84
CA THR B 82 -13.12 1.02 -12.10
C THR B 82 -11.72 1.52 -12.45
N LEU B 83 -11.74 2.57 -13.25
CA LEU B 83 -10.60 3.30 -13.74
C LEU B 83 -11.36 4.51 -13.44
N GLY B 84 -10.80 5.70 -13.52
CA GLY B 84 -11.48 6.86 -13.01
C GLY B 84 -12.47 7.57 -13.91
N GLY B 85 -13.48 6.89 -14.37
CA GLY B 85 -14.50 7.48 -15.21
C GLY B 85 -14.07 7.77 -16.63
N ILE B 86 -12.92 7.25 -17.01
CA ILE B 86 -12.35 7.50 -18.31
C ILE B 86 -13.11 6.86 -19.48
N GLU B 87 -13.18 7.58 -20.59
CA GLU B 87 -13.85 7.08 -21.78
C GLU B 87 -13.02 6.00 -22.43
N LEU B 88 -13.68 4.89 -22.76
CA LEU B 88 -13.04 3.77 -23.46
C LEU B 88 -12.43 4.18 -24.80
N ARG B 89 -13.02 5.21 -25.40
CA ARG B 89 -12.52 5.82 -26.63
C ARG B 89 -11.04 6.13 -26.56
N LYS B 90 -10.62 6.65 -25.41
CA LYS B 90 -9.29 7.20 -25.26
C LYS B 90 -8.30 6.24 -24.58
N LEU B 91 -8.69 4.98 -24.39
CA LEU B 91 -7.81 4.01 -23.74
C LEU B 91 -6.78 3.38 -24.67
N ASP B 92 -5.80 4.16 -25.11
CA ASP B 92 -4.65 3.57 -25.81
C ASP B 92 -3.55 3.18 -24.81
N GLU B 93 -2.54 2.44 -25.27
CA GLU B 93 -1.42 2.04 -24.40
C GLU B 93 -0.83 3.17 -23.55
N PRO B 94 -0.54 4.35 -24.16
CA PRO B 94 0.06 5.41 -23.35
C PRO B 94 -0.84 5.91 -22.22
N THR B 95 -2.13 6.13 -22.47
CA THR B 95 -2.97 6.63 -21.38
C THR B 95 -3.17 5.54 -20.32
N ILE B 96 -3.20 4.29 -20.75
CA ILE B 96 -3.30 3.17 -19.82
C ILE B 96 -2.09 3.11 -18.88
N ASP B 97 -0.91 3.30 -19.46
CA ASP B 97 0.34 3.24 -18.71
C ASP B 97 0.49 4.37 -17.69
N ALA B 98 -0.41 5.37 -17.76
CA ALA B 98 -0.46 6.44 -16.75
C ALA B 98 -1.68 6.36 -15.83
N LEU B 99 -2.38 5.23 -15.85
CA LEU B 99 -3.55 5.02 -14.98
C LEU B 99 -3.09 4.61 -13.57
N GLY B 100 -3.94 4.88 -12.58
CA GLY B 100 -3.63 4.54 -11.20
C GLY B 100 -4.17 3.17 -10.79
N ILE B 101 -3.81 2.14 -11.54
CA ILE B 101 -4.19 0.78 -11.20
C ILE B 101 -2.93 -0.06 -11.16
N SER B 102 -3.05 -1.29 -10.68
CA SER B 102 -1.91 -2.19 -10.54
C SER B 102 -1.30 -2.45 -11.90
N ASP B 103 -0.02 -2.84 -11.91
CA ASP B 103 0.65 -3.18 -13.15
C ASP B 103 -0.04 -4.35 -13.84
N LYS B 104 -0.57 -5.30 -13.07
CA LYS B 104 -1.30 -6.41 -13.65
C LYS B 104 -2.55 -5.90 -14.36
N GLY B 105 -3.21 -4.91 -13.78
CA GLY B 105 -4.39 -4.29 -14.36
C GLY B 105 -4.09 -3.61 -15.70
N LYS B 106 -2.97 -2.89 -15.72
CA LYS B 106 -2.52 -2.23 -16.93
C LYS B 106 -2.28 -3.22 -18.06
N GLU B 107 -1.81 -4.42 -17.73
CA GLU B 107 -1.54 -5.38 -18.78
C GLU B 107 -2.80 -5.99 -19.39
N VAL B 108 -3.75 -6.33 -18.52
CA VAL B 108 -5.08 -6.74 -18.95
C VAL B 108 -5.67 -5.68 -19.89
N TRP B 109 -5.62 -4.43 -19.50
CA TRP B 109 -6.23 -3.40 -20.30
C TRP B 109 -5.59 -3.14 -21.64
N LYS B 110 -4.25 -3.21 -21.70
CA LYS B 110 -3.54 -3.08 -22.97
C LYS B 110 -3.99 -4.11 -23.98
N GLU B 111 -4.16 -5.34 -23.50
CA GLU B 111 -4.65 -6.42 -24.34
C GLU B 111 -6.09 -6.14 -24.76
N LEU B 112 -6.94 -5.83 -23.78
CA LEU B 112 -8.33 -5.48 -24.02
C LEU B 112 -8.49 -4.32 -24.99
N SER B 113 -7.64 -3.31 -24.85
CA SER B 113 -7.87 -2.07 -25.58
C SER B 113 -7.54 -2.24 -27.04
N LYS B 114 -6.73 -3.23 -27.36
CA LYS B 114 -6.32 -3.47 -28.75
C LYS B 114 -7.51 -3.52 -29.70
N ASP B 115 -8.59 -4.17 -29.30
CA ASP B 115 -9.79 -4.18 -30.10
C ASP B 115 -10.96 -3.37 -29.50
N LEU B 116 -11.04 -3.26 -28.17
CA LEU B 116 -12.14 -2.52 -27.55
C LEU B 116 -12.03 -1.01 -27.73
N GLN B 117 -10.82 -0.51 -27.87
CA GLN B 117 -10.68 0.93 -28.05
C GLN B 117 -11.10 1.40 -29.45
N PRO B 118 -10.70 0.68 -30.52
CA PRO B 118 -11.23 1.10 -31.84
C PRO B 118 -12.74 0.95 -31.87
N LEU B 119 -13.26 -0.09 -31.24
CA LEU B 119 -14.70 -0.31 -31.19
C LEU B 119 -15.44 0.84 -30.53
N ALA B 120 -14.95 1.28 -29.37
CA ALA B 120 -15.60 2.39 -28.67
C ALA B 120 -15.47 3.67 -29.48
N ARG B 121 -14.38 3.80 -30.22
CA ARG B 121 -14.13 5.03 -30.98
C ARG B 121 -15.08 5.10 -32.17
N LYS B 122 -15.16 4.01 -32.91
CA LYS B 122 -16.08 3.88 -34.02
C LYS B 122 -17.52 4.16 -33.59
N PHE B 123 -17.96 3.49 -32.53
CA PHE B 123 -19.31 3.65 -32.00
C PHE B 123 -19.60 5.11 -31.60
N TRP B 124 -18.62 5.78 -31.01
CA TRP B 124 -18.81 7.16 -30.62
C TRP B 124 -18.90 8.06 -31.85
N GLU B 125 -18.10 7.76 -32.87
CA GLU B 125 -18.07 8.60 -34.08
C GLU B 125 -19.44 8.66 -34.73
N GLU B 126 -20.17 7.55 -34.68
CA GLU B 126 -21.48 7.54 -35.29
C GLU B 126 -22.67 7.77 -34.35
N THR B 127 -22.43 7.87 -33.05
CA THR B 127 -23.54 8.02 -32.11
C THR B 127 -23.33 9.15 -31.09
N ASN B 128 -22.07 9.56 -30.93
CA ASN B 128 -21.68 10.52 -29.89
C ASN B 128 -21.92 10.02 -28.46
N ILE B 129 -22.07 8.71 -28.31
CA ILE B 129 -22.28 8.10 -26.99
C ILE B 129 -20.95 7.59 -26.43
N GLU B 130 -20.58 8.05 -25.25
CA GLU B 130 -19.33 7.63 -24.59
C GLU B 130 -19.52 6.30 -23.87
N ILE B 131 -18.42 5.57 -23.71
CA ILE B 131 -18.39 4.40 -22.83
C ILE B 131 -17.45 4.74 -21.68
N VAL B 132 -18.00 5.00 -20.50
CA VAL B 132 -17.17 5.45 -19.37
C VAL B 132 -16.81 4.29 -18.44
N ALA B 133 -15.54 4.18 -18.07
CA ALA B 133 -15.13 3.14 -17.14
C ALA B 133 -15.29 3.65 -15.69
N ILE B 134 -16.51 3.52 -15.18
CA ILE B 134 -16.83 4.10 -13.88
C ILE B 134 -16.94 3.01 -12.80
N GLY B 135 -17.46 1.85 -13.20
CA GLY B 135 -17.49 0.70 -12.32
C GLY B 135 -18.31 0.80 -11.06
N LYS B 136 -17.64 0.59 -9.93
CA LYS B 136 -18.29 0.43 -8.62
C LYS B 136 -19.28 1.52 -8.21
N SER B 137 -19.00 2.78 -8.51
CA SER B 137 -19.95 3.84 -8.12
C SER B 137 -21.21 3.90 -8.99
N SER B 138 -21.28 3.09 -10.04
CA SER B 138 -22.43 3.19 -10.94
C SER B 138 -23.63 2.36 -10.51
N VAL B 139 -24.78 3.01 -10.28
CA VAL B 139 -26.00 2.27 -9.97
C VAL B 139 -26.46 1.42 -11.16
N PRO B 140 -26.47 1.99 -12.39
CA PRO B 140 -26.90 1.12 -13.49
C PRO B 140 -26.05 -0.14 -13.71
N VAL B 141 -24.75 -0.08 -13.45
CA VAL B 141 -23.90 -1.28 -13.48
C VAL B 141 -24.39 -2.32 -12.48
N ARG B 142 -24.76 -1.88 -11.29
CA ARG B 142 -25.24 -2.77 -10.25
C ARG B 142 -26.59 -3.36 -10.62
N ILE B 143 -27.42 -2.55 -11.26
CA ILE B 143 -28.72 -3.03 -11.71
C ILE B 143 -28.54 -4.11 -12.80
N ALA B 144 -27.61 -3.88 -13.72
CA ALA B 144 -27.24 -4.89 -14.70
C ALA B 144 -26.79 -6.19 -14.01
N GLU B 145 -25.97 -6.10 -12.98
CA GLU B 145 -25.52 -7.29 -12.26
C GLU B 145 -26.64 -8.06 -11.53
N ILE B 146 -27.67 -7.38 -11.11
CA ILE B 146 -28.86 -8.01 -10.59
C ILE B 146 -29.63 -8.73 -11.70
N TYR B 147 -29.75 -8.11 -12.85
CA TYR B 147 -30.42 -8.78 -13.97
C TYR B 147 -29.65 -9.99 -14.45
N ALA B 148 -28.32 -9.90 -14.49
CA ALA B 148 -27.48 -11.07 -14.81
C ALA B 148 -27.72 -12.21 -13.84
N GLY B 149 -28.04 -11.87 -12.58
CA GLY B 149 -28.36 -12.88 -11.59
C GLY B 149 -29.75 -13.43 -11.88
N ILE B 150 -30.67 -12.54 -12.24
CA ILE B 150 -32.04 -12.95 -12.51
C ILE B 150 -32.10 -13.90 -13.69
N TYR B 151 -31.41 -13.56 -14.77
CA TYR B 151 -31.39 -14.40 -15.98
C TYR B 151 -30.52 -15.64 -15.87
N SER B 152 -29.52 -15.63 -14.97
CA SER B 152 -28.82 -16.85 -14.65
C SER B 152 -29.78 -17.80 -13.95
N ALA B 153 -30.71 -17.23 -13.19
CA ALA B 153 -31.66 -18.07 -12.49
C ALA B 153 -32.67 -18.63 -13.49
N LYS B 154 -33.17 -17.77 -14.38
CA LYS B 154 -34.00 -18.20 -15.50
C LYS B 154 -33.29 -19.27 -16.33
N TRP B 155 -32.01 -19.04 -16.65
CA TRP B 155 -31.25 -20.02 -17.41
C TRP B 155 -31.24 -21.34 -16.67
N GLY B 156 -31.27 -21.27 -15.34
CA GLY B 156 -31.21 -22.44 -14.49
C GLY B 156 -32.50 -23.23 -14.46
N ILE B 157 -33.62 -22.56 -14.39
CA ILE B 157 -34.89 -23.20 -14.42
C ILE B 157 -35.10 -23.91 -15.73
N GLU B 158 -34.63 -23.32 -16.81
CA GLU B 158 -34.85 -23.82 -18.15
C GLU B 158 -33.80 -24.78 -18.66
N ASN B 159 -32.70 -24.91 -17.97
CA ASN B 159 -31.66 -25.83 -18.39
C ASN B 159 -31.49 -26.98 -17.42
N VAL B 160 -32.42 -27.11 -16.50
CA VAL B 160 -32.31 -28.06 -15.43
C VAL B 160 -32.82 -29.43 -15.81
N GLU B 161 -33.24 -29.59 -17.06
CA GLU B 161 -33.64 -30.93 -17.50
C GLU B 161 -32.45 -31.66 -18.12
N LYS B 162 -31.80 -31.05 -19.11
CA LYS B 162 -30.55 -31.60 -19.63
C LYS B 162 -29.63 -32.01 -18.48
N GLU B 163 -29.11 -31.00 -17.77
CA GLU B 163 -28.35 -31.25 -16.54
C GLU B 163 -29.34 -31.75 -15.48
N GLY B 164 -28.91 -32.66 -14.63
CA GLY B 164 -29.86 -33.25 -13.70
C GLY B 164 -30.11 -32.38 -12.47
N HIS B 165 -29.04 -31.72 -12.05
CA HIS B 165 -29.05 -30.92 -10.84
C HIS B 165 -28.17 -29.71 -11.14
N LEU B 166 -28.58 -28.54 -10.65
CA LEU B 166 -27.87 -27.30 -10.99
C LEU B 166 -27.59 -26.47 -9.74
N ILE B 167 -26.34 -26.12 -9.51
CA ILE B 167 -25.99 -25.19 -8.43
C ILE B 167 -25.51 -23.86 -9.02
N ILE B 168 -26.29 -22.80 -8.81
CA ILE B 168 -25.96 -21.50 -9.40
C ILE B 168 -25.50 -20.48 -8.35
N GLY B 169 -24.33 -19.93 -8.56
CA GLY B 169 -23.86 -18.87 -7.73
C GLY B 169 -24.24 -17.49 -8.20
N LEU B 170 -25.11 -16.87 -7.43
CA LEU B 170 -25.60 -15.54 -7.71
C LEU B 170 -24.55 -14.50 -7.47
N PRO B 171 -24.73 -13.36 -8.09
CA PRO B 171 -23.83 -12.24 -7.88
C PRO B 171 -24.05 -11.68 -6.49
N ARG B 172 -23.12 -10.92 -6.02
CA ARG B 172 -23.06 -10.54 -4.63
C ARG B 172 -24.32 -9.89 -4.09
N TYR B 173 -24.71 -10.42 -2.94
CA TYR B 173 -25.79 -9.96 -2.12
C TYR B 173 -27.11 -9.65 -2.80
N MSE B 174 -27.62 -10.61 -3.53
CA MSE B 174 -28.89 -10.48 -4.19
C MSE B 174 -29.69 -11.72 -4.01
O MSE B 174 -29.13 -12.77 -3.93
CB MSE B 174 -28.65 -10.09 -5.63
CG MSE B 174 -28.15 -11.25 -6.43
SE MSE B 174 -28.81 -11.10 -8.25
CE MSE B 174 -30.73 -11.29 -8.01
N GLU B 175 -31.00 -11.62 -3.96
CA GLU B 175 -31.85 -12.79 -3.85
C GLU B 175 -32.79 -12.83 -5.05
N VAL B 176 -33.30 -14.02 -5.30
CA VAL B 176 -34.22 -14.24 -6.39
C VAL B 176 -35.44 -14.93 -5.80
N ASN B 177 -36.63 -14.50 -6.22
CA ASN B 177 -37.87 -15.16 -5.81
C ASN B 177 -38.72 -15.43 -7.05
N ILE B 178 -39.40 -16.54 -7.07
CA ILE B 178 -40.24 -16.88 -8.18
C ILE B 178 -41.67 -17.07 -7.74
N LYS B 179 -42.56 -16.26 -8.25
CA LYS B 179 -43.95 -16.44 -7.98
C LYS B 179 -44.73 -16.41 -9.26
N ASP B 180 -45.50 -17.45 -9.53
CA ASP B 180 -46.50 -17.37 -10.58
C ASP B 180 -45.98 -16.91 -11.95
N GLY B 181 -44.88 -17.50 -12.40
CA GLY B 181 -44.32 -17.17 -13.70
C GLY B 181 -43.34 -16.01 -13.81
N LYS B 182 -43.06 -15.33 -12.72
CA LYS B 182 -42.06 -14.29 -12.75
C LYS B 182 -40.96 -14.44 -11.73
N ILE B 183 -39.74 -14.22 -12.16
CA ILE B 183 -38.63 -14.19 -11.23
C ILE B 183 -38.44 -12.72 -10.82
N ILE B 184 -38.44 -12.46 -9.52
CA ILE B 184 -38.12 -11.13 -9.03
C ILE B 184 -36.73 -11.17 -8.40
N GLY B 185 -35.87 -10.22 -8.79
CA GLY B 185 -34.53 -10.15 -8.23
C GLY B 185 -34.37 -8.87 -7.45
N ARG B 186 -33.68 -8.95 -6.31
CA ARG B 186 -33.56 -7.79 -5.44
C ARG B 186 -32.20 -7.75 -4.80
N SER B 187 -31.63 -6.55 -4.69
CA SER B 187 -30.45 -6.40 -3.86
C SER B 187 -30.80 -6.71 -2.39
N LEU B 188 -29.88 -7.33 -1.66
CA LEU B 188 -30.09 -7.53 -0.23
C LEU B 188 -29.54 -6.37 0.61
N ASP B 189 -28.80 -5.47 -0.02
CA ASP B 189 -28.25 -4.29 0.66
C ASP B 189 -29.24 -3.13 0.58
N PRO B 190 -29.88 -2.78 1.71
CA PRO B 190 -30.84 -1.65 1.70
C PRO B 190 -30.17 -0.29 1.47
N ARG B 191 -28.85 -0.23 1.64
CA ARG B 191 -28.10 1.00 1.42
C ARG B 191 -28.10 1.43 -0.06
N GLU B 192 -28.33 0.47 -0.94
CA GLU B 192 -28.31 0.72 -2.36
C GLU B 192 -29.59 1.40 -2.79
N GLY B 193 -30.64 1.34 -1.96
CA GLY B 193 -31.84 2.15 -2.19
C GLY B 193 -33.00 1.44 -2.88
N GLY B 194 -33.04 0.13 -2.78
CA GLY B 194 -34.18 -0.64 -3.25
C GLY B 194 -34.09 -1.04 -4.70
N LEU B 195 -32.89 -1.39 -5.16
CA LEU B 195 -32.70 -1.86 -6.53
C LEU B 195 -33.37 -3.23 -6.71
N TYR B 196 -34.00 -3.44 -7.85
CA TYR B 196 -34.76 -4.66 -8.11
C TYR B 196 -34.90 -4.88 -9.61
N GLY B 197 -35.29 -6.09 -9.99
CA GLY B 197 -35.52 -6.41 -11.38
C GLY B 197 -36.50 -7.54 -11.52
N SER B 198 -36.91 -7.82 -12.75
CA SER B 198 -38.00 -8.75 -13.01
C SER B 198 -37.83 -9.46 -14.35
N ALA B 199 -38.21 -10.73 -14.41
CA ALA B 199 -38.29 -11.46 -15.69
C ALA B 199 -39.35 -12.56 -15.65
N GLU B 200 -39.89 -12.90 -16.82
CA GLU B 200 -40.87 -13.97 -16.91
C GLU B 200 -40.14 -15.32 -17.00
N VAL B 201 -40.71 -16.36 -16.44
CA VAL B 201 -40.11 -17.70 -16.54
C VAL B 201 -41.20 -18.77 -16.53
N SER B 202 -40.97 -19.85 -17.25
CA SER B 202 -41.92 -20.94 -17.21
C SER B 202 -41.26 -22.10 -16.52
N VAL B 203 -41.72 -22.39 -15.32
CA VAL B 203 -41.03 -23.39 -14.51
C VAL B 203 -41.53 -24.79 -14.81
N PRO B 204 -40.68 -25.62 -15.39
CA PRO B 204 -41.10 -26.95 -15.78
C PRO B 204 -41.80 -27.67 -14.62
N GLU B 205 -42.73 -28.55 -14.94
CA GLU B 205 -43.44 -29.30 -13.90
C GLU B 205 -42.48 -30.08 -12.99
N GLY B 206 -42.71 -29.99 -11.69
CA GLY B 206 -41.93 -30.72 -10.71
C GLY B 206 -40.45 -30.36 -10.57
N VAL B 207 -40.06 -29.15 -10.95
CA VAL B 207 -38.74 -28.69 -10.57
C VAL B 207 -38.84 -27.84 -9.31
N LYS B 208 -37.88 -28.03 -8.42
CA LYS B 208 -37.86 -27.36 -7.13
C LYS B 208 -36.61 -26.49 -7.10
N TRP B 209 -36.68 -25.37 -6.38
CA TRP B 209 -35.51 -24.54 -6.20
C TRP B 209 -35.37 -24.05 -4.77
N GLU B 210 -34.13 -23.94 -4.29
CA GLU B 210 -33.87 -23.31 -3.00
C GLU B 210 -32.86 -22.18 -3.16
N ILE B 211 -32.88 -21.23 -2.23
CA ILE B 211 -31.87 -20.18 -2.15
C ILE B 211 -31.31 -20.09 -0.72
N TYR B 212 -29.99 -20.08 -0.59
CA TYR B 212 -29.33 -20.10 0.71
C TYR B 212 -27.91 -19.53 0.58
N PRO B 213 -27.28 -19.14 1.70
CA PRO B 213 -25.92 -18.58 1.64
C PRO B 213 -24.86 -19.55 1.11
N ASN B 214 -23.98 -19.04 0.25
CA ASN B 214 -22.79 -19.80 -0.17
C ASN B 214 -21.84 -19.86 1.01
N PRO B 215 -21.63 -21.06 1.57
CA PRO B 215 -20.91 -21.21 2.84
C PRO B 215 -19.46 -20.78 2.73
N VAL B 216 -18.96 -20.79 1.52
CA VAL B 216 -17.54 -20.51 1.31
C VAL B 216 -17.37 -19.15 0.59
N ALA B 217 -18.46 -18.42 0.40
CA ALA B 217 -18.41 -17.06 -0.12
C ALA B 217 -19.39 -16.14 0.59
N ARG B 218 -18.99 -15.56 1.70
CA ARG B 218 -19.93 -14.81 2.50
C ARG B 218 -20.46 -13.60 1.75
N ARG B 219 -21.76 -13.43 1.81
CA ARG B 219 -22.48 -12.41 1.10
C ARG B 219 -22.83 -12.75 -0.33
N PHE B 220 -22.66 -14.00 -0.74
CA PHE B 220 -23.15 -14.47 -2.03
C PHE B 220 -24.11 -15.60 -1.77
N MSE B 221 -25.24 -15.61 -2.45
CA MSE B 221 -26.18 -16.70 -2.32
C MSE B 221 -26.04 -17.75 -3.37
O MSE B 221 -25.51 -17.51 -4.43
CB MSE B 221 -27.60 -16.19 -2.35
CG MSE B 221 -27.84 -15.07 -1.40
SE MSE B 221 -27.45 -15.50 0.45
CE MSE B 221 -25.89 -14.35 0.72
N ILE B 222 -26.54 -18.94 -3.06
CA ILE B 222 -26.67 -20.04 -3.99
C ILE B 222 -28.10 -20.15 -4.43
N PHE B 223 -28.31 -20.39 -5.72
CA PHE B 223 -29.64 -20.72 -6.24
C PHE B 223 -29.55 -22.17 -6.71
N GLU B 224 -30.19 -23.07 -5.98
CA GLU B 224 -30.05 -24.50 -6.22
C GLU B 224 -31.32 -25.05 -6.84
N ILE B 225 -31.17 -25.83 -7.91
CA ILE B 225 -32.32 -26.31 -8.66
C ILE B 225 -32.29 -27.84 -8.84
N PHE B 226 -33.43 -28.48 -8.58
CA PHE B 226 -33.55 -29.92 -8.82
C PHE B 226 -34.61 -30.21 -9.88
N SER B 227 -34.46 -31.34 -10.56
CA SER B 227 -35.46 -31.83 -11.51
C SER B 227 -36.21 -33.00 -10.89
N SER C 1 9.77 10.49 -28.57
CA SER C 1 11.02 9.71 -28.55
C SER C 1 10.77 8.21 -28.44
N ARG C 2 11.20 7.47 -29.46
CA ARG C 2 10.90 6.06 -29.56
C ARG C 2 12.23 5.33 -29.60
N ILE C 3 12.42 4.41 -28.67
CA ILE C 3 13.76 3.87 -28.41
C ILE C 3 13.75 2.34 -28.44
N VAL C 4 14.69 1.75 -29.15
CA VAL C 4 14.89 0.30 -29.03
C VAL C 4 16.08 0.04 -28.11
N ALA C 5 15.95 -0.92 -27.20
CA ALA C 5 17.04 -1.32 -26.32
C ALA C 5 17.12 -2.83 -26.18
N ALA C 6 18.29 -3.34 -25.84
CA ALA C 6 18.45 -4.80 -25.66
C ALA C 6 19.28 -5.18 -24.43
N ASP C 7 18.99 -6.34 -23.83
CA ASP C 7 19.79 -6.86 -22.72
C ASP C 7 19.60 -8.36 -22.41
N THR C 8 20.67 -9.03 -22.00
CA THR C 8 20.62 -10.41 -21.45
C THR C 8 20.87 -10.24 -19.96
N GLY C 9 20.08 -10.84 -19.08
CA GLY C 9 19.24 -12.01 -19.28
C GLY C 9 19.21 -12.63 -17.90
N GLY C 10 18.28 -13.52 -17.59
CA GLY C 10 18.34 -14.17 -16.27
C GLY C 10 19.46 -15.22 -16.25
N ALA C 11 19.54 -16.03 -15.20
CA ALA C 11 20.65 -16.98 -15.13
C ALA C 11 20.31 -18.24 -14.37
N VAL C 12 20.61 -19.39 -14.99
CA VAL C 12 20.51 -20.69 -14.33
C VAL C 12 21.66 -20.79 -13.32
N LEU C 13 21.33 -21.12 -12.07
CA LEU C 13 22.33 -21.19 -11.01
C LEU C 13 22.48 -22.64 -10.52
N ASP C 14 23.66 -23.03 -10.06
CA ASP C 14 23.78 -24.31 -9.35
C ASP C 14 23.33 -24.15 -7.90
N GLU C 15 23.47 -25.21 -7.09
CA GLU C 15 22.97 -25.18 -5.72
C GLU C 15 23.78 -24.25 -4.80
N THR C 16 24.95 -23.82 -5.27
CA THR C 16 25.79 -22.86 -4.56
C THR C 16 25.36 -21.41 -4.87
N PHE C 17 24.35 -21.30 -5.74
CA PHE C 17 23.90 -20.02 -6.31
C PHE C 17 24.93 -19.36 -7.21
N GLU C 18 25.83 -20.16 -7.78
CA GLU C 18 26.77 -19.68 -8.78
C GLU C 18 26.15 -19.77 -10.19
N PRO C 19 26.31 -18.70 -11.00
CA PRO C 19 25.76 -18.76 -12.35
C PRO C 19 26.50 -19.78 -13.21
N ILE C 20 25.78 -20.57 -14.01
CA ILE C 20 26.43 -21.41 -15.02
C ILE C 20 26.23 -20.87 -16.45
N GLY C 21 25.13 -20.13 -16.67
CA GLY C 21 24.92 -19.42 -17.93
C GLY C 21 23.68 -18.55 -17.96
N LEU C 22 23.67 -17.54 -18.82
CA LEU C 22 22.49 -16.69 -19.01
C LEU C 22 21.43 -17.38 -19.87
N ILE C 23 20.23 -16.81 -19.87
CA ILE C 23 19.07 -17.44 -20.49
C ILE C 23 18.49 -16.68 -21.70
N ALA C 24 17.96 -15.47 -21.45
CA ALA C 24 17.21 -14.76 -22.47
C ALA C 24 17.87 -13.47 -22.91
N THR C 25 17.98 -13.25 -24.22
CA THR C 25 18.29 -11.92 -24.72
C THR C 25 16.99 -11.32 -25.23
N VAL C 26 16.71 -10.08 -24.85
CA VAL C 26 15.44 -9.46 -25.22
C VAL C 26 15.62 -8.06 -25.79
N ALA C 27 14.97 -7.78 -26.92
CA ALA C 27 14.92 -6.43 -27.47
C ALA C 27 13.53 -5.86 -27.27
N VAL C 28 13.46 -4.61 -26.80
CA VAL C 28 12.17 -3.96 -26.55
C VAL C 28 12.08 -2.60 -27.24
N LEU C 29 10.87 -2.24 -27.65
CA LEU C 29 10.59 -0.89 -28.13
C LEU C 29 9.91 -0.16 -26.99
N VAL C 30 10.43 1.02 -26.68
CA VAL C 30 9.92 1.76 -25.55
C VAL C 30 9.56 3.15 -25.97
N GLU C 31 8.30 3.52 -25.82
CA GLU C 31 7.94 4.93 -25.99
C GLU C 31 7.30 5.52 -24.73
N LYS C 32 6.99 6.82 -24.79
CA LYS C 32 6.39 7.56 -23.68
C LYS C 32 5.11 6.89 -23.21
N PRO C 33 4.92 6.74 -21.89
CA PRO C 33 5.69 7.35 -20.80
C PRO C 33 6.84 6.52 -20.23
N TYR C 34 7.40 5.61 -21.03
CA TYR C 34 8.63 4.90 -20.69
C TYR C 34 8.56 4.06 -19.43
N ARG C 35 7.46 3.34 -19.24
CA ARG C 35 7.35 2.42 -18.10
C ARG C 35 7.37 0.95 -18.50
N SER C 36 7.04 0.67 -19.76
CA SER C 36 6.93 -0.69 -20.22
C SER C 36 7.26 -0.75 -21.69
N ALA C 37 7.16 -1.93 -22.29
CA ALA C 37 7.52 -2.10 -23.70
C ALA C 37 6.28 -2.20 -24.60
N LYS C 38 6.34 -1.48 -25.71
CA LYS C 38 5.29 -1.49 -26.72
C LYS C 38 5.38 -2.79 -27.52
N GLU C 39 6.61 -3.26 -27.71
CA GLU C 39 6.89 -4.43 -28.52
C GLU C 39 8.19 -5.11 -28.05
N VAL C 40 8.26 -6.43 -28.22
CA VAL C 40 9.35 -7.23 -27.66
C VAL C 40 9.78 -8.32 -28.61
N MSE C 41 11.07 -8.61 -28.70
CA MSE C 41 11.48 -9.90 -29.27
C MSE C 41 12.60 -10.62 -28.49
O MSE C 41 13.54 -10.00 -27.97
CB MSE C 41 11.75 -9.82 -30.78
CG MSE C 41 12.73 -8.78 -31.21
SE MSE C 41 13.01 -8.85 -33.17
CE MSE C 41 11.20 -8.54 -33.85
N VAL C 42 12.48 -11.94 -28.41
CA VAL C 42 13.32 -12.73 -27.54
C VAL C 42 14.18 -13.73 -28.30
N LYS C 43 15.43 -13.89 -27.86
CA LYS C 43 16.29 -14.96 -28.33
C LYS C 43 16.79 -15.77 -27.14
N TYR C 44 16.40 -17.05 -27.05
CA TYR C 44 16.90 -17.89 -25.95
C TYR C 44 18.27 -18.47 -26.24
N ALA C 45 19.19 -18.29 -25.30
CA ALA C 45 20.52 -18.87 -25.41
C ALA C 45 20.45 -20.28 -24.85
N ASN C 46 21.59 -20.99 -24.85
CA ASN C 46 21.68 -22.27 -24.13
C ASN C 46 22.53 -22.08 -22.88
N PRO C 47 21.86 -22.01 -21.71
CA PRO C 47 22.51 -21.68 -20.44
C PRO C 47 23.60 -22.67 -20.02
N TYR C 48 23.42 -23.95 -20.35
CA TYR C 48 24.50 -24.93 -20.26
C TYR C 48 25.25 -24.78 -21.58
N ASP C 49 26.58 -24.92 -21.57
CA ASP C 49 27.39 -24.53 -22.75
C ASP C 49 27.15 -23.06 -23.14
N TYR C 50 27.35 -22.18 -22.19
CA TYR C 50 27.24 -20.79 -22.43
C TYR C 50 28.60 -20.26 -22.10
N ASP C 51 29.00 -19.11 -22.64
CA ASP C 51 30.21 -18.48 -22.14
C ASP C 51 29.86 -17.22 -21.39
N LEU C 52 30.12 -17.21 -20.08
CA LEU C 52 29.85 -15.99 -19.34
C LEU C 52 31.08 -15.16 -19.26
N THR C 53 32.21 -15.82 -19.45
CA THR C 53 33.50 -15.14 -19.48
C THR C 53 33.67 -14.22 -20.70
N GLY C 54 33.24 -14.71 -21.85
CA GLY C 54 33.30 -13.91 -23.04
C GLY C 54 32.09 -13.01 -22.94
N ARG C 55 31.84 -12.21 -23.98
CA ARG C 55 30.50 -11.65 -24.13
C ARG C 55 29.92 -11.97 -25.50
N GLN C 56 29.31 -13.14 -25.60
CA GLN C 56 28.51 -13.50 -26.75
C GLN C 56 27.16 -12.82 -26.57
N ALA C 57 26.90 -12.37 -25.35
CA ALA C 57 25.65 -11.71 -25.01
C ALA C 57 25.53 -10.33 -25.66
N ILE C 58 26.60 -9.56 -25.63
CA ILE C 58 26.58 -8.26 -26.27
C ILE C 58 26.48 -8.41 -27.78
N ARG C 59 27.10 -9.46 -28.31
CA ARG C 59 27.02 -9.77 -29.72
C ARG C 59 25.55 -10.03 -30.05
N ASP C 60 24.90 -10.83 -29.23
CA ASP C 60 23.50 -11.18 -29.45
C ASP C 60 22.54 -9.99 -29.31
N GLU C 61 22.82 -9.09 -28.37
CA GLU C 61 21.99 -7.91 -28.12
C GLU C 61 21.95 -6.93 -29.27
N VAL C 62 23.12 -6.56 -29.79
CA VAL C 62 23.20 -5.67 -30.94
C VAL C 62 22.43 -6.25 -32.13
N LEU C 63 22.63 -7.54 -32.39
CA LEU C 63 21.98 -8.21 -33.53
C LEU C 63 20.48 -8.19 -33.39
N LEU C 64 20.00 -8.47 -32.18
CA LEU C 64 18.56 -8.49 -31.93
C LEU C 64 17.97 -7.08 -31.89
N ALA C 65 18.72 -6.10 -31.38
CA ALA C 65 18.24 -4.73 -31.39
C ALA C 65 18.06 -4.23 -32.82
N ILE C 66 19.03 -4.54 -33.67
CA ILE C 66 19.00 -4.20 -35.08
C ILE C 66 17.80 -4.81 -35.79
N GLU C 67 17.52 -6.07 -35.48
CA GLU C 67 16.38 -6.75 -36.08
C GLU C 67 15.06 -6.10 -35.68
N LEU C 68 14.89 -5.74 -34.41
CA LEU C 68 13.68 -5.07 -33.99
C LEU C 68 13.62 -3.66 -34.57
N ALA C 69 14.78 -3.01 -34.66
CA ALA C 69 14.84 -1.66 -35.22
C ALA C 69 14.37 -1.67 -36.67
N ARG C 70 14.74 -2.72 -37.41
CA ARG C 70 14.34 -2.84 -38.82
C ARG C 70 12.83 -2.93 -38.93
N LYS C 71 12.19 -3.54 -37.93
CA LYS C 71 10.73 -3.65 -37.94
C LYS C 71 9.99 -2.36 -37.50
N VAL C 72 10.43 -1.73 -36.40
CA VAL C 72 9.66 -0.67 -35.77
C VAL C 72 10.17 0.75 -36.06
N LYS C 73 11.36 0.83 -36.64
CA LYS C 73 11.97 2.11 -37.08
C LYS C 73 12.08 3.17 -36.00
N PRO C 74 12.87 2.90 -34.95
CA PRO C 74 12.97 3.81 -33.80
C PRO C 74 13.94 4.93 -34.10
N ASP C 75 14.05 5.87 -33.18
CA ASP C 75 14.96 7.00 -33.31
C ASP C 75 16.39 6.61 -32.98
N VAL C 76 16.52 5.63 -32.09
CA VAL C 76 17.83 5.30 -31.49
C VAL C 76 17.85 3.91 -30.88
N ILE C 77 19.04 3.32 -30.79
CA ILE C 77 19.22 2.05 -30.09
C ILE C 77 20.10 2.24 -28.84
N HIS C 78 19.58 1.82 -27.68
CA HIS C 78 20.37 1.89 -26.46
C HIS C 78 20.93 0.52 -26.14
N LEU C 79 22.25 0.46 -25.96
CA LEU C 79 22.95 -0.74 -25.50
C LEU C 79 23.29 -0.67 -24.01
N ASP C 80 23.20 -1.81 -23.31
CA ASP C 80 23.61 -1.91 -21.90
C ASP C 80 25.13 -1.99 -21.75
N SER C 81 25.83 -0.91 -22.04
CA SER C 81 27.28 -0.89 -21.85
C SER C 81 27.66 0.52 -21.45
N THR C 82 28.07 0.72 -20.22
CA THR C 82 28.17 2.08 -19.77
C THR C 82 29.46 2.69 -20.19
N LEU C 83 29.37 3.64 -21.10
CA LEU C 83 30.50 4.35 -21.59
C LEU C 83 29.92 5.72 -21.83
N GLY C 84 30.67 6.57 -22.49
CA GLY C 84 30.41 7.98 -22.51
C GLY C 84 29.09 8.26 -23.16
N GLY C 85 28.41 7.22 -23.61
CA GLY C 85 27.27 7.35 -24.48
C GLY C 85 27.74 7.24 -25.90
N ILE C 86 28.96 6.79 -26.11
CA ILE C 86 29.55 6.77 -27.40
C ILE C 86 28.86 5.82 -28.40
N GLU C 87 28.68 6.32 -29.61
CA GLU C 87 28.09 5.57 -30.70
C GLU C 87 28.99 4.42 -31.14
N LEU C 88 28.39 3.29 -31.38
CA LEU C 88 29.16 2.10 -31.67
C LEU C 88 29.86 2.20 -33.03
N ARG C 89 29.30 3.03 -33.90
CA ARG C 89 29.89 3.42 -35.18
C ARG C 89 31.32 3.85 -35.00
N LYS C 90 31.53 4.65 -33.95
CA LYS C 90 32.78 5.34 -33.72
C LYS C 90 33.71 4.55 -32.80
N LEU C 91 33.46 3.25 -32.68
CA LEU C 91 34.25 2.40 -31.79
C LEU C 91 35.37 1.69 -32.53
N ASP C 92 36.48 2.39 -32.73
CA ASP C 92 37.71 1.75 -33.22
C ASP C 92 38.77 1.79 -32.11
N GLU C 93 39.85 1.04 -32.30
CA GLU C 93 40.94 0.98 -31.32
C GLU C 93 41.46 2.34 -30.82
N PRO C 94 41.68 3.32 -31.72
CA PRO C 94 42.09 4.65 -31.24
C PRO C 94 41.17 5.16 -30.14
N THR C 95 39.89 5.36 -30.49
CA THR C 95 38.91 5.92 -29.57
C THR C 95 38.63 5.07 -28.31
N ILE C 96 38.61 3.74 -28.45
CA ILE C 96 38.45 2.84 -27.30
C ILE C 96 39.56 3.08 -26.28
N ASP C 97 40.79 3.20 -26.78
CA ASP C 97 41.95 3.45 -25.93
C ASP C 97 41.92 4.86 -25.35
N ALA C 98 41.24 5.77 -26.04
CA ALA C 98 41.08 7.15 -25.58
C ALA C 98 40.01 7.27 -24.47
N LEU C 99 39.39 6.14 -24.12
CA LEU C 99 38.30 6.13 -23.14
C LEU C 99 38.78 6.14 -21.70
N GLY C 100 37.98 6.78 -20.84
CA GLY C 100 38.21 6.76 -19.40
C GLY C 100 37.59 5.54 -18.75
N ILE C 101 37.89 4.36 -19.30
CA ILE C 101 37.36 3.10 -18.79
C ILE C 101 38.51 2.13 -18.53
N SER C 102 38.27 1.12 -17.72
CA SER C 102 39.31 0.18 -17.26
C SER C 102 40.13 -0.50 -18.38
N ASP C 103 41.43 -0.66 -18.14
CA ASP C 103 42.37 -1.27 -19.09
C ASP C 103 41.94 -2.67 -19.56
N LYS C 104 41.50 -3.50 -18.61
CA LYS C 104 41.02 -4.84 -18.93
C LYS C 104 39.78 -4.81 -19.80
N GLY C 105 38.89 -3.85 -19.52
CA GLY C 105 37.71 -3.62 -20.33
C GLY C 105 38.09 -3.20 -21.75
N LYS C 106 39.09 -2.32 -21.86
CA LYS C 106 39.59 -1.84 -23.14
C LYS C 106 39.88 -2.97 -24.14
N GLU C 107 40.28 -4.12 -23.61
CA GLU C 107 40.71 -5.25 -24.43
C GLU C 107 39.58 -6.23 -24.77
N VAL C 108 38.48 -6.15 -24.01
CA VAL C 108 37.28 -6.93 -24.33
C VAL C 108 36.62 -6.34 -25.57
N TRP C 109 36.61 -5.02 -25.63
CA TRP C 109 35.95 -4.31 -26.72
C TRP C 109 36.77 -4.24 -28.01
N LYS C 110 38.09 -4.33 -27.88
CA LYS C 110 38.97 -4.28 -29.06
C LYS C 110 38.75 -5.47 -29.97
N GLU C 111 38.37 -6.61 -29.39
CA GLU C 111 38.04 -7.79 -30.19
C GLU C 111 36.57 -7.74 -30.59
N LEU C 112 35.80 -6.96 -29.83
CA LEU C 112 34.38 -6.77 -30.10
C LEU C 112 34.16 -5.75 -31.23
N SER C 113 34.92 -4.67 -31.20
CA SER C 113 34.83 -3.61 -32.19
C SER C 113 35.14 -4.08 -33.61
N LYS C 114 35.76 -5.25 -33.74
CA LYS C 114 36.21 -5.72 -35.04
C LYS C 114 35.08 -5.98 -36.02
N ASP C 115 33.95 -6.47 -35.52
CA ASP C 115 32.80 -6.75 -36.39
C ASP C 115 31.55 -5.95 -36.04
N LEU C 116 31.49 -5.43 -34.81
CA LEU C 116 30.34 -4.64 -34.37
C LEU C 116 30.38 -3.22 -34.91
N GLN C 117 31.52 -2.56 -34.77
CA GLN C 117 31.70 -1.23 -35.32
C GLN C 117 31.38 -1.15 -36.83
N PRO C 118 31.85 -2.11 -37.65
CA PRO C 118 31.42 -2.05 -39.05
C PRO C 118 29.93 -2.29 -39.15
N LEU C 119 29.43 -3.32 -38.49
CA LEU C 119 28.00 -3.63 -38.51
C LEU C 119 27.17 -2.40 -38.10
N ALA C 120 27.64 -1.67 -37.09
CA ALA C 120 26.94 -0.48 -36.64
C ALA C 120 27.09 0.66 -37.63
N ARG C 121 28.23 0.73 -38.31
CA ARG C 121 28.47 1.77 -39.30
C ARG C 121 27.64 1.52 -40.55
N LYS C 122 27.57 0.27 -40.97
CA LYS C 122 26.76 -0.14 -42.11
C LYS C 122 25.28 0.16 -41.85
N PHE C 123 24.82 -0.10 -40.63
CA PHE C 123 23.43 0.09 -40.27
C PHE C 123 23.08 1.57 -40.11
N TRP C 124 24.03 2.36 -39.65
CA TRP C 124 23.76 3.78 -39.50
C TRP C 124 23.69 4.45 -40.87
N GLU C 125 24.48 3.96 -41.81
CA GLU C 125 24.49 4.50 -43.16
C GLU C 125 23.15 4.26 -43.86
N GLU C 126 22.49 3.14 -43.59
CA GLU C 126 21.24 2.90 -44.29
C GLU C 126 20.00 3.48 -43.58
N THR C 127 20.14 3.79 -42.28
CA THR C 127 19.00 4.17 -41.44
C THR C 127 19.14 5.50 -40.72
N ASN C 128 20.38 5.92 -40.50
CA ASN C 128 20.68 7.02 -39.59
C ASN C 128 20.39 6.73 -38.11
N ILE C 129 20.13 5.48 -37.78
CA ILE C 129 19.93 5.11 -36.39
C ILE C 129 21.28 4.83 -35.71
N GLU C 130 21.57 5.59 -34.66
CA GLU C 130 22.76 5.37 -33.84
C GLU C 130 22.53 4.21 -32.87
N ILE C 131 23.59 3.46 -32.58
CA ILE C 131 23.55 2.45 -31.52
C ILE C 131 24.45 2.95 -30.40
N VAL C 132 23.86 3.47 -29.32
CA VAL C 132 24.66 4.11 -28.29
C VAL C 132 24.86 3.20 -27.08
N ALA C 133 26.08 3.16 -26.58
CA ALA C 133 26.39 2.43 -25.36
C ALA C 133 26.24 3.38 -24.16
N ILE C 134 25.03 3.41 -23.60
CA ILE C 134 24.66 4.36 -22.56
C ILE C 134 24.55 3.63 -21.22
N GLY C 135 24.13 2.36 -21.28
CA GLY C 135 24.10 1.51 -20.11
C GLY C 135 23.13 1.89 -19.01
N LYS C 136 23.66 2.02 -17.80
CA LYS C 136 22.88 2.09 -16.56
C LYS C 136 21.88 3.26 -16.51
N SER C 137 22.23 4.39 -17.12
CA SER C 137 21.38 5.56 -17.05
C SER C 137 20.17 5.49 -17.99
N SER C 138 20.06 4.42 -18.76
CA SER C 138 18.98 4.31 -19.74
C SER C 138 17.79 3.56 -19.18
N VAL C 139 16.63 4.21 -19.19
CA VAL C 139 15.41 3.54 -18.76
C VAL C 139 15.00 2.41 -19.71
N PRO C 140 15.11 2.63 -21.04
CA PRO C 140 14.81 1.49 -21.92
C PRO C 140 15.67 0.24 -21.69
N VAL C 141 16.95 0.42 -21.38
CA VAL C 141 17.81 -0.72 -21.08
C VAL C 141 17.33 -1.46 -19.82
N ARG C 142 16.92 -0.69 -18.83
CA ARG C 142 16.37 -1.25 -17.62
C ARG C 142 15.12 -2.04 -17.94
N ILE C 143 14.28 -1.50 -18.82
CA ILE C 143 13.04 -2.18 -19.17
C ILE C 143 13.34 -3.49 -19.90
N ALA C 144 14.35 -3.47 -20.76
CA ALA C 144 14.76 -4.70 -21.45
C ALA C 144 15.24 -5.72 -20.41
N GLU C 145 16.05 -5.31 -19.47
CA GLU C 145 16.55 -6.21 -18.43
C GLU C 145 15.43 -6.85 -17.59
N ILE C 146 14.33 -6.17 -17.43
CA ILE C 146 13.17 -6.71 -16.76
C ILE C 146 12.43 -7.74 -17.61
N TYR C 147 12.43 -7.52 -18.91
CA TYR C 147 11.82 -8.43 -19.84
C TYR C 147 12.70 -9.66 -19.97
N ALA C 148 14.00 -9.46 -19.91
CA ALA C 148 14.93 -10.58 -19.89
C ALA C 148 14.63 -11.48 -18.70
N GLY C 149 14.29 -10.86 -17.58
CA GLY C 149 13.94 -11.58 -16.37
C GLY C 149 12.60 -12.28 -16.54
N ILE C 150 11.66 -11.59 -17.19
CA ILE C 150 10.35 -12.18 -17.39
C ILE C 150 10.47 -13.41 -18.29
N TYR C 151 11.21 -13.27 -19.37
CA TYR C 151 11.33 -14.35 -20.34
C TYR C 151 12.22 -15.48 -19.82
N SER C 152 13.05 -15.17 -18.83
CA SER C 152 13.82 -16.19 -18.14
C SER C 152 12.93 -17.03 -17.22
N ALA C 153 12.01 -16.40 -16.51
CA ALA C 153 11.05 -17.16 -15.72
C ALA C 153 10.18 -18.02 -16.63
N LYS C 154 9.71 -17.44 -17.73
CA LYS C 154 8.94 -18.17 -18.74
C LYS C 154 9.70 -19.42 -19.19
N TRP C 155 10.96 -19.24 -19.54
CA TRP C 155 11.80 -20.31 -20.05
C TRP C 155 11.94 -21.39 -19.00
N GLY C 156 11.90 -20.99 -17.73
CA GLY C 156 12.01 -21.93 -16.65
C GLY C 156 10.76 -22.74 -16.39
N ILE C 157 9.57 -22.15 -16.54
CA ILE C 157 8.33 -22.91 -16.37
C ILE C 157 8.20 -23.98 -17.44
N GLU C 158 8.57 -23.59 -18.65
CA GLU C 158 8.52 -24.43 -19.84
C GLU C 158 9.68 -25.37 -20.05
N ASN C 159 10.74 -25.27 -19.26
CA ASN C 159 11.83 -26.21 -19.39
C ASN C 159 12.03 -27.04 -18.14
N VAL C 160 11.11 -26.89 -17.21
CA VAL C 160 11.27 -27.54 -15.93
C VAL C 160 11.04 -29.04 -16.04
N GLU C 161 10.51 -29.51 -17.16
CA GLU C 161 10.28 -30.95 -17.21
C GLU C 161 11.53 -31.63 -17.77
N LYS C 162 12.15 -31.04 -18.79
CA LYS C 162 13.46 -31.51 -19.27
C LYS C 162 14.41 -31.60 -18.08
N GLU C 163 14.75 -30.44 -17.52
CA GLU C 163 15.49 -30.37 -16.25
C GLU C 163 14.46 -30.66 -15.18
N GLY C 164 14.85 -31.28 -14.07
CA GLY C 164 13.87 -31.67 -13.07
C GLY C 164 13.60 -30.60 -12.03
N HIS C 165 14.52 -29.65 -11.94
CA HIS C 165 14.44 -28.60 -10.95
C HIS C 165 15.29 -27.42 -11.42
N LEU C 166 14.81 -26.21 -11.19
CA LEU C 166 15.44 -25.03 -11.78
C LEU C 166 15.59 -23.88 -10.76
N ILE C 167 16.81 -23.39 -10.62
CA ILE C 167 17.07 -22.21 -9.81
C ILE C 167 17.51 -21.11 -10.76
N ILE C 168 16.69 -20.09 -10.90
CA ILE C 168 16.98 -18.99 -11.81
C ILE C 168 17.30 -17.69 -11.04
N GLY C 169 18.45 -17.10 -11.35
CA GLY C 169 18.84 -15.83 -10.80
C GLY C 169 18.29 -14.71 -11.69
N LEU C 170 17.28 -14.01 -11.17
CA LEU C 170 16.65 -12.89 -11.86
C LEU C 170 17.57 -11.66 -11.83
N PRO C 171 17.48 -10.79 -12.85
CA PRO C 171 18.22 -9.51 -12.87
C PRO C 171 18.00 -8.63 -11.62
N ARG C 172 18.80 -7.62 -11.39
CA ARG C 172 18.75 -6.97 -10.10
C ARG C 172 17.38 -6.40 -9.68
N TYR C 173 17.03 -6.64 -8.44
CA TYR C 173 15.85 -6.06 -7.85
C TYR C 173 14.57 -6.05 -8.66
N MSE C 174 14.11 -7.21 -9.04
CA MSE C 174 12.84 -7.34 -9.64
C MSE C 174 12.16 -8.59 -9.24
O MSE C 174 12.76 -9.58 -8.95
CB MSE C 174 12.97 -7.23 -11.13
CG MSE C 174 13.79 -8.37 -11.64
SE MSE C 174 13.20 -8.84 -13.42
CE MSE C 174 11.34 -9.25 -13.05
N GLU C 175 10.85 -8.56 -9.29
CA GLU C 175 10.08 -9.72 -8.99
C GLU C 175 9.26 -10.16 -10.21
N VAL C 176 8.75 -11.37 -10.11
CA VAL C 176 7.96 -11.96 -11.16
C VAL C 176 6.76 -12.58 -10.46
N ASN C 177 5.59 -12.41 -11.07
CA ASN C 177 4.37 -13.03 -10.55
C ASN C 177 3.65 -13.67 -11.71
N ILE C 178 2.98 -14.78 -11.44
CA ILE C 178 2.25 -15.52 -12.45
C ILE C 178 0.85 -15.82 -12.04
N LYS C 179 -0.11 -15.44 -12.85
CA LYS C 179 -1.47 -15.85 -12.64
C LYS C 179 -2.20 -15.99 -13.96
N ASP C 180 -3.04 -17.00 -14.09
CA ASP C 180 -4.01 -17.06 -15.19
C ASP C 180 -3.38 -16.94 -16.59
N GLY C 181 -2.25 -17.59 -16.78
CA GLY C 181 -1.58 -17.54 -18.05
C GLY C 181 -0.58 -16.44 -18.32
N LYS C 182 -0.43 -15.47 -17.43
CA LYS C 182 0.57 -14.43 -17.66
C LYS C 182 1.61 -14.15 -16.60
N ILE C 183 2.79 -13.80 -17.02
CA ILE C 183 3.82 -13.44 -16.08
C ILE C 183 3.96 -11.91 -16.05
N ILE C 184 3.79 -11.31 -14.88
CA ILE C 184 4.08 -9.88 -14.72
C ILE C 184 5.41 -9.69 -13.99
N GLY C 185 6.31 -8.94 -14.60
CA GLY C 185 7.59 -8.59 -14.01
C GLY C 185 7.61 -7.11 -13.69
N ARG C 186 8.30 -6.76 -12.60
CA ARG C 186 8.29 -5.41 -12.03
C ARG C 186 9.61 -5.13 -11.37
N SER C 187 10.11 -3.92 -11.52
CA SER C 187 11.24 -3.48 -10.74
C SER C 187 10.77 -3.36 -9.29
N LEU C 188 11.61 -3.77 -8.33
CA LEU C 188 11.27 -3.56 -6.92
C LEU C 188 11.69 -2.19 -6.40
N ASP C 189 12.37 -1.41 -7.23
CA ASP C 189 12.83 -0.07 -6.85
C ASP C 189 11.84 1.01 -7.27
N PRO C 190 11.09 1.57 -6.31
CA PRO C 190 10.09 2.61 -6.62
C PRO C 190 10.72 3.91 -7.13
N ARG C 191 12.02 4.08 -6.90
CA ARG C 191 12.71 5.26 -7.42
C ARG C 191 12.77 5.21 -8.95
N GLU C 192 12.53 4.04 -9.53
CA GLU C 192 12.63 3.91 -10.97
C GLU C 192 11.32 4.35 -11.65
N GLY C 193 10.27 4.55 -10.88
CA GLY C 193 9.06 5.17 -11.39
C GLY C 193 8.00 4.26 -11.99
N GLY C 194 8.05 2.97 -11.68
CA GLY C 194 6.96 2.05 -11.99
C GLY C 194 7.17 1.22 -13.22
N LEU C 195 8.40 0.72 -13.40
CA LEU C 195 8.75 -0.07 -14.56
C LEU C 195 8.24 -1.51 -14.39
N TYR C 196 7.61 -2.04 -15.43
CA TYR C 196 6.99 -3.35 -15.38
C TYR C 196 6.92 -3.96 -16.77
N GLY C 197 6.71 -5.26 -16.85
CA GLY C 197 6.58 -5.92 -18.14
C GLY C 197 5.67 -7.11 -18.04
N SER C 198 5.43 -7.79 -19.17
CA SER C 198 4.51 -8.92 -19.18
C SER C 198 4.81 -9.92 -20.28
N ALA C 199 4.32 -11.14 -20.09
CA ALA C 199 4.42 -12.17 -21.12
C ALA C 199 3.40 -13.28 -20.85
N GLU C 200 3.10 -14.07 -21.88
CA GLU C 200 2.20 -15.21 -21.70
C GLU C 200 3.03 -16.43 -21.34
N VAL C 201 2.46 -17.30 -20.53
CA VAL C 201 3.13 -18.54 -20.21
C VAL C 201 2.14 -19.68 -20.10
N SER C 202 2.54 -20.87 -20.49
CA SER C 202 1.69 -22.03 -20.24
C SER C 202 2.31 -22.90 -19.17
N VAL C 203 1.67 -22.96 -18.03
CA VAL C 203 2.22 -23.64 -16.88
C VAL C 203 1.91 -25.12 -16.88
N PRO C 204 2.90 -25.93 -17.19
CA PRO C 204 2.70 -27.37 -17.23
C PRO C 204 2.05 -27.88 -15.93
N GLU C 205 1.21 -28.91 -16.02
CA GLU C 205 0.42 -29.40 -14.89
C GLU C 205 1.28 -29.75 -13.68
N GLY C 206 0.88 -29.22 -12.52
CA GLY C 206 1.54 -29.55 -11.28
C GLY C 206 2.94 -28.98 -11.09
N VAL C 207 3.32 -27.96 -11.85
CA VAL C 207 4.56 -27.25 -11.50
C VAL C 207 4.27 -26.16 -10.50
N LYS C 208 5.25 -25.91 -9.65
CA LYS C 208 5.14 -24.93 -8.60
C LYS C 208 6.38 -24.05 -8.72
N TRP C 209 6.27 -22.81 -8.27
CA TRP C 209 7.39 -21.90 -8.31
C TRP C 209 7.44 -21.06 -7.05
N GLU C 210 8.62 -20.57 -6.71
CA GLU C 210 8.77 -19.63 -5.61
C GLU C 210 9.75 -18.51 -5.98
N ILE C 211 9.58 -17.35 -5.36
CA ILE C 211 10.53 -16.25 -5.51
C ILE C 211 11.00 -15.80 -4.12
N TYR C 212 12.31 -15.67 -3.93
CA TYR C 212 12.84 -15.27 -2.63
C TYR C 212 14.21 -14.64 -2.83
N PRO C 213 14.71 -13.89 -1.82
CA PRO C 213 16.03 -13.27 -1.98
C PRO C 213 17.16 -14.29 -2.16
N ASN C 214 18.10 -13.99 -3.06
CA ASN C 214 19.33 -14.76 -3.20
C ASN C 214 20.22 -14.47 -2.00
N PRO C 215 20.50 -15.50 -1.19
CA PRO C 215 21.18 -15.29 0.09
C PRO C 215 22.59 -14.77 -0.07
N VAL C 216 23.16 -14.99 -1.22
CA VAL C 216 24.52 -14.63 -1.48
C VAL C 216 24.67 -13.48 -2.49
N ALA C 217 23.56 -12.88 -2.88
CA ALA C 217 23.53 -11.73 -3.79
C ALA C 217 22.48 -10.72 -3.38
N ARG C 218 22.83 -9.83 -2.47
CA ARG C 218 21.87 -8.87 -1.95
C ARG C 218 21.32 -7.99 -3.07
N ARG C 219 20.01 -7.92 -3.06
CA ARG C 219 19.15 -7.23 -4.01
C ARG C 219 18.77 -8.00 -5.27
N PHE C 220 19.20 -9.23 -5.40
CA PHE C 220 18.75 -10.10 -6.47
C PHE C 220 17.86 -11.21 -5.93
N MSE C 221 16.78 -11.52 -6.62
CA MSE C 221 15.95 -12.63 -6.24
C MSE C 221 16.23 -13.90 -6.97
O MSE C 221 16.76 -13.86 -8.06
CB MSE C 221 14.49 -12.31 -6.48
CG MSE C 221 14.20 -10.92 -6.00
SE MSE C 221 14.10 -10.86 -4.06
CE MSE C 221 15.61 -9.68 -3.70
N ILE C 222 15.88 -15.03 -6.36
CA ILE C 222 15.91 -16.34 -6.99
C ILE C 222 14.48 -16.63 -7.41
N PHE C 223 14.30 -17.17 -8.63
CA PHE C 223 13.03 -17.72 -9.02
C PHE C 223 13.26 -19.24 -9.08
N GLU C 224 12.64 -19.98 -8.17
CA GLU C 224 12.94 -21.42 -8.07
C GLU C 224 11.77 -22.26 -8.54
N ILE C 225 12.04 -23.23 -9.41
CA ILE C 225 10.96 -23.98 -10.06
C ILE C 225 10.98 -25.51 -9.84
N PHE C 226 9.84 -26.07 -9.44
CA PHE C 226 9.74 -27.52 -9.23
C PHE C 226 8.87 -28.24 -10.28
N SER C 227 9.21 -29.50 -10.56
CA SER C 227 8.38 -30.37 -11.40
C SER C 227 7.49 -31.24 -10.52
N SER D 1 16.89 20.43 17.80
CA SER D 1 17.78 20.89 16.73
C SER D 1 17.04 21.45 15.50
N ARG D 2 17.37 22.69 15.14
CA ARG D 2 16.67 23.47 14.11
C ARG D 2 17.68 23.90 13.04
N ILE D 3 17.38 23.57 11.78
CA ILE D 3 18.39 23.61 10.72
C ILE D 3 17.88 24.33 9.47
N VAL D 4 18.64 25.28 8.96
CA VAL D 4 18.29 25.90 7.67
C VAL D 4 19.15 25.28 6.58
N ALA D 5 18.55 24.94 5.44
CA ALA D 5 19.29 24.35 4.33
C ALA D 5 18.84 24.94 2.99
N ALA D 6 19.71 24.89 1.98
CA ALA D 6 19.33 25.39 0.66
C ALA D 6 19.80 24.50 -0.48
N ASP D 7 19.05 24.49 -1.59
CA ASP D 7 19.49 23.81 -2.80
C ASP D 7 18.82 24.34 -4.07
N THR D 8 19.49 24.19 -5.22
CA THR D 8 18.87 24.40 -6.56
C THR D 8 18.93 23.05 -7.26
N GLY D 9 17.91 22.58 -7.97
CA GLY D 9 16.69 23.27 -8.38
C GLY D 9 16.21 22.41 -9.55
N GLY D 10 14.94 22.45 -9.93
CA GLY D 10 14.52 21.67 -11.10
C GLY D 10 15.17 22.19 -12.40
N ALA D 11 14.91 21.55 -13.53
CA ALA D 11 15.59 21.98 -14.75
C ALA D 11 14.70 21.97 -15.98
N VAL D 12 14.80 23.04 -16.77
CA VAL D 12 14.15 23.08 -18.07
C VAL D 12 14.96 22.27 -19.06
N LEU D 13 14.32 21.31 -19.72
CA LEU D 13 15.01 20.42 -20.66
C LEU D 13 14.57 20.69 -22.12
N ASP D 14 15.47 20.50 -23.08
CA ASP D 14 15.01 20.46 -24.47
C ASP D 14 14.41 19.09 -24.80
N GLU D 15 14.00 18.90 -26.06
CA GLU D 15 13.36 17.65 -26.47
C GLU D 15 14.31 16.45 -26.43
N THR D 16 15.62 16.73 -26.42
CA THR D 16 16.67 15.70 -26.29
C THR D 16 16.80 15.27 -24.81
N PHE D 17 16.01 15.90 -23.94
CA PHE D 17 16.11 15.76 -22.49
C PHE D 17 17.41 16.29 -21.91
N GLU D 18 18.12 17.11 -22.68
CA GLU D 18 19.29 17.82 -22.18
C GLU D 18 18.87 19.06 -21.41
N PRO D 19 19.45 19.28 -20.22
CA PRO D 19 19.16 20.45 -19.37
C PRO D 19 19.67 21.73 -20.02
N ILE D 20 18.86 22.78 -20.07
CA ILE D 20 19.37 24.07 -20.53
C ILE D 20 19.61 25.04 -19.37
N GLY D 21 18.84 24.90 -18.29
CA GLY D 21 19.07 25.69 -17.09
C GLY D 21 18.19 25.34 -15.90
N LEU D 22 18.71 25.62 -14.70
CA LEU D 22 17.95 25.41 -13.46
C LEU D 22 16.88 26.49 -13.22
N ILE D 23 15.94 26.20 -12.32
CA ILE D 23 14.75 27.01 -12.13
C ILE D 23 14.65 27.62 -10.73
N ALA D 24 14.57 26.78 -9.71
CA ALA D 24 14.30 27.27 -8.36
C ALA D 24 15.43 27.03 -7.36
N THR D 25 15.77 28.08 -6.61
CA THR D 25 16.66 27.92 -5.46
C THR D 25 15.76 28.08 -4.25
N VAL D 26 15.82 27.12 -3.34
CA VAL D 26 14.90 27.11 -2.20
C VAL D 26 15.67 27.01 -0.88
N ALA D 27 15.28 27.81 0.11
CA ALA D 27 15.79 27.66 1.47
C ALA D 27 14.66 27.21 2.37
N VAL D 28 14.92 26.18 3.18
CA VAL D 28 13.94 25.67 4.13
C VAL D 28 14.45 25.64 5.58
N LEU D 29 13.53 25.78 6.53
CA LEU D 29 13.82 25.51 7.93
C LEU D 29 13.29 24.13 8.26
N VAL D 30 14.15 23.29 8.83
CA VAL D 30 13.72 21.95 9.19
C VAL D 30 13.93 21.67 10.68
N GLU D 31 12.84 21.34 11.38
CA GLU D 31 12.95 20.82 12.74
C GLU D 31 12.45 19.37 12.82
N LYS D 32 12.62 18.79 14.00
CA LYS D 32 12.15 17.45 14.32
C LYS D 32 10.65 17.35 13.99
N PRO D 33 10.22 16.26 13.33
CA PRO D 33 11.01 15.04 13.13
C PRO D 33 11.72 14.95 11.78
N TYR D 34 12.10 16.11 11.23
CA TYR D 34 12.94 16.16 10.04
C TYR D 34 12.36 15.47 8.80
N ARG D 35 11.06 15.60 8.59
CA ARG D 35 10.44 15.04 7.41
C ARG D 35 10.01 16.09 6.39
N SER D 36 9.92 17.34 6.80
CA SER D 36 9.42 18.38 5.93
C SER D 36 9.86 19.73 6.46
N ALA D 37 9.47 20.81 5.76
CA ALA D 37 9.94 22.14 6.08
C ALA D 37 8.89 22.89 6.88
N LYS D 38 9.35 23.60 7.89
CA LYS D 38 8.49 24.41 8.76
C LYS D 38 8.21 25.73 8.05
N GLU D 39 9.18 26.16 7.26
CA GLU D 39 9.12 27.44 6.57
C GLU D 39 10.03 27.41 5.34
N VAL D 40 9.70 28.20 4.32
CA VAL D 40 10.40 28.15 3.04
C VAL D 40 10.54 29.55 2.42
N MSE D 41 11.65 29.80 1.73
CA MSE D 41 11.67 30.90 0.77
C MSE D 41 12.34 30.57 -0.56
O MSE D 41 13.32 29.82 -0.63
CB MSE D 41 12.24 32.18 1.41
CG MSE D 41 13.63 32.07 1.94
SE MSE D 41 14.19 33.81 2.73
CE MSE D 41 12.86 34.05 4.15
N VAL D 42 11.78 31.12 -1.64
CA VAL D 42 12.10 30.68 -3.00
C VAL D 42 12.65 31.82 -3.86
N LYS D 43 13.76 31.55 -4.54
CA LYS D 43 14.28 32.47 -5.55
C LYS D 43 14.29 31.79 -6.92
N TYR D 44 13.49 32.30 -7.87
CA TYR D 44 13.48 31.72 -9.22
C TYR D 44 14.58 32.26 -10.09
N ALA D 45 15.36 31.38 -10.71
CA ALA D 45 16.39 31.81 -11.64
C ALA D 45 15.75 31.97 -13.01
N ASN D 46 16.52 32.43 -13.99
CA ASN D 46 16.06 32.37 -15.38
C ASN D 46 16.75 31.20 -16.07
N PRO D 47 15.98 30.13 -16.34
CA PRO D 47 16.54 28.88 -16.88
C PRO D 47 17.11 29.02 -18.29
N TYR D 48 16.51 29.90 -19.08
CA TYR D 48 17.13 30.35 -20.33
C TYR D 48 18.08 31.46 -19.85
N ASP D 49 19.27 31.55 -20.42
CA ASP D 49 20.31 32.46 -19.89
C ASP D 49 20.77 32.08 -18.47
N TYR D 50 20.77 30.79 -18.19
CA TYR D 50 21.28 30.25 -16.94
C TYR D 50 22.69 29.75 -17.13
N ASP D 51 23.55 29.91 -16.14
CA ASP D 51 24.91 29.42 -16.23
C ASP D 51 25.12 28.01 -15.71
N LEU D 52 24.70 27.00 -16.46
CA LEU D 52 24.82 25.62 -16.02
C LEU D 52 26.29 25.35 -15.85
N THR D 53 27.06 25.93 -16.74
CA THR D 53 28.48 25.86 -16.63
C THR D 53 28.81 26.63 -15.33
N GLY D 54 29.56 25.99 -14.44
CA GLY D 54 29.92 26.66 -13.21
C GLY D 54 28.78 26.70 -12.20
N ARG D 55 28.99 27.41 -11.10
CA ARG D 55 27.91 27.67 -10.16
C ARG D 55 27.78 29.11 -9.76
N GLN D 56 26.55 29.57 -9.86
CA GLN D 56 26.10 30.80 -9.30
C GLN D 56 24.95 30.35 -8.45
N ALA D 57 24.55 29.11 -8.63
CA ALA D 57 23.52 28.50 -7.81
C ALA D 57 24.00 28.31 -6.37
N ILE D 58 25.27 28.00 -6.21
CA ILE D 58 25.79 27.83 -4.87
C ILE D 58 25.99 29.19 -4.24
N ARG D 59 26.18 30.21 -5.08
CA ARG D 59 26.26 31.58 -4.60
C ARG D 59 24.86 31.99 -4.12
N ASP D 60 23.84 31.58 -4.85
CA ASP D 60 22.48 31.95 -4.51
C ASP D 60 21.92 31.18 -3.32
N GLU D 61 22.39 29.95 -3.12
CA GLU D 61 21.97 29.12 -1.99
C GLU D 61 22.45 29.72 -0.67
N VAL D 62 23.74 30.03 -0.60
CA VAL D 62 24.30 30.65 0.60
C VAL D 62 23.54 31.93 0.94
N LEU D 63 23.33 32.79 -0.04
CA LEU D 63 22.65 34.08 0.19
C LEU D 63 21.24 33.87 0.74
N LEU D 64 20.50 32.97 0.12
CA LEU D 64 19.12 32.72 0.53
C LEU D 64 19.06 32.02 1.89
N ALA D 65 20.00 31.11 2.14
CA ALA D 65 20.07 30.43 3.43
C ALA D 65 20.29 31.45 4.54
N ILE D 66 21.20 32.39 4.29
CA ILE D 66 21.53 33.44 5.24
C ILE D 66 20.29 34.31 5.53
N GLU D 67 19.55 34.63 4.49
CA GLU D 67 18.38 35.46 4.62
C GLU D 67 17.30 34.77 5.45
N LEU D 68 17.11 33.46 5.26
CA LEU D 68 16.12 32.74 6.05
C LEU D 68 16.61 32.58 7.47
N ALA D 69 17.92 32.36 7.61
CA ALA D 69 18.54 32.23 8.92
C ALA D 69 18.37 33.52 9.74
N ARG D 70 18.43 34.68 9.10
CA ARG D 70 18.27 35.95 9.82
C ARG D 70 16.85 36.03 10.38
N LYS D 71 15.90 35.49 9.64
CA LYS D 71 14.51 35.51 10.09
C LYS D 71 14.15 34.47 11.18
N VAL D 72 14.63 33.24 11.02
CA VAL D 72 14.18 32.13 11.86
C VAL D 72 15.18 31.73 12.94
N LYS D 73 16.39 32.25 12.84
CA LYS D 73 17.43 32.06 13.86
C LYS D 73 17.70 30.60 14.17
N PRO D 74 18.22 29.85 13.19
CA PRO D 74 18.42 28.41 13.35
C PRO D 74 19.73 28.14 14.07
N ASP D 75 20.03 26.88 14.34
CA ASP D 75 21.29 26.51 14.99
C ASP D 75 22.45 26.41 13.99
N VAL D 76 22.13 26.04 12.76
CA VAL D 76 23.16 25.78 11.77
C VAL D 76 22.58 25.90 10.35
N ILE D 77 23.46 26.15 9.38
CA ILE D 77 23.09 26.13 7.97
C ILE D 77 23.81 24.95 7.26
N HIS D 78 23.03 24.11 6.58
CA HIS D 78 23.58 23.01 5.80
C HIS D 78 23.61 23.41 4.33
N LEU D 79 24.78 23.32 3.72
CA LEU D 79 24.93 23.57 2.27
C LEU D 79 25.07 22.26 1.49
N ASP D 80 24.47 22.20 0.30
CA ASP D 80 24.67 21.07 -0.59
C ASP D 80 26.01 21.15 -1.32
N SER D 81 27.05 20.66 -0.68
CA SER D 81 28.35 20.53 -1.31
C SER D 81 29.12 19.55 -0.47
N THR D 82 29.48 18.40 -1.01
CA THR D 82 30.03 17.39 -0.14
C THR D 82 31.52 17.51 0.08
N LEU D 83 31.82 18.05 1.25
CA LEU D 83 33.14 18.16 1.78
C LEU D 83 32.90 17.61 3.17
N GLY D 84 33.95 17.27 3.90
CA GLY D 84 33.76 16.48 5.09
C GLY D 84 33.25 17.35 6.19
N GLY D 85 32.14 18.01 5.92
CA GLY D 85 31.47 18.88 6.86
C GLY D 85 32.13 20.19 7.16
N ILE D 86 33.06 20.63 6.31
CA ILE D 86 33.85 21.78 6.64
C ILE D 86 33.05 23.09 6.71
N GLU D 87 33.38 23.93 7.67
CA GLU D 87 32.73 25.22 7.80
C GLU D 87 33.18 26.13 6.68
N LEU D 88 32.24 26.87 6.12
CA LEU D 88 32.56 27.77 5.02
C LEU D 88 33.49 28.90 5.48
N ARG D 89 33.34 29.28 6.75
CA ARG D 89 34.17 30.30 7.40
C ARG D 89 35.63 30.02 7.16
N LYS D 90 35.99 28.74 7.24
CA LYS D 90 37.36 28.30 7.27
C LYS D 90 37.87 27.92 5.89
N LEU D 91 37.14 28.33 4.86
CA LEU D 91 37.51 27.96 3.49
C LEU D 91 38.44 28.99 2.86
N ASP D 92 39.73 28.88 3.17
CA ASP D 92 40.76 29.63 2.45
C ASP D 92 41.55 28.69 1.54
N GLU D 93 42.42 29.24 0.69
CA GLU D 93 43.18 28.44 -0.27
C GLU D 93 43.95 27.24 0.31
N PRO D 94 44.64 27.41 1.45
CA PRO D 94 45.33 26.27 2.05
C PRO D 94 44.38 25.09 2.32
N THR D 95 43.39 25.31 3.17
CA THR D 95 42.43 24.27 3.57
C THR D 95 41.70 23.63 2.38
N ILE D 96 41.47 24.42 1.33
CA ILE D 96 40.88 23.92 0.07
C ILE D 96 41.84 22.97 -0.65
N ASP D 97 43.12 23.32 -0.66
CA ASP D 97 44.13 22.47 -1.28
C ASP D 97 44.37 21.23 -0.44
N ALA D 98 44.26 21.38 0.88
CA ALA D 98 44.37 20.26 1.81
C ALA D 98 43.22 19.26 1.63
N LEU D 99 42.14 19.72 1.00
CA LEU D 99 40.93 18.90 0.82
C LEU D 99 41.14 17.63 0.00
N GLY D 100 40.25 16.66 0.23
CA GLY D 100 40.28 15.41 -0.49
C GLY D 100 39.22 15.35 -1.58
N ILE D 101 39.20 16.37 -2.43
CA ILE D 101 38.29 16.39 -3.57
C ILE D 101 39.08 16.60 -4.85
N SER D 102 38.42 16.41 -6.00
CA SER D 102 39.06 16.49 -7.31
C SER D 102 39.90 17.74 -7.49
N ASP D 103 41.03 17.60 -8.18
CA ASP D 103 41.87 18.76 -8.52
C ASP D 103 41.09 19.73 -9.40
N LYS D 104 40.03 19.22 -10.03
CA LYS D 104 39.05 20.05 -10.73
C LYS D 104 38.20 20.85 -9.75
N GLY D 105 37.81 20.19 -8.67
CA GLY D 105 37.00 20.82 -7.63
C GLY D 105 37.72 21.99 -6.95
N LYS D 106 38.93 21.73 -6.47
CA LYS D 106 39.70 22.70 -5.69
C LYS D 106 39.85 24.08 -6.35
N GLU D 107 39.55 24.20 -7.65
CA GLU D 107 39.69 25.47 -8.36
C GLU D 107 38.38 26.24 -8.52
N VAL D 108 37.27 25.50 -8.56
CA VAL D 108 35.96 26.13 -8.60
C VAL D 108 35.70 26.80 -7.24
N TRP D 109 36.16 26.16 -6.18
CA TRP D 109 35.98 26.69 -4.85
C TRP D 109 36.93 27.85 -4.52
N LYS D 110 38.12 27.81 -5.12
CA LYS D 110 39.08 28.88 -4.89
C LYS D 110 38.57 30.20 -5.43
N GLU D 111 37.70 30.13 -6.44
CA GLU D 111 37.07 31.35 -6.97
C GLU D 111 35.87 31.71 -6.11
N LEU D 112 35.19 30.68 -5.64
CA LEU D 112 34.01 30.83 -4.78
C LEU D 112 34.38 31.38 -3.39
N SER D 113 35.39 30.77 -2.76
CA SER D 113 35.87 31.18 -1.45
C SER D 113 36.19 32.67 -1.36
N LYS D 114 36.48 33.29 -2.50
CA LYS D 114 36.87 34.69 -2.54
C LYS D 114 35.83 35.64 -1.94
N ASP D 115 34.56 35.33 -2.10
CA ASP D 115 33.50 36.18 -1.55
C ASP D 115 32.63 35.47 -0.49
N LEU D 116 32.50 34.14 -0.62
CA LEU D 116 31.64 33.38 0.29
C LEU D 116 32.23 33.22 1.69
N GLN D 117 33.49 32.82 1.76
CA GLN D 117 34.18 32.71 3.05
C GLN D 117 34.08 33.99 3.91
N PRO D 118 34.39 35.17 3.34
CA PRO D 118 34.25 36.36 4.18
C PRO D 118 32.79 36.62 4.53
N LEU D 119 31.87 36.31 3.61
CA LEU D 119 30.45 36.50 3.89
C LEU D 119 30.03 35.59 5.05
N ALA D 120 30.56 34.36 5.02
CA ALA D 120 30.22 33.37 6.02
C ALA D 120 30.89 33.69 7.36
N ARG D 121 32.06 34.34 7.31
CA ARG D 121 32.75 34.71 8.55
C ARG D 121 32.05 35.87 9.24
N LYS D 122 31.74 36.91 8.47
CA LYS D 122 30.97 38.04 8.95
C LYS D 122 29.67 37.58 9.63
N PHE D 123 28.94 36.71 8.93
CA PHE D 123 27.71 36.16 9.47
C PHE D 123 27.94 35.37 10.74
N TRP D 124 29.04 34.61 10.79
CA TRP D 124 29.31 33.82 11.97
C TRP D 124 29.67 34.73 13.17
N GLU D 125 30.33 35.84 12.88
CA GLU D 125 30.75 36.74 13.92
C GLU D 125 29.53 37.40 14.55
N GLU D 126 28.50 37.64 13.76
CA GLU D 126 27.33 38.30 14.32
C GLU D 126 26.26 37.35 14.84
N THR D 127 26.37 36.06 14.53
CA THR D 127 25.31 35.12 14.84
C THR D 127 25.76 33.86 15.55
N ASN D 128 27.00 33.48 15.29
CA ASN D 128 27.53 32.17 15.67
C ASN D 128 26.95 30.97 14.89
N ILE D 129 26.19 31.26 13.84
CA ILE D 129 25.67 30.23 12.98
C ILE D 129 26.74 29.80 11.97
N GLU D 130 27.15 28.53 12.03
CA GLU D 130 28.10 27.98 11.06
C GLU D 130 27.36 27.62 9.77
N ILE D 131 28.04 27.69 8.64
CA ILE D 131 27.47 27.24 7.36
C ILE D 131 28.33 26.06 6.96
N VAL D 132 27.79 24.84 7.06
CA VAL D 132 28.61 23.65 6.84
C VAL D 132 28.30 22.99 5.50
N ALA D 133 29.36 22.65 4.77
CA ALA D 133 29.22 21.95 3.50
C ALA D 133 29.19 20.45 3.80
N ILE D 134 27.99 19.93 4.02
CA ILE D 134 27.80 18.56 4.46
C ILE D 134 27.30 17.72 3.28
N GLY D 135 26.53 18.34 2.41
CA GLY D 135 26.12 17.72 1.17
C GLY D 135 25.12 16.59 1.29
N LYS D 136 25.40 15.49 0.59
CA LYS D 136 24.46 14.39 0.40
C LYS D 136 23.95 13.74 1.70
N SER D 137 24.71 13.85 2.78
CA SER D 137 24.32 13.15 4.01
C SER D 137 23.33 13.95 4.87
N SER D 138 22.97 15.14 4.43
CA SER D 138 22.05 15.98 5.19
C SER D 138 20.61 15.77 4.78
N VAL D 139 19.77 15.42 5.74
CA VAL D 139 18.33 15.34 5.44
C VAL D 139 17.73 16.71 5.10
N PRO D 140 18.10 17.78 5.83
CA PRO D 140 17.63 19.10 5.44
C PRO D 140 17.97 19.50 3.99
N VAL D 141 19.15 19.13 3.51
CA VAL D 141 19.54 19.44 2.14
C VAL D 141 18.65 18.70 1.14
N ARG D 142 18.30 17.47 1.50
CA ARG D 142 17.45 16.67 0.65
C ARG D 142 16.04 17.23 0.67
N ILE D 143 15.59 17.72 1.82
CA ILE D 143 14.25 18.31 1.90
C ILE D 143 14.19 19.60 1.08
N ALA D 144 15.28 20.36 1.10
CA ALA D 144 15.35 21.58 0.29
C ALA D 144 15.27 21.22 -1.19
N GLU D 145 15.87 20.12 -1.61
CA GLU D 145 15.86 19.67 -2.99
C GLU D 145 14.49 19.19 -3.45
N ILE D 146 13.69 18.71 -2.53
CA ILE D 146 12.34 18.35 -2.83
C ILE D 146 11.50 19.61 -2.99
N TYR D 147 11.81 20.61 -2.20
CA TYR D 147 11.13 21.87 -2.32
C TYR D 147 11.51 22.56 -3.63
N ALA D 148 12.76 22.49 -4.01
CA ALA D 148 13.19 23.00 -5.31
C ALA D 148 12.39 22.35 -6.45
N GLY D 149 12.15 21.05 -6.33
CA GLY D 149 11.38 20.33 -7.32
C GLY D 149 9.94 20.77 -7.32
N ILE D 150 9.41 21.02 -6.13
CA ILE D 150 8.01 21.43 -6.02
C ILE D 150 7.83 22.82 -6.62
N TYR D 151 8.74 23.72 -6.27
CA TYR D 151 8.64 25.08 -6.78
C TYR D 151 9.02 25.18 -8.24
N SER D 152 9.68 24.14 -8.78
CA SER D 152 9.94 24.06 -10.21
C SER D 152 8.70 23.60 -10.96
N ALA D 153 7.93 22.69 -10.39
CA ALA D 153 6.67 22.32 -10.99
C ALA D 153 5.71 23.52 -10.96
N LYS D 154 5.67 24.21 -9.84
CA LYS D 154 4.86 25.43 -9.71
C LYS D 154 5.20 26.47 -10.79
N TRP D 155 6.49 26.73 -10.95
CA TRP D 155 6.97 27.70 -11.91
C TRP D 155 6.55 27.29 -13.32
N GLY D 156 6.42 25.99 -13.53
CA GLY D 156 6.05 25.46 -14.82
C GLY D 156 4.58 25.60 -15.12
N ILE D 157 3.73 25.43 -14.15
CA ILE D 157 2.32 25.63 -14.34
C ILE D 157 2.04 27.09 -14.64
N GLU D 158 2.76 28.00 -14.03
CA GLU D 158 2.54 29.43 -14.16
C GLU D 158 3.32 30.08 -15.30
N ASN D 159 4.24 29.36 -15.91
CA ASN D 159 4.93 29.89 -17.07
C ASN D 159 4.63 29.14 -18.35
N VAL D 160 3.69 28.22 -18.29
CA VAL D 160 3.37 27.42 -19.44
C VAL D 160 2.77 28.27 -20.52
N GLU D 161 2.16 29.39 -20.16
CA GLU D 161 1.45 30.13 -21.21
C GLU D 161 2.43 30.95 -22.04
N LYS D 162 3.41 31.58 -21.40
CA LYS D 162 4.50 32.26 -22.12
C LYS D 162 5.15 31.33 -23.15
N GLU D 163 5.78 30.27 -22.65
CA GLU D 163 6.30 29.19 -23.51
C GLU D 163 5.09 28.35 -23.83
N GLY D 164 5.10 27.60 -24.93
CA GLY D 164 3.89 26.88 -25.31
C GLY D 164 3.78 25.51 -24.68
N HIS D 165 4.93 25.01 -24.25
CA HIS D 165 5.07 23.64 -23.80
C HIS D 165 6.36 23.57 -23.01
N LEU D 166 6.34 22.81 -21.92
CA LEU D 166 7.43 22.80 -20.96
C LEU D 166 7.80 21.37 -20.51
N ILE D 167 9.09 21.03 -20.65
CA ILE D 167 9.60 19.76 -20.13
C ILE D 167 10.54 20.04 -18.96
N ILE D 168 10.16 19.58 -17.78
CA ILE D 168 10.93 19.88 -16.57
C ILE D 168 11.54 18.62 -15.94
N GLY D 169 12.84 18.65 -15.74
CA GLY D 169 13.54 17.57 -15.10
C GLY D 169 13.57 17.81 -13.60
N LEU D 170 12.88 16.95 -12.87
CA LEU D 170 12.83 17.04 -11.41
C LEU D 170 14.12 16.47 -10.81
N PRO D 171 14.38 16.85 -9.60
CA PRO D 171 15.57 16.38 -8.90
C PRO D 171 15.34 14.91 -8.59
N ARG D 172 16.38 14.22 -8.17
CA ARG D 172 16.37 12.77 -8.08
C ARG D 172 15.21 12.16 -7.38
N TYR D 173 14.63 11.17 -8.02
CA TYR D 173 13.71 10.29 -7.36
C TYR D 173 12.66 10.95 -6.51
N MSE D 174 11.93 11.85 -7.12
CA MSE D 174 10.85 12.51 -6.47
C MSE D 174 9.70 12.66 -7.40
O MSE D 174 9.84 12.77 -8.58
CB MSE D 174 11.36 13.81 -5.91
CG MSE D 174 11.65 14.88 -6.93
SE MSE D 174 11.34 16.60 -6.09
CE MSE D 174 9.42 16.38 -5.99
N GLU D 175 8.52 12.67 -6.85
CA GLU D 175 7.34 12.89 -7.66
C GLU D 175 6.62 14.14 -7.17
N VAL D 176 5.68 14.59 -8.00
CA VAL D 176 4.90 15.75 -7.71
C VAL D 176 3.46 15.41 -8.09
N ASN D 177 2.52 15.81 -7.24
CA ASN D 177 1.09 15.62 -7.49
C ASN D 177 0.33 16.90 -7.17
N ILE D 178 -0.65 17.21 -7.98
CA ILE D 178 -1.43 18.43 -7.86
C ILE D 178 -2.91 18.18 -7.74
N LYS D 179 -3.53 18.69 -6.72
CA LYS D 179 -4.96 18.67 -6.61
C LYS D 179 -5.45 19.84 -5.82
N ASP D 180 -6.49 20.51 -6.29
CA ASP D 180 -7.15 21.51 -5.45
C ASP D 180 -6.25 22.67 -5.02
N GLY D 181 -5.39 23.13 -5.90
CA GLY D 181 -4.52 24.26 -5.63
C GLY D 181 -3.20 24.00 -4.93
N LYS D 182 -2.93 22.75 -4.60
CA LYS D 182 -1.75 22.35 -3.84
C LYS D 182 -0.84 21.38 -4.60
N ILE D 183 0.46 21.61 -4.64
CA ILE D 183 1.41 20.63 -5.11
C ILE D 183 2.02 19.89 -3.91
N ILE D 184 1.90 18.58 -3.87
CA ILE D 184 2.60 17.76 -2.89
C ILE D 184 3.78 17.10 -3.58
N GLY D 185 4.97 17.27 -3.02
CA GLY D 185 6.17 16.65 -3.54
C GLY D 185 6.63 15.65 -2.48
N ARG D 186 7.16 14.52 -2.93
CA ARG D 186 7.57 13.45 -2.04
C ARG D 186 8.78 12.74 -2.63
N SER D 187 9.71 12.34 -1.79
CA SER D 187 10.77 11.44 -2.24
C SER D 187 10.14 10.12 -2.63
N LEU D 188 10.68 9.47 -3.65
CA LEU D 188 10.24 8.12 -4.03
C LEU D 188 11.03 7.04 -3.29
N ASP D 189 12.05 7.44 -2.52
CA ASP D 189 12.87 6.50 -1.78
C ASP D 189 12.37 6.31 -0.34
N PRO D 190 11.78 5.14 -0.04
CA PRO D 190 11.29 4.81 1.30
C PRO D 190 12.42 4.76 2.33
N ARG D 191 13.65 4.55 1.86
CA ARG D 191 14.78 4.48 2.79
C ARG D 191 15.06 5.83 3.43
N GLU D 192 14.55 6.91 2.83
CA GLU D 192 14.82 8.25 3.32
C GLU D 192 13.86 8.61 4.47
N GLY D 193 12.76 7.88 4.62
CA GLY D 193 11.92 7.97 5.81
C GLY D 193 10.67 8.84 5.78
N GLY D 194 10.18 9.17 4.60
CA GLY D 194 8.93 9.92 4.47
C GLY D 194 9.08 11.41 4.22
N LEU D 195 10.10 11.80 3.46
CA LEU D 195 10.33 13.22 3.19
C LEU D 195 9.35 13.74 2.13
N TYR D 196 8.71 14.87 2.43
CA TYR D 196 7.70 15.44 1.54
C TYR D 196 7.62 16.94 1.75
N GLY D 197 7.00 17.63 0.79
CA GLY D 197 6.85 19.07 0.89
C GLY D 197 5.58 19.53 0.22
N SER D 198 5.34 20.83 0.21
CA SER D 198 4.08 21.35 -0.31
C SER D 198 4.17 22.80 -0.76
N ALA D 199 3.27 23.19 -1.66
CA ALA D 199 3.21 24.56 -2.16
C ALA D 199 1.82 24.84 -2.70
N GLU D 200 1.43 26.12 -2.72
CA GLU D 200 0.17 26.51 -3.35
C GLU D 200 0.43 26.72 -4.82
N VAL D 201 -0.58 26.47 -5.64
CA VAL D 201 -0.45 26.75 -7.06
C VAL D 201 -1.82 27.10 -7.63
N SER D 202 -1.80 27.95 -8.63
CA SER D 202 -3.00 28.30 -9.38
C SER D 202 -2.86 27.87 -10.82
N VAL D 203 -3.63 26.87 -11.21
CA VAL D 203 -3.48 26.24 -12.50
C VAL D 203 -4.25 26.96 -13.58
N PRO D 204 -3.54 27.53 -14.54
CA PRO D 204 -4.19 28.25 -15.61
C PRO D 204 -5.31 27.40 -16.21
N GLU D 205 -6.34 28.02 -16.75
CA GLU D 205 -7.43 27.30 -17.39
C GLU D 205 -6.91 26.45 -18.55
N GLY D 206 -7.14 25.14 -18.48
CA GLY D 206 -6.81 24.26 -19.57
C GLY D 206 -5.39 23.73 -19.65
N VAL D 207 -4.51 24.09 -18.72
CA VAL D 207 -3.20 23.41 -18.70
C VAL D 207 -3.32 22.01 -18.13
N LYS D 208 -2.49 21.13 -18.63
CA LYS D 208 -2.47 19.74 -18.24
C LYS D 208 -1.03 19.39 -18.00
N TRP D 209 -0.77 18.46 -17.13
CA TRP D 209 0.58 18.01 -16.86
C TRP D 209 0.66 16.50 -16.75
N GLU D 210 1.84 15.96 -16.95
CA GLU D 210 2.14 14.56 -16.69
C GLU D 210 3.48 14.35 -16.01
N ILE D 211 3.62 13.27 -15.29
CA ILE D 211 4.92 12.89 -14.73
C ILE D 211 5.29 11.46 -15.15
N TYR D 212 6.53 11.27 -15.58
CA TYR D 212 6.97 9.95 -16.05
C TYR D 212 8.49 9.88 -16.04
N PRO D 213 9.07 8.66 -16.03
CA PRO D 213 10.53 8.57 -16.01
C PRO D 213 11.21 9.26 -17.21
N ASN D 214 12.31 9.95 -16.94
CA ASN D 214 13.22 10.46 -17.95
C ASN D 214 13.97 9.27 -18.53
N PRO D 215 13.74 8.99 -19.84
CA PRO D 215 14.26 7.79 -20.51
C PRO D 215 15.78 7.79 -20.56
N VAL D 216 16.41 8.93 -20.47
CA VAL D 216 17.85 9.01 -20.51
C VAL D 216 18.54 9.30 -19.14
N ALA D 217 17.75 9.37 -18.08
CA ALA D 217 18.26 9.56 -16.72
C ALA D 217 17.51 8.74 -15.68
N ARG D 218 17.87 7.49 -15.49
CA ARG D 218 17.33 6.66 -14.41
C ARG D 218 17.99 7.30 -13.19
N ARG D 219 17.33 7.60 -12.09
CA ARG D 219 15.94 7.49 -11.77
C ARG D 219 15.37 8.92 -11.49
N PHE D 220 15.33 9.75 -12.52
CA PHE D 220 14.76 11.08 -12.44
C PHE D 220 13.46 11.12 -13.20
N MSE D 221 12.46 11.80 -12.68
CA MSE D 221 11.18 11.98 -13.37
C MSE D 221 11.16 13.25 -14.24
O MSE D 221 11.87 14.22 -13.95
CB MSE D 221 10.05 12.03 -12.34
CG MSE D 221 10.10 10.85 -11.38
SE MSE D 221 9.94 9.12 -12.31
CE MSE D 221 11.72 8.41 -11.92
N ILE D 222 10.38 13.21 -15.30
CA ILE D 222 10.07 14.39 -16.09
C ILE D 222 8.73 14.88 -15.60
N PHE D 223 8.61 16.18 -15.35
CA PHE D 223 7.31 16.81 -15.18
C PHE D 223 7.00 17.53 -16.50
N GLU D 224 6.01 17.08 -17.26
CA GLU D 224 5.74 17.67 -18.57
C GLU D 224 4.45 18.48 -18.60
N ILE D 225 4.53 19.69 -19.13
CA ILE D 225 3.39 20.63 -19.08
C ILE D 225 2.86 21.11 -20.45
N PHE D 226 1.55 21.07 -20.64
CA PHE D 226 0.93 21.53 -21.89
C PHE D 226 0.02 22.74 -21.70
N SER D 227 0.01 23.66 -22.68
CA SER D 227 -0.97 24.73 -22.71
C SER D 227 -2.24 24.28 -23.41
N SER E 1 -22.12 -30.47 2.07
CA SER E 1 -20.92 -30.10 2.83
C SER E 1 -21.23 -29.78 4.29
N ARG E 2 -20.44 -30.32 5.19
CA ARG E 2 -20.68 -30.15 6.62
C ARG E 2 -19.40 -29.56 7.23
N ILE E 3 -19.54 -28.43 7.91
CA ILE E 3 -18.39 -27.65 8.33
C ILE E 3 -18.40 -27.31 9.82
N VAL E 4 -17.25 -27.51 10.48
CA VAL E 4 -17.07 -27.01 11.83
C VAL E 4 -16.24 -25.70 11.78
N ALA E 5 -16.64 -24.71 12.57
CA ALA E 5 -15.89 -23.47 12.63
C ALA E 5 -15.94 -22.96 14.05
N ALA E 6 -14.91 -22.22 14.49
CA ALA E 6 -14.91 -21.69 15.86
C ALA E 6 -14.61 -20.20 15.92
N ASP E 7 -15.10 -19.52 16.96
CA ASP E 7 -14.75 -18.11 17.18
C ASP E 7 -14.88 -17.60 18.62
N THR E 8 -14.02 -16.64 18.97
CA THR E 8 -14.11 -15.85 20.20
C THR E 8 -14.28 -14.40 19.75
N GLY E 9 -15.22 -13.62 20.28
CA GLY E 9 -16.09 -13.92 21.40
C GLY E 9 -16.67 -12.56 21.73
N GLY E 10 -17.50 -12.43 22.76
CA GLY E 10 -17.93 -11.09 23.18
C GLY E 10 -16.90 -10.50 24.14
N ALA E 11 -17.08 -9.26 24.57
CA ALA E 11 -16.12 -8.68 25.52
C ALA E 11 -16.78 -7.93 26.66
N VAL E 12 -16.21 -8.07 27.85
CA VAL E 12 -16.61 -7.23 28.97
C VAL E 12 -15.94 -5.88 28.78
N LEU E 13 -16.71 -4.84 28.95
CA LEU E 13 -16.22 -3.50 28.76
C LEU E 13 -16.22 -2.65 30.03
N ASP E 14 -15.44 -1.61 29.94
CA ASP E 14 -15.35 -0.51 30.88
C ASP E 14 -16.55 0.34 30.81
N GLU E 15 -16.59 1.28 31.72
CA GLU E 15 -17.43 2.44 31.63
C GLU E 15 -17.00 3.25 30.40
N THR E 16 -15.72 3.27 30.12
CA THR E 16 -15.11 3.92 28.99
C THR E 16 -15.39 3.24 27.65
N PHE E 17 -15.92 2.04 27.73
CA PHE E 17 -16.23 1.19 26.59
C PHE E 17 -15.00 0.43 26.07
N GLU E 18 -13.87 0.60 26.72
CA GLU E 18 -12.70 -0.16 26.39
C GLU E 18 -12.87 -1.59 26.84
N PRO E 19 -12.42 -2.53 26.03
CA PRO E 19 -12.55 -3.96 26.40
C PRO E 19 -11.53 -4.32 27.47
N ILE E 20 -11.91 -5.15 28.44
CA ILE E 20 -10.93 -5.67 29.39
C ILE E 20 -10.62 -7.17 29.16
N GLY E 21 -11.58 -7.93 28.64
CA GLY E 21 -11.34 -9.32 28.30
C GLY E 21 -12.47 -9.99 27.51
N LEU E 22 -12.09 -10.98 26.70
CA LEU E 22 -13.08 -11.74 25.92
C LEU E 22 -13.81 -12.74 26.82
N ILE E 23 -15.01 -13.13 26.40
CA ILE E 23 -15.88 -13.99 27.20
C ILE E 23 -16.01 -15.42 26.68
N ALA E 24 -16.55 -15.60 25.48
CA ALA E 24 -16.93 -16.95 25.01
C ALA E 24 -16.26 -17.43 23.73
N THR E 25 -15.76 -18.66 23.74
CA THR E 25 -15.37 -19.31 22.50
C THR E 25 -16.45 -20.33 22.15
N VAL E 26 -16.90 -20.35 20.90
CA VAL E 26 -17.92 -21.31 20.52
C VAL E 26 -17.48 -22.04 19.26
N ALA E 27 -17.74 -23.34 19.20
CA ALA E 27 -17.50 -24.11 18.00
C ALA E 27 -18.85 -24.59 17.49
N VAL E 28 -19.06 -24.50 16.18
CA VAL E 28 -20.38 -24.80 15.61
C VAL E 28 -20.26 -25.78 14.46
N LEU E 29 -21.31 -26.58 14.28
CA LEU E 29 -21.41 -27.44 13.12
C LEU E 29 -22.46 -26.85 12.20
N VAL E 30 -22.09 -26.66 10.94
CA VAL E 30 -22.94 -25.97 10.01
C VAL E 30 -23.20 -26.83 8.78
N GLU E 31 -24.47 -27.02 8.45
CA GLU E 31 -24.81 -27.73 7.21
C GLU E 31 -25.89 -26.98 6.45
N LYS E 32 -26.18 -27.41 5.23
CA LYS E 32 -27.18 -26.76 4.40
C LYS E 32 -28.46 -26.62 5.21
N PRO E 33 -29.10 -25.45 5.16
CA PRO E 33 -28.82 -24.31 4.28
C PRO E 33 -27.84 -23.25 4.82
N TYR E 34 -26.97 -23.62 5.76
CA TYR E 34 -25.88 -22.73 6.19
C TYR E 34 -26.32 -21.37 6.76
N ARG E 35 -27.43 -21.36 7.48
CA ARG E 35 -27.91 -20.15 8.12
C ARG E 35 -27.73 -20.17 9.63
N SER E 36 -27.48 -21.36 10.18
CA SER E 36 -27.44 -21.53 11.62
C SER E 36 -26.59 -22.72 12.02
N ALA E 37 -26.58 -23.07 13.31
CA ALA E 37 -25.81 -24.23 13.76
C ALA E 37 -26.69 -25.43 14.06
N LYS E 38 -26.22 -26.62 13.66
CA LYS E 38 -26.88 -27.88 13.99
C LYS E 38 -26.49 -28.27 15.42
N GLU E 39 -25.23 -28.04 15.74
CA GLU E 39 -24.71 -28.40 17.04
C GLU E 39 -23.62 -27.41 17.43
N VAL E 40 -23.40 -27.27 18.74
CA VAL E 40 -22.58 -26.21 19.29
C VAL E 40 -21.80 -26.74 20.49
N MSE E 41 -20.55 -26.31 20.64
CA MSE E 41 -19.99 -26.35 21.98
C MSE E 41 -19.31 -25.05 22.40
O MSE E 41 -18.91 -24.24 21.55
CB MSE E 41 -19.14 -27.60 22.24
CG MSE E 41 -17.99 -27.84 21.33
SE MSE E 41 -17.19 -29.57 21.84
CE MSE E 41 -18.66 -30.77 21.35
N VAL E 42 -19.23 -24.84 23.70
CA VAL E 42 -18.86 -23.56 24.28
C VAL E 42 -17.77 -23.72 25.32
N LYS E 43 -16.89 -22.73 25.40
CA LYS E 43 -15.91 -22.66 26.47
C LYS E 43 -15.79 -21.20 26.88
N TYR E 44 -16.02 -20.90 28.16
CA TYR E 44 -15.93 -19.52 28.64
C TYR E 44 -14.53 -19.21 29.15
N ALA E 45 -14.06 -18.00 28.88
CA ALA E 45 -12.77 -17.56 29.39
C ALA E 45 -13.05 -16.79 30.67
N ASN E 46 -12.00 -16.35 31.35
CA ASN E 46 -12.16 -15.42 32.45
C ASN E 46 -11.87 -14.03 31.88
N PRO E 47 -12.92 -13.25 31.64
CA PRO E 47 -12.71 -11.97 30.97
C PRO E 47 -11.84 -11.00 31.80
N TYR E 48 -11.88 -11.15 33.12
CA TYR E 48 -10.90 -10.50 34.00
C TYR E 48 -9.71 -11.44 34.03
N ASP E 49 -8.49 -10.92 34.09
CA ASP E 49 -7.31 -11.78 33.88
C ASP E 49 -7.35 -12.50 32.52
N TYR E 50 -7.60 -11.73 31.46
CA TYR E 50 -7.49 -12.22 30.10
C TYR E 50 -6.49 -11.31 29.40
N ASP E 51 -5.56 -11.88 28.66
CA ASP E 51 -4.58 -11.07 27.93
C ASP E 51 -5.06 -10.82 26.50
N LEU E 52 -5.59 -9.62 26.26
CA LEU E 52 -6.09 -9.22 24.95
C LEU E 52 -4.95 -9.17 23.94
N THR E 53 -3.76 -8.90 24.45
CA THR E 53 -2.52 -8.99 23.70
C THR E 53 -2.23 -10.46 23.35
N GLY E 54 -1.83 -10.72 22.11
CA GLY E 54 -1.54 -12.09 21.71
C GLY E 54 -2.80 -12.88 21.41
N ARG E 55 -2.62 -14.12 20.96
CA ARG E 55 -3.77 -14.93 20.60
C ARG E 55 -3.89 -16.21 21.42
N GLN E 56 -4.44 -16.08 22.63
CA GLN E 56 -4.94 -17.24 23.33
C GLN E 56 -6.24 -17.64 22.63
N ALA E 57 -6.85 -16.65 21.98
CA ALA E 57 -8.12 -16.83 21.28
C ALA E 57 -8.05 -17.87 20.15
N ILE E 58 -7.08 -17.76 19.26
CA ILE E 58 -7.03 -18.67 18.13
C ILE E 58 -6.61 -20.08 18.60
N ARG E 59 -5.81 -20.13 19.65
CA ARG E 59 -5.40 -21.40 20.23
C ARG E 59 -6.62 -22.13 20.77
N ASP E 60 -7.48 -21.41 21.45
CA ASP E 60 -8.68 -22.03 22.03
C ASP E 60 -9.66 -22.49 20.95
N GLU E 61 -9.79 -21.68 19.90
CA GLU E 61 -10.66 -21.99 18.77
C GLU E 61 -10.25 -23.29 18.07
N VAL E 62 -8.98 -23.42 17.71
CA VAL E 62 -8.48 -24.61 17.06
C VAL E 62 -8.76 -25.84 17.92
N LEU E 63 -8.49 -25.68 19.23
CA LEU E 63 -8.66 -26.75 20.19
C LEU E 63 -10.12 -27.12 20.28
N LEU E 64 -10.99 -26.12 20.42
CA LEU E 64 -12.40 -26.42 20.55
C LEU E 64 -13.01 -27.00 19.28
N ALA E 65 -12.52 -26.54 18.12
CA ALA E 65 -13.08 -26.99 16.85
C ALA E 65 -12.71 -28.45 16.62
N ILE E 66 -11.46 -28.78 16.92
CA ILE E 66 -10.97 -30.14 16.85
C ILE E 66 -11.82 -31.07 17.71
N GLU E 67 -12.15 -30.61 18.91
CA GLU E 67 -12.96 -31.39 19.86
C GLU E 67 -14.33 -31.72 19.30
N LEU E 68 -15.01 -30.71 18.73
CA LEU E 68 -16.34 -30.92 18.16
C LEU E 68 -16.28 -31.72 16.86
N ALA E 69 -15.18 -31.57 16.12
CA ALA E 69 -15.09 -32.25 14.84
C ALA E 69 -14.88 -33.74 15.07
N ARG E 70 -14.17 -34.08 16.15
CA ARG E 70 -14.01 -35.48 16.51
C ARG E 70 -15.35 -36.13 16.75
N LYS E 71 -16.25 -35.40 17.40
CA LYS E 71 -17.59 -35.89 17.66
C LYS E 71 -18.50 -35.93 16.40
N VAL E 72 -18.55 -34.84 15.65
CA VAL E 72 -19.52 -34.72 14.54
C VAL E 72 -18.96 -35.08 13.15
N LYS E 73 -17.63 -35.22 13.06
CA LYS E 73 -16.99 -35.65 11.81
C LYS E 73 -17.38 -34.85 10.55
N PRO E 74 -17.09 -33.53 10.52
CA PRO E 74 -17.41 -32.73 9.34
C PRO E 74 -16.40 -33.05 8.26
N ASP E 75 -16.62 -32.56 7.05
CA ASP E 75 -15.64 -32.69 5.97
C ASP E 75 -14.41 -31.81 6.17
N VAL E 76 -14.56 -30.72 6.93
CA VAL E 76 -13.49 -29.72 7.02
C VAL E 76 -13.73 -28.82 8.21
N ILE E 77 -12.66 -28.25 8.77
CA ILE E 77 -12.80 -27.16 9.72
C ILE E 77 -12.41 -25.80 9.09
N HIS E 78 -13.23 -24.77 9.27
CA HIS E 78 -12.85 -23.41 8.89
C HIS E 78 -12.26 -22.63 10.06
N LEU E 79 -11.07 -22.06 9.84
CA LEU E 79 -10.40 -21.26 10.87
C LEU E 79 -10.58 -19.77 10.58
N ASP E 80 -10.81 -18.95 11.61
CA ASP E 80 -10.95 -17.50 11.39
C ASP E 80 -9.61 -16.77 11.35
N SER E 81 -8.94 -16.91 10.22
CA SER E 81 -7.66 -16.30 10.01
C SER E 81 -7.54 -16.21 8.50
N THR E 82 -7.45 -15.02 7.94
CA THR E 82 -7.48 -14.92 6.49
C THR E 82 -6.09 -15.05 5.88
N LEU E 83 -5.71 -16.29 5.62
CA LEU E 83 -4.37 -16.60 5.18
C LEU E 83 -4.34 -17.05 3.76
N GLY E 84 -5.47 -16.98 3.09
CA GLY E 84 -5.55 -17.47 1.75
C GLY E 84 -6.69 -18.40 1.86
N GLY E 85 -6.42 -19.68 1.66
CA GLY E 85 -7.26 -20.76 2.15
C GLY E 85 -6.49 -21.91 2.75
N ILE E 86 -5.29 -21.64 3.21
CA ILE E 86 -4.29 -22.63 3.52
C ILE E 86 -4.50 -23.59 4.74
N GLU E 87 -3.98 -24.80 4.62
CA GLU E 87 -4.10 -25.80 5.67
C GLU E 87 -3.14 -25.57 6.80
N LEU E 88 -3.69 -25.56 7.99
CA LEU E 88 -2.94 -25.32 9.20
C LEU E 88 -1.85 -26.37 9.33
N ARG E 89 -2.16 -27.54 8.82
CA ARG E 89 -1.21 -28.66 8.75
C ARG E 89 0.14 -28.27 8.22
N LYS E 90 0.14 -27.34 7.28
CA LYS E 90 1.31 -27.03 6.48
C LYS E 90 1.95 -25.70 6.86
N LEU E 91 1.49 -25.08 7.95
CA LEU E 91 2.01 -23.79 8.37
C LEU E 91 3.29 -23.90 9.22
N ASP E 92 4.39 -24.23 8.56
CA ASP E 92 5.71 -24.14 9.18
C ASP E 92 6.34 -22.77 8.87
N GLU E 93 7.39 -22.40 9.59
CA GLU E 93 8.09 -21.13 9.38
C GLU E 93 8.35 -20.77 7.91
N PRO E 94 8.89 -21.71 7.10
CA PRO E 94 9.13 -21.42 5.67
C PRO E 94 7.89 -20.97 4.90
N THR E 95 6.79 -21.71 5.00
CA THR E 95 5.62 -21.35 4.19
C THR E 95 4.99 -20.07 4.72
N ILE E 96 5.13 -19.82 6.02
CA ILE E 96 4.68 -18.57 6.60
C ILE E 96 5.45 -17.38 6.02
N ASP E 97 6.77 -17.50 5.95
CA ASP E 97 7.61 -16.43 5.43
C ASP E 97 7.38 -16.16 3.94
N ALA E 98 6.64 -17.03 3.28
CA ALA E 98 6.32 -16.84 1.85
C ALA E 98 4.89 -16.35 1.65
N LEU E 99 4.17 -16.13 2.75
CA LEU E 99 2.78 -15.68 2.71
C LEU E 99 2.68 -14.19 2.38
N GLY E 100 1.59 -13.79 1.74
CA GLY E 100 1.36 -12.39 1.44
C GLY E 100 0.62 -11.66 2.56
N ILE E 101 1.16 -11.71 3.76
CA ILE E 101 0.60 -10.96 4.89
C ILE E 101 1.68 -10.05 5.46
N SER E 102 1.28 -9.14 6.34
CA SER E 102 2.21 -8.17 6.92
C SER E 102 3.30 -8.90 7.70
N ASP E 103 4.45 -8.25 7.86
CA ASP E 103 5.55 -8.86 8.61
C ASP E 103 5.13 -9.16 10.05
N LYS E 104 4.38 -8.24 10.65
CA LYS E 104 3.84 -8.45 11.99
C LYS E 104 2.96 -9.69 12.07
N GLY E 105 2.18 -9.94 11.01
CA GLY E 105 1.34 -11.13 10.93
C GLY E 105 2.19 -12.39 10.88
N LYS E 106 3.27 -12.35 10.14
CA LYS E 106 4.13 -13.48 10.04
C LYS E 106 4.77 -13.88 11.35
N GLU E 107 5.21 -12.92 12.14
CA GLU E 107 5.78 -13.20 13.43
C GLU E 107 4.79 -13.83 14.38
N VAL E 108 3.57 -13.35 14.35
CA VAL E 108 2.52 -13.87 15.19
C VAL E 108 2.24 -15.32 14.85
N TRP E 109 2.21 -15.61 13.58
CA TRP E 109 1.95 -16.97 13.16
C TRP E 109 3.05 -17.95 13.42
N LYS E 110 4.30 -17.51 13.34
CA LYS E 110 5.43 -18.38 13.65
C LYS E 110 5.39 -18.88 15.09
N GLU E 111 4.93 -18.03 16.00
CA GLU E 111 4.79 -18.42 17.41
C GLU E 111 3.62 -19.39 17.56
N LEU E 112 2.48 -19.03 16.99
CA LEU E 112 1.29 -19.88 16.93
C LEU E 112 1.60 -21.25 16.29
N SER E 113 2.32 -21.21 15.18
CA SER E 113 2.62 -22.40 14.42
C SER E 113 3.34 -23.47 15.24
N LYS E 114 4.19 -23.04 16.17
CA LYS E 114 5.04 -23.95 16.93
C LYS E 114 4.28 -25.11 17.57
N ASP E 115 3.08 -24.83 18.08
CA ASP E 115 2.23 -25.88 18.60
C ASP E 115 0.99 -26.17 17.76
N LEU E 116 0.39 -25.14 17.14
CA LEU E 116 -0.82 -25.36 16.36
C LEU E 116 -0.58 -26.21 15.11
N GLN E 117 0.58 -26.09 14.50
CA GLN E 117 0.85 -26.85 13.28
C GLN E 117 1.01 -28.37 13.53
N PRO E 118 1.81 -28.78 14.54
CA PRO E 118 1.83 -30.21 14.88
C PRO E 118 0.45 -30.70 15.30
N LEU E 119 -0.28 -29.86 16.02
CA LEU E 119 -1.62 -30.23 16.46
C LEU E 119 -2.56 -30.52 15.30
N ALA E 120 -2.51 -29.68 14.26
CA ALA E 120 -3.36 -29.89 13.09
C ALA E 120 -2.89 -31.09 12.28
N ARG E 121 -1.60 -31.39 12.33
CA ARG E 121 -1.05 -32.50 11.55
C ARG E 121 -1.49 -33.83 12.15
N LYS E 122 -1.32 -33.94 13.46
CA LYS E 122 -1.76 -35.10 14.22
C LYS E 122 -3.26 -35.33 14.04
N PHE E 123 -4.05 -34.29 14.23
CA PHE E 123 -5.48 -34.39 14.03
C PHE E 123 -5.84 -34.86 12.61
N TRP E 124 -5.16 -34.33 11.60
CA TRP E 124 -5.39 -34.73 10.22
C TRP E 124 -5.00 -36.18 10.02
N GLU E 125 -3.86 -36.58 10.58
CA GLU E 125 -3.35 -37.94 10.38
C GLU E 125 -4.34 -38.98 10.86
N GLU E 126 -5.12 -38.66 11.87
CA GLU E 126 -6.04 -39.64 12.39
C GLU E 126 -7.51 -39.41 12.05
N THR E 127 -7.79 -38.41 11.21
CA THR E 127 -9.17 -38.08 10.88
C THR E 127 -9.34 -37.63 9.42
N ASN E 128 -8.23 -37.27 8.77
CA ASN E 128 -8.27 -36.69 7.41
C ASN E 128 -9.05 -35.37 7.29
N ILE E 129 -9.32 -34.71 8.41
CA ILE E 129 -9.98 -33.42 8.37
C ILE E 129 -8.94 -32.29 8.33
N GLU E 130 -9.01 -31.45 7.29
CA GLU E 130 -8.17 -30.26 7.18
C GLU E 130 -8.68 -29.11 8.07
N ILE E 131 -7.77 -28.26 8.54
CA ILE E 131 -8.16 -27.01 9.17
C ILE E 131 -7.72 -25.89 8.23
N VAL E 132 -8.67 -25.24 7.55
CA VAL E 132 -8.31 -24.23 6.56
C VAL E 132 -8.42 -22.79 7.09
N ALA E 133 -7.35 -22.02 6.90
CA ALA E 133 -7.38 -20.61 7.28
C ALA E 133 -8.04 -19.82 6.15
N ILE E 134 -9.36 -19.76 6.19
CA ILE E 134 -10.11 -19.11 5.12
C ILE E 134 -10.60 -17.74 5.63
N GLY E 135 -11.07 -17.70 6.87
CA GLY E 135 -11.41 -16.45 7.51
C GLY E 135 -12.69 -15.76 7.08
N LYS E 136 -12.55 -14.55 6.55
CA LYS E 136 -13.68 -13.63 6.32
C LYS E 136 -14.74 -14.13 5.34
N SER E 137 -14.33 -14.84 4.28
CA SER E 137 -15.30 -15.38 3.34
C SER E 137 -16.05 -16.62 3.86
N SER E 138 -15.75 -17.10 5.05
CA SER E 138 -16.44 -18.29 5.53
C SER E 138 -17.74 -17.95 6.26
N VAL E 139 -18.86 -18.49 5.78
CA VAL E 139 -20.12 -18.28 6.48
C VAL E 139 -20.14 -18.99 7.85
N PRO E 140 -19.66 -20.28 7.90
CA PRO E 140 -19.61 -20.90 9.24
C PRO E 140 -18.82 -20.13 10.29
N VAL E 141 -17.69 -19.50 9.94
CA VAL E 141 -16.96 -18.66 10.89
C VAL E 141 -17.85 -17.53 11.41
N ARG E 142 -18.64 -16.95 10.52
CA ARG E 142 -19.51 -15.85 10.88
C ARG E 142 -20.61 -16.37 11.80
N ILE E 143 -21.14 -17.54 11.49
CA ILE E 143 -22.16 -18.14 12.33
C ILE E 143 -21.58 -18.38 13.74
N ALA E 144 -20.34 -18.86 13.80
CA ALA E 144 -19.66 -19.07 15.09
C ALA E 144 -19.52 -17.74 15.85
N GLU E 145 -19.24 -16.65 15.16
CA GLU E 145 -19.14 -15.34 15.78
C GLU E 145 -20.49 -14.86 16.35
N ILE E 146 -21.57 -15.14 15.64
CA ILE E 146 -22.88 -14.87 16.16
C ILE E 146 -23.12 -15.65 17.45
N TYR E 147 -22.80 -16.94 17.43
CA TYR E 147 -22.95 -17.75 18.64
C TYR E 147 -22.09 -17.28 19.81
N ALA E 148 -20.84 -16.90 19.54
CA ALA E 148 -19.97 -16.33 20.57
C ALA E 148 -20.64 -15.12 21.19
N GLY E 149 -21.35 -14.33 20.37
CA GLY E 149 -22.11 -13.21 20.88
C GLY E 149 -23.28 -13.69 21.72
N ILE E 150 -23.97 -14.72 21.24
CA ILE E 150 -25.13 -15.26 21.94
C ILE E 150 -24.78 -15.83 23.33
N TYR E 151 -23.68 -16.58 23.40
CA TYR E 151 -23.25 -17.14 24.67
C TYR E 151 -22.53 -16.14 25.55
N SER E 152 -22.11 -15.01 24.98
CA SER E 152 -21.58 -13.92 25.80
C SER E 152 -22.72 -13.23 26.52
N ALA E 153 -23.85 -13.07 25.85
CA ALA E 153 -25.02 -12.51 26.49
C ALA E 153 -25.54 -13.47 27.56
N LYS E 154 -25.50 -14.77 27.27
CA LYS E 154 -25.88 -15.77 28.27
C LYS E 154 -24.96 -15.70 29.48
N TRP E 155 -23.66 -15.58 29.25
CA TRP E 155 -22.70 -15.49 30.35
C TRP E 155 -22.94 -14.21 31.16
N GLY E 156 -23.64 -13.25 30.57
CA GLY E 156 -23.92 -11.99 31.23
C GLY E 156 -25.18 -12.04 32.06
N ILE E 157 -26.20 -12.72 31.57
CA ILE E 157 -27.41 -12.85 32.32
C ILE E 157 -27.13 -13.64 33.58
N GLU E 158 -26.35 -14.68 33.41
CA GLU E 158 -25.89 -15.56 34.46
C GLU E 158 -24.90 -15.01 35.46
N ASN E 159 -23.97 -14.20 35.03
CA ASN E 159 -22.96 -13.68 35.93
C ASN E 159 -23.18 -12.27 36.44
N VAL E 160 -24.36 -11.72 36.27
CA VAL E 160 -24.62 -10.36 36.68
C VAL E 160 -24.91 -10.21 38.17
N GLU E 161 -24.96 -11.32 38.91
CA GLU E 161 -25.12 -11.18 40.35
C GLU E 161 -23.77 -10.98 41.02
N LYS E 162 -22.83 -11.89 40.75
CA LYS E 162 -21.42 -11.72 41.15
C LYS E 162 -21.00 -10.27 40.92
N GLU E 163 -20.96 -9.87 39.66
CA GLU E 163 -20.73 -8.47 39.28
C GLU E 163 -22.04 -7.73 39.49
N GLY E 164 -21.99 -6.43 39.71
CA GLY E 164 -23.23 -5.70 39.96
C GLY E 164 -23.88 -5.24 38.68
N HIS E 165 -23.03 -4.90 37.72
CA HIS E 165 -23.46 -4.31 36.46
C HIS E 165 -22.54 -4.84 35.39
N LEU E 166 -23.08 -5.13 34.20
CA LEU E 166 -22.28 -5.69 33.13
C LEU E 166 -22.47 -4.92 31.82
N ILE E 167 -21.36 -4.45 31.25
CA ILE E 167 -21.40 -3.88 29.91
C ILE E 167 -20.68 -4.84 28.97
N ILE E 168 -21.43 -5.45 28.05
CA ILE E 168 -20.85 -6.44 27.13
C ILE E 168 -20.82 -5.93 25.68
N GLY E 169 -19.63 -5.91 25.10
CA GLY E 169 -19.48 -5.58 23.70
C GLY E 169 -19.70 -6.79 22.80
N LEU E 170 -20.73 -6.74 21.97
CA LEU E 170 -21.08 -7.85 21.08
C LEU E 170 -20.21 -7.79 19.82
N PRO E 171 -20.06 -8.91 19.14
CA PRO E 171 -19.28 -8.94 17.91
C PRO E 171 -20.02 -8.16 16.85
N ARG E 172 -19.36 -7.88 15.74
CA ARG E 172 -19.85 -6.94 14.77
C ARG E 172 -21.23 -7.19 14.22
N TYR E 173 -22.02 -6.12 14.22
CA TYR E 173 -23.33 -6.04 13.62
C TYR E 173 -24.26 -7.19 13.89
N MSE E 174 -24.42 -7.46 15.17
CA MSE E 174 -25.35 -8.46 15.62
C MSE E 174 -26.16 -7.98 16.78
O MSE E 174 -25.71 -7.23 17.61
CB MSE E 174 -24.57 -9.72 15.93
CG MSE E 174 -23.92 -9.67 17.29
SE MSE E 174 -23.87 -11.46 18.02
CE MSE E 174 -25.68 -11.89 18.56
N GLU E 175 -27.38 -8.49 16.85
CA GLU E 175 -28.32 -8.16 17.87
C GLU E 175 -28.70 -9.43 18.61
N VAL E 176 -29.21 -9.26 19.81
CA VAL E 176 -29.55 -10.37 20.67
C VAL E 176 -30.87 -10.04 21.33
N ASN E 177 -31.74 -11.01 21.42
CA ASN E 177 -33.04 -10.78 21.98
C ASN E 177 -33.42 -11.89 22.93
N ILE E 178 -34.08 -11.55 24.02
CA ILE E 178 -34.44 -12.57 24.97
C ILE E 178 -35.93 -12.64 25.19
N LYS E 179 -36.53 -13.76 24.85
CA LYS E 179 -37.94 -13.96 25.08
C LYS E 179 -38.19 -15.29 25.73
N ASP E 180 -38.87 -15.30 26.85
CA ASP E 180 -39.41 -16.52 27.41
C ASP E 180 -38.40 -17.66 27.52
N GLY E 181 -37.23 -17.40 28.06
CA GLY E 181 -36.25 -18.45 28.27
C GLY E 181 -35.23 -18.80 27.20
N LYS E 182 -35.27 -18.14 26.06
CA LYS E 182 -34.23 -18.35 25.06
C LYS E 182 -33.62 -17.09 24.55
N ILE E 183 -32.35 -17.16 24.22
CA ILE E 183 -31.72 -16.01 23.59
C ILE E 183 -31.60 -16.30 22.10
N ILE E 184 -32.03 -15.34 21.29
CA ILE E 184 -31.88 -15.43 19.85
C ILE E 184 -30.89 -14.36 19.40
N GLY E 185 -29.94 -14.74 18.56
CA GLY E 185 -28.97 -13.83 17.99
C GLY E 185 -29.05 -13.79 16.47
N ARG E 186 -28.83 -12.62 15.91
CA ARG E 186 -28.99 -12.41 14.48
C ARG E 186 -27.95 -11.51 13.92
N SER E 187 -27.54 -11.73 12.69
CA SER E 187 -26.79 -10.74 11.98
C SER E 187 -27.73 -9.56 11.70
N LEU E 188 -27.17 -8.37 11.77
CA LEU E 188 -27.94 -7.19 11.36
C LEU E 188 -27.75 -6.88 9.88
N ASP E 189 -26.86 -7.62 9.22
CA ASP E 189 -26.54 -7.38 7.82
C ASP E 189 -27.36 -8.33 6.98
N PRO E 190 -28.40 -7.81 6.30
CA PRO E 190 -29.27 -8.65 5.45
C PRO E 190 -28.49 -9.25 4.27
N ARG E 191 -27.35 -8.67 3.94
CA ARG E 191 -26.52 -9.17 2.85
C ARG E 191 -25.96 -10.57 3.10
N GLU E 192 -25.87 -10.96 4.37
CA GLU E 192 -25.31 -12.23 4.77
C GLU E 192 -26.35 -13.33 4.67
N GLY E 193 -27.59 -12.99 4.37
CA GLY E 193 -28.59 -13.99 4.04
C GLY E 193 -29.37 -14.61 5.19
N GLY E 194 -29.51 -13.87 6.28
CA GLY E 194 -30.38 -14.28 7.37
C GLY E 194 -29.73 -15.25 8.32
N LEU E 195 -28.49 -14.98 8.70
CA LEU E 195 -27.76 -15.80 9.67
C LEU E 195 -28.27 -15.56 11.09
N TYR E 196 -28.47 -16.63 11.85
CA TYR E 196 -29.09 -16.51 13.17
C TYR E 196 -28.67 -17.67 14.07
N GLY E 197 -29.05 -17.58 15.34
CA GLY E 197 -28.75 -18.64 16.28
C GLY E 197 -29.60 -18.51 17.52
N SER E 198 -29.41 -19.45 18.44
CA SER E 198 -30.32 -19.62 19.56
C SER E 198 -29.62 -20.33 20.72
N ALA E 199 -30.05 -20.05 21.93
CA ALA E 199 -29.59 -20.77 23.11
C ALA E 199 -30.57 -20.57 24.25
N GLU E 200 -30.62 -21.53 25.17
CA GLU E 200 -31.52 -21.40 26.32
C GLU E 200 -30.83 -20.55 27.39
N VAL E 201 -31.61 -19.74 28.11
CA VAL E 201 -31.07 -18.97 29.21
C VAL E 201 -32.08 -18.90 30.35
N SER E 202 -31.53 -18.93 31.56
CA SER E 202 -32.27 -18.82 32.80
C SER E 202 -32.05 -17.45 33.42
N VAL E 203 -33.08 -16.62 33.35
CA VAL E 203 -32.93 -15.24 33.77
C VAL E 203 -33.26 -15.01 35.24
N PRO E 204 -32.25 -14.67 36.02
CA PRO E 204 -32.48 -14.39 37.42
C PRO E 204 -33.60 -13.37 37.56
N GLU E 205 -34.36 -13.44 38.64
CA GLU E 205 -35.44 -12.50 38.91
C GLU E 205 -34.94 -11.06 39.03
N GLY E 206 -35.65 -10.13 38.40
CA GLY E 206 -35.33 -8.72 38.52
C GLY E 206 -34.09 -8.22 37.81
N VAL E 207 -33.50 -9.00 36.90
CA VAL E 207 -32.44 -8.46 36.07
C VAL E 207 -33.03 -7.88 34.79
N LYS E 208 -32.52 -6.72 34.41
CA LYS E 208 -32.97 -6.05 33.20
C LYS E 208 -31.79 -5.96 32.24
N TRP E 209 -32.09 -5.95 30.95
CA TRP E 209 -31.05 -5.77 29.94
C TRP E 209 -31.52 -4.81 28.83
N GLU E 210 -30.58 -4.07 28.26
CA GLU E 210 -30.87 -3.24 27.08
C GLU E 210 -29.83 -3.54 25.99
N ILE E 211 -30.20 -3.34 24.72
CA ILE E 211 -29.23 -3.41 23.63
C ILE E 211 -29.22 -2.09 22.86
N TYR E 212 -28.03 -1.53 22.59
CA TYR E 212 -27.95 -0.23 21.91
C TYR E 212 -26.57 -0.04 21.25
N PRO E 213 -26.42 0.94 20.34
CA PRO E 213 -25.12 1.07 19.67
C PRO E 213 -23.97 1.51 20.57
N ASN E 214 -22.81 0.88 20.38
CA ASN E 214 -21.61 1.34 21.05
C ASN E 214 -21.15 2.63 20.39
N PRO E 215 -21.24 3.75 21.12
CA PRO E 215 -21.01 5.09 20.55
C PRO E 215 -19.61 5.26 20.01
N VAL E 216 -18.69 4.43 20.46
CA VAL E 216 -17.30 4.61 20.09
C VAL E 216 -16.82 3.45 19.18
N ALA E 217 -17.71 2.52 18.89
CA ALA E 217 -17.45 1.38 18.00
C ALA E 217 -18.55 1.18 16.99
N ARG E 218 -18.52 1.95 15.93
CA ARG E 218 -19.62 1.99 15.00
C ARG E 218 -19.87 0.68 14.31
N ARG E 219 -21.11 0.26 14.33
CA ARG E 219 -21.54 -1.02 13.83
C ARG E 219 -21.46 -2.16 14.84
N PHE E 220 -21.01 -1.87 16.04
CA PHE E 220 -21.07 -2.80 17.15
C PHE E 220 -22.10 -2.41 18.19
N MSE E 221 -22.76 -3.37 18.77
CA MSE E 221 -23.72 -3.11 19.82
C MSE E 221 -23.23 -3.40 21.20
O MSE E 221 -22.29 -4.16 21.41
CB MSE E 221 -24.98 -3.90 19.61
CG MSE E 221 -25.48 -3.79 18.20
SE MSE E 221 -25.99 -1.96 17.73
CE MSE E 221 -24.68 -1.57 16.34
N ILE E 222 -23.85 -2.77 22.17
CA ILE E 222 -23.62 -3.06 23.57
C ILE E 222 -24.82 -3.87 24.04
N PHE E 223 -24.54 -4.87 24.88
CA PHE E 223 -25.57 -5.58 25.63
C PHE E 223 -25.32 -5.21 27.09
N GLU E 224 -26.22 -4.44 27.69
CA GLU E 224 -26.00 -3.92 29.04
C GLU E 224 -26.95 -4.60 30.02
N ILE E 225 -26.41 -5.06 31.15
CA ILE E 225 -27.22 -5.85 32.09
C ILE E 225 -27.19 -5.29 33.50
N PHE E 226 -28.37 -5.10 34.08
CA PHE E 226 -28.46 -4.61 35.47
C PHE E 226 -29.03 -5.69 36.38
N SER E 227 -28.63 -5.66 37.65
CA SER E 227 -29.18 -6.57 38.66
C SER E 227 -30.11 -5.82 39.61
N SER F 1 20.26 -24.59 1.94
CA SER F 1 21.41 -23.87 2.53
C SER F 1 21.05 -23.14 3.83
N ARG F 2 21.79 -23.45 4.90
CA ARG F 2 21.52 -22.92 6.23
C ARG F 2 22.76 -22.18 6.69
N ILE F 3 22.58 -20.91 7.05
CA ILE F 3 23.71 -19.98 7.19
C ILE F 3 23.63 -19.28 8.54
N VAL F 4 24.74 -19.25 9.26
CA VAL F 4 24.83 -18.40 10.45
C VAL F 4 25.56 -17.12 10.06
N ALA F 5 25.09 -15.97 10.56
CA ALA F 5 25.77 -14.69 10.31
C ALA F 5 25.73 -13.80 11.55
N ALA F 6 26.65 -12.86 11.64
CA ALA F 6 26.68 -11.97 12.80
C ALA F 6 27.01 -10.53 12.43
N ASP F 7 26.47 -9.57 13.20
CA ASP F 7 26.81 -8.16 13.02
C ASP F 7 26.47 -7.28 14.24
N THR F 8 27.29 -6.23 14.49
CA THR F 8 26.98 -5.16 15.46
C THR F 8 26.68 -3.94 14.61
N GLY F 9 25.64 -3.14 14.89
CA GLY F 9 24.85 -3.09 16.12
C GLY F 9 24.28 -1.68 16.06
N GLY F 10 23.26 -1.34 16.84
CA GLY F 10 22.78 0.05 16.84
C GLY F 10 23.72 0.94 17.66
N ALA F 11 23.42 2.23 17.81
CA ALA F 11 24.38 3.10 18.48
C ALA F 11 23.75 4.18 19.33
N VAL F 12 24.33 4.40 20.51
CA VAL F 12 23.93 5.50 21.37
C VAL F 12 24.57 6.78 20.84
N LEU F 13 23.75 7.79 20.58
CA LEU F 13 24.24 9.07 20.04
C LEU F 13 24.15 10.17 21.09
N ASP F 14 25.07 11.14 21.06
CA ASP F 14 24.90 12.32 21.88
C ASP F 14 23.89 13.26 21.20
N GLU F 15 23.67 14.45 21.75
CA GLU F 15 22.67 15.35 21.17
C GLU F 15 23.10 15.95 19.82
N THR F 16 24.37 15.80 19.46
CA THR F 16 24.90 16.20 18.15
C THR F 16 24.63 15.11 17.08
N PHE F 17 23.99 14.03 17.52
CA PHE F 17 23.78 12.84 16.69
C PHE F 17 25.10 12.11 16.36
N GLU F 18 26.14 12.37 17.15
CA GLU F 18 27.42 11.66 17.04
C GLU F 18 27.41 10.36 17.87
N PRO F 19 27.89 9.25 17.27
CA PRO F 19 27.89 7.97 17.99
C PRO F 19 28.91 8.00 19.13
N ILE F 20 28.53 7.58 20.33
CA ILE F 20 29.50 7.36 21.40
C ILE F 20 29.91 5.89 21.53
N GLY F 21 29.02 4.97 21.18
CA GLY F 21 29.34 3.55 21.13
C GLY F 21 28.20 2.65 20.62
N LEU F 22 28.54 1.42 20.23
CA LEU F 22 27.57 0.44 19.75
C LEU F 22 26.87 -0.34 20.88
N ILE F 23 25.76 -1.00 20.55
CA ILE F 23 24.89 -1.62 21.57
C ILE F 23 24.80 -3.14 21.48
N ALA F 24 24.29 -3.67 20.36
CA ALA F 24 24.03 -5.11 20.26
C ALA F 24 24.85 -5.80 19.20
N THR F 25 25.49 -6.92 19.57
CA THR F 25 26.02 -7.84 18.58
C THR F 25 25.04 -8.99 18.53
N VAL F 26 24.59 -9.35 17.33
CA VAL F 26 23.61 -10.41 17.19
C VAL F 26 24.07 -11.47 16.19
N ALA F 27 23.92 -12.76 16.55
CA ALA F 27 24.12 -13.84 15.59
C ALA F 27 22.77 -14.47 15.24
N VAL F 28 22.53 -14.66 13.94
CA VAL F 28 21.30 -15.26 13.48
C VAL F 28 21.54 -16.52 12.63
N LEU F 29 20.60 -17.46 12.66
CA LEU F 29 20.57 -18.55 11.67
C LEU F 29 19.52 -18.23 10.64
N VAL F 30 19.88 -18.36 9.37
CA VAL F 30 18.97 -18.03 8.29
C VAL F 30 18.80 -19.18 7.32
N GLU F 31 17.56 -19.63 7.13
CA GLU F 31 17.27 -20.60 6.08
C GLU F 31 16.28 -20.03 5.08
N LYS F 32 16.05 -20.79 4.02
CA LYS F 32 15.09 -20.47 2.99
C LYS F 32 13.75 -20.18 3.67
N PRO F 33 13.05 -19.12 3.26
CA PRO F 33 13.37 -18.32 2.07
C PRO F 33 14.21 -17.08 2.31
N TYR F 34 15.02 -17.07 3.36
CA TYR F 34 15.99 -16.00 3.64
C TYR F 34 15.41 -14.60 3.81
N ARG F 35 14.25 -14.49 4.45
CA ARG F 35 13.70 -13.18 4.76
C ARG F 35 13.85 -12.83 6.25
N SER F 36 14.20 -13.80 7.07
CA SER F 36 14.20 -13.58 8.50
C SER F 36 15.02 -14.67 9.19
N ALA F 37 15.14 -14.58 10.51
CA ALA F 37 15.99 -15.48 11.26
C ALA F 37 15.19 -16.57 11.95
N LYS F 38 15.69 -17.80 11.84
CA LYS F 38 15.07 -18.96 12.47
C LYS F 38 15.40 -18.96 13.96
N GLU F 39 16.62 -18.52 14.29
CA GLU F 39 17.12 -18.53 15.64
C GLU F 39 18.13 -17.41 15.84
N VAL F 40 18.23 -16.90 17.07
CA VAL F 40 18.99 -15.70 17.36
C VAL F 40 19.76 -15.77 18.69
N MSE F 41 20.97 -15.22 18.73
CA MSE F 41 21.54 -14.89 20.04
C MSE F 41 22.20 -13.50 20.14
O MSE F 41 22.91 -13.05 19.23
CB MSE F 41 22.42 -16.02 20.59
CG MSE F 41 23.52 -16.51 19.69
SE MSE F 41 24.52 -18.00 20.56
CE MSE F 41 23.10 -19.32 20.81
N VAL F 42 21.99 -12.83 21.26
CA VAL F 42 22.42 -11.45 21.42
C VAL F 42 23.48 -11.31 22.50
N LYS F 43 24.48 -10.48 22.24
CA LYS F 43 25.44 -10.05 23.26
C LYS F 43 25.44 -8.51 23.35
N TYR F 44 25.03 -7.95 24.49
CA TYR F 44 25.05 -6.50 24.63
C TYR F 44 26.42 -6.00 25.05
N ALA F 45 26.87 -4.92 24.39
CA ALA F 45 28.12 -4.28 24.77
C ALA F 45 27.82 -3.19 25.78
N ASN F 46 28.85 -2.46 26.21
CA ASN F 46 28.62 -1.22 26.95
C ASN F 46 28.89 -0.05 26.02
N PRO F 47 27.81 0.60 25.55
CA PRO F 47 27.93 1.70 24.59
C PRO F 47 28.78 2.85 25.14
N TYR F 48 28.68 3.09 26.45
CA TYR F 48 29.62 3.97 27.14
C TYR F 48 30.84 3.12 27.47
N ASP F 49 32.05 3.68 27.37
CA ASP F 49 33.28 2.87 27.42
C ASP F 49 33.28 1.76 26.36
N TYR F 50 32.82 2.12 25.17
CA TYR F 50 32.98 1.27 24.00
C TYR F 50 34.08 1.94 23.22
N ASP F 51 34.84 1.19 22.44
CA ASP F 51 35.81 1.86 21.59
C ASP F 51 35.42 1.75 20.12
N LEU F 52 34.84 2.84 19.61
CA LEU F 52 34.42 2.93 18.21
C LEU F 52 35.66 2.85 17.34
N THR F 53 36.76 3.39 17.86
CA THR F 53 38.08 3.23 17.28
C THR F 53 38.45 1.74 17.37
N GLY F 54 39.08 1.21 16.33
CA GLY F 54 39.43 -0.20 16.30
C GLY F 54 38.21 -1.09 16.17
N ARG F 55 38.41 -2.40 16.22
CA ARG F 55 37.31 -3.32 16.05
C ARG F 55 37.31 -4.42 17.11
N GLN F 56 36.53 -4.20 18.16
CA GLN F 56 36.25 -5.22 19.15
C GLN F 56 34.97 -5.90 18.69
N ALA F 57 34.24 -5.21 17.80
CA ALA F 57 32.99 -5.73 17.26
C ALA F 57 33.18 -6.94 16.36
N ILE F 58 34.19 -6.92 15.50
CA ILE F 58 34.43 -8.06 14.61
C ILE F 58 34.94 -9.26 15.41
N ARG F 59 35.65 -8.98 16.49
CA ARG F 59 36.05 -10.01 17.42
C ARG F 59 34.79 -10.61 18.02
N ASP F 60 33.92 -9.77 18.55
CA ASP F 60 32.69 -10.24 19.17
C ASP F 60 31.76 -11.00 18.19
N GLU F 61 31.79 -10.62 16.91
CA GLU F 61 30.95 -11.24 15.88
C GLU F 61 31.37 -12.68 15.55
N VAL F 62 32.67 -12.88 15.31
CA VAL F 62 33.17 -14.21 15.03
C VAL F 62 32.86 -15.13 16.22
N LEU F 63 33.14 -14.65 17.42
CA LEU F 63 32.97 -15.46 18.63
C LEU F 63 31.51 -15.85 18.82
N LEU F 64 30.60 -14.90 18.61
CA LEU F 64 29.17 -15.20 18.80
C LEU F 64 28.64 -16.10 17.67
N ALA F 65 29.15 -15.93 16.45
CA ALA F 65 28.67 -16.73 15.33
C ALA F 65 29.10 -18.17 15.54
N ILE F 66 30.32 -18.34 16.03
CA ILE F 66 30.85 -19.67 16.34
C ILE F 66 29.99 -20.36 17.39
N GLU F 67 29.59 -19.61 18.40
CA GLU F 67 28.74 -20.13 19.46
C GLU F 67 27.37 -20.56 18.93
N LEU F 68 26.79 -19.80 18.01
CA LEU F 68 25.52 -20.21 17.41
C LEU F 68 25.74 -21.39 16.48
N ALA F 69 26.85 -21.37 15.75
CA ALA F 69 27.18 -22.45 14.83
C ALA F 69 27.34 -23.78 15.57
N ARG F 70 27.86 -23.74 16.81
CA ARG F 70 28.03 -24.96 17.60
C ARG F 70 26.68 -25.56 17.96
N LYS F 71 25.70 -24.70 18.24
CA LYS F 71 24.37 -25.19 18.58
C LYS F 71 23.56 -25.69 17.37
N VAL F 72 23.55 -24.92 16.28
CA VAL F 72 22.62 -25.17 15.17
C VAL F 72 23.25 -25.88 13.96
N LYS F 73 24.58 -25.93 13.93
CA LYS F 73 25.29 -26.70 12.91
C LYS F 73 24.97 -26.30 11.46
N PRO F 74 25.37 -25.07 11.06
CA PRO F 74 25.04 -24.53 9.74
C PRO F 74 26.03 -24.98 8.71
N ASP F 75 25.77 -24.68 7.45
CA ASP F 75 26.71 -25.02 6.39
C ASP F 75 27.89 -24.04 6.35
N VAL F 76 27.65 -22.82 6.83
CA VAL F 76 28.62 -21.75 6.59
C VAL F 76 28.36 -20.57 7.53
N ILE F 77 29.42 -19.81 7.83
CA ILE F 77 29.26 -18.57 8.58
C ILE F 77 29.58 -17.36 7.70
N HIS F 78 28.65 -16.41 7.63
CA HIS F 78 28.91 -15.15 6.93
C HIS F 78 29.33 -14.04 7.89
N LEU F 79 30.50 -13.48 7.59
CA LEU F 79 31.03 -12.34 8.33
C LEU F 79 30.81 -11.02 7.56
N ASP F 80 30.43 -9.96 8.28
CA ASP F 80 30.30 -8.63 7.67
C ASP F 80 31.66 -7.96 7.53
N SER F 81 32.33 -8.23 6.42
CA SER F 81 33.62 -7.61 6.14
C SER F 81 33.89 -7.84 4.66
N THR F 82 33.78 -6.82 3.83
CA THR F 82 33.72 -7.10 2.42
C THR F 82 35.08 -7.36 1.83
N LEU F 83 35.24 -8.60 1.40
CA LEU F 83 36.47 -9.14 0.83
C LEU F 83 36.00 -10.15 -0.21
N GLY F 84 36.85 -11.06 -0.63
CA GLY F 84 36.63 -11.89 -1.80
C GLY F 84 35.49 -12.88 -2.03
N GLY F 85 34.80 -13.43 -1.03
CA GLY F 85 35.01 -13.16 0.36
C GLY F 85 35.78 -14.34 0.81
N ILE F 86 37.00 -14.07 1.18
CA ILE F 86 37.94 -15.08 1.49
C ILE F 86 37.67 -15.71 2.85
N GLU F 87 38.03 -16.97 3.00
CA GLU F 87 37.87 -17.68 4.24
C GLU F 87 38.76 -17.09 5.27
N LEU F 88 38.23 -16.90 6.45
CA LEU F 88 39.00 -16.31 7.54
C LEU F 88 40.18 -17.20 7.90
N ARG F 89 39.96 -18.50 7.74
CA ARG F 89 40.96 -19.55 7.90
C ARG F 89 42.26 -19.22 7.18
N LYS F 90 42.14 -18.58 6.01
CA LYS F 90 43.26 -18.34 5.12
C LYS F 90 43.76 -16.92 5.21
N LEU F 91 43.34 -16.17 6.24
CA LEU F 91 43.78 -14.78 6.39
C LEU F 91 45.04 -14.65 7.24
N ASP F 92 46.18 -14.81 6.57
CA ASP F 92 47.48 -14.51 7.15
C ASP F 92 48.03 -13.25 6.49
N GLU F 93 49.13 -12.72 7.04
CA GLU F 93 49.75 -11.50 6.51
C GLU F 93 49.99 -11.46 4.99
N PRO F 94 50.59 -12.54 4.41
CA PRO F 94 50.81 -12.52 2.97
C PRO F 94 49.53 -12.27 2.18
N THR F 95 48.56 -13.14 2.36
CA THR F 95 47.30 -13.10 1.61
C THR F 95 46.48 -11.82 1.89
N ILE F 96 46.60 -11.27 3.10
CA ILE F 96 46.01 -9.96 3.41
C ILE F 96 46.67 -8.86 2.58
N ASP F 97 48.00 -8.89 2.52
CA ASP F 97 48.75 -7.90 1.74
C ASP F 97 48.42 -7.98 0.26
N ALA F 98 48.11 -9.19 -0.20
CA ALA F 98 47.70 -9.40 -1.58
C ALA F 98 46.26 -8.94 -1.85
N LEU F 99 45.57 -8.46 -0.80
CA LEU F 99 44.19 -8.00 -0.96
C LEU F 99 44.07 -6.67 -1.71
N GLY F 100 42.93 -6.47 -2.35
CA GLY F 100 42.67 -5.25 -3.08
C GLY F 100 41.86 -4.25 -2.25
N ILE F 101 42.29 -4.04 -1.02
CA ILE F 101 41.63 -3.10 -0.13
C ILE F 101 42.57 -1.94 0.21
N SER F 102 42.08 -0.99 0.98
CA SER F 102 42.89 0.17 1.38
C SER F 102 44.12 -0.27 2.17
N ASP F 103 45.15 0.57 2.17
CA ASP F 103 46.37 0.27 2.93
C ASP F 103 46.18 0.52 4.42
N LYS F 104 45.09 1.21 4.76
CA LYS F 104 44.70 1.36 6.16
C LYS F 104 44.02 0.10 6.67
N GLY F 105 43.11 -0.45 5.86
CA GLY F 105 42.39 -1.67 6.20
C GLY F 105 43.36 -2.83 6.36
N LYS F 106 44.26 -2.97 5.39
CA LYS F 106 45.29 -3.99 5.40
C LYS F 106 46.03 -4.12 6.73
N GLU F 107 46.07 -3.03 7.49
CA GLU F 107 46.82 -3.01 8.75
C GLU F 107 45.96 -3.29 9.99
N VAL F 108 44.68 -2.96 9.90
CA VAL F 108 43.73 -3.28 10.97
C VAL F 108 43.49 -4.79 11.00
N TRP F 109 43.51 -5.40 9.82
CA TRP F 109 43.22 -6.81 9.69
C TRP F 109 44.40 -7.69 10.12
N LYS F 110 45.61 -7.18 9.96
CA LYS F 110 46.80 -7.92 10.37
C LYS F 110 46.83 -8.12 11.88
N GLU F 111 46.34 -7.14 12.63
CA GLU F 111 46.31 -7.28 14.08
C GLU F 111 45.13 -8.17 14.46
N LEU F 112 44.10 -8.13 13.62
CA LEU F 112 42.93 -8.99 13.76
C LEU F 112 43.27 -10.46 13.49
N SER F 113 43.92 -10.71 12.36
CA SER F 113 44.34 -12.04 11.94
C SER F 113 45.08 -12.85 13.01
N LYS F 114 45.75 -12.16 13.92
CA LYS F 114 46.63 -12.79 14.90
C LYS F 114 45.97 -13.86 15.78
N ASP F 115 44.72 -13.62 16.17
CA ASP F 115 43.98 -14.62 16.94
C ASP F 115 42.76 -15.18 16.18
N LEU F 116 42.20 -14.38 15.28
CA LEU F 116 41.00 -14.80 14.54
C LEU F 116 41.27 -15.91 13.52
N GLN F 117 42.34 -15.79 12.76
CA GLN F 117 42.70 -16.82 11.79
C GLN F 117 42.94 -18.21 12.41
N PRO F 118 43.73 -18.30 13.50
CA PRO F 118 43.87 -19.61 14.11
C PRO F 118 42.56 -20.09 14.75
N LEU F 119 41.77 -19.16 15.27
CA LEU F 119 40.48 -19.53 15.84
C LEU F 119 39.58 -20.12 14.74
N ALA F 120 39.63 -19.51 13.56
CA ALA F 120 38.79 -19.96 12.45
C ALA F 120 39.36 -21.21 11.82
N ARG F 121 40.65 -21.44 11.99
CA ARG F 121 41.27 -22.67 11.50
C ARG F 121 40.95 -23.83 12.44
N LYS F 122 41.13 -23.60 13.73
CA LYS F 122 40.79 -24.59 14.75
C LYS F 122 39.32 -25.01 14.60
N PHE F 123 38.47 -24.05 14.23
CA PHE F 123 37.04 -24.32 14.13
C PHE F 123 36.69 -25.06 12.84
N TRP F 124 37.37 -24.72 11.76
CA TRP F 124 37.19 -25.43 10.51
C TRP F 124 37.67 -26.90 10.64
N GLU F 125 38.80 -27.09 11.29
CA GLU F 125 39.31 -28.44 11.51
C GLU F 125 38.31 -29.36 12.20
N GLU F 126 37.61 -28.88 13.22
CA GLU F 126 36.68 -29.76 13.92
C GLU F 126 35.29 -29.89 13.29
N THR F 127 34.91 -28.91 12.47
CA THR F 127 33.52 -28.80 12.01
C THR F 127 33.37 -28.78 10.50
N ASN F 128 34.44 -28.38 9.81
CA ASN F 128 34.42 -28.11 8.38
C ASN F 128 33.57 -26.89 7.96
N ILE F 129 33.24 -26.05 8.91
CA ILE F 129 32.45 -24.87 8.63
C ILE F 129 33.37 -23.68 8.32
N GLU F 130 33.21 -23.09 7.13
CA GLU F 130 33.99 -21.92 6.74
C GLU F 130 33.40 -20.64 7.33
N ILE F 131 34.25 -19.69 7.66
CA ILE F 131 33.81 -18.36 8.05
C ILE F 131 34.26 -17.40 6.96
N VAL F 132 33.32 -16.92 6.15
CA VAL F 132 33.71 -16.11 5.00
C VAL F 132 33.40 -14.63 5.17
N ALA F 133 34.40 -13.81 4.90
CA ALA F 133 34.25 -12.36 4.89
C ALA F 133 33.63 -11.95 3.55
N ILE F 134 32.30 -11.88 3.52
CA ILE F 134 31.55 -11.62 2.31
C ILE F 134 30.95 -10.21 2.34
N GLY F 135 30.56 -9.79 3.55
CA GLY F 135 30.08 -8.44 3.79
C GLY F 135 28.75 -8.08 3.15
N LYS F 136 28.77 -6.97 2.40
CA LYS F 136 27.57 -6.31 1.90
C LYS F 136 26.66 -7.21 1.06
N SER F 137 27.23 -8.19 0.37
CA SER F 137 26.43 -8.96 -0.58
C SER F 137 25.67 -10.11 0.07
N SER F 138 25.78 -10.25 1.39
CA SER F 138 25.14 -11.37 2.08
C SER F 138 23.82 -10.98 2.70
N VAL F 139 22.75 -11.68 2.32
CA VAL F 139 21.46 -11.44 2.95
C VAL F 139 21.45 -11.80 4.44
N PRO F 140 22.01 -12.97 4.83
CA PRO F 140 22.05 -13.24 6.28
C PRO F 140 22.74 -12.15 7.11
N VAL F 141 23.84 -11.59 6.60
CA VAL F 141 24.50 -10.48 7.30
C VAL F 141 23.55 -9.28 7.47
N ARG F 142 22.82 -8.95 6.41
CA ARG F 142 21.86 -7.87 6.48
C ARG F 142 20.76 -8.18 7.49
N ILE F 143 20.33 -9.44 7.54
CA ILE F 143 19.28 -9.84 8.47
C ILE F 143 19.79 -9.72 9.90
N ALA F 144 21.08 -10.00 10.10
CA ALA F 144 21.66 -9.86 11.43
C ALA F 144 21.73 -8.38 11.81
N GLU F 145 21.95 -7.51 10.84
CA GLU F 145 21.99 -6.09 11.11
C GLU F 145 20.61 -5.53 11.49
N ILE F 146 19.56 -6.08 10.93
CA ILE F 146 18.23 -5.75 11.32
C ILE F 146 17.93 -6.24 12.72
N TYR F 147 18.41 -7.41 13.05
CA TYR F 147 18.24 -7.89 14.42
C TYR F 147 19.04 -7.06 15.41
N ALA F 148 20.26 -6.68 15.05
CA ALA F 148 21.06 -5.77 15.88
C ALA F 148 20.28 -4.49 16.18
N GLY F 149 19.58 -3.99 15.15
CA GLY F 149 18.77 -2.80 15.31
C GLY F 149 17.60 -3.07 16.24
N ILE F 150 17.04 -4.25 16.12
CA ILE F 150 15.86 -4.59 16.92
C ILE F 150 16.24 -4.68 18.40
N TYR F 151 17.41 -5.24 18.67
CA TYR F 151 17.85 -5.50 20.04
C TYR F 151 18.47 -4.27 20.66
N SER F 152 18.89 -3.33 19.81
CA SER F 152 19.29 -2.01 20.27
C SER F 152 18.06 -1.23 20.75
N ALA F 153 16.96 -1.30 20.03
CA ALA F 153 15.73 -0.64 20.50
C ALA F 153 15.23 -1.25 21.80
N LYS F 154 15.34 -2.57 21.91
CA LYS F 154 14.94 -3.30 23.11
C LYS F 154 15.80 -2.87 24.29
N TRP F 155 17.11 -2.76 24.05
CA TRP F 155 18.04 -2.37 25.08
C TRP F 155 17.73 -0.95 25.50
N GLY F 156 17.19 -0.16 24.58
CA GLY F 156 16.84 1.21 24.86
C GLY F 156 15.62 1.32 25.74
N ILE F 157 14.60 0.54 25.50
CA ILE F 157 13.43 0.59 26.32
C ILE F 157 13.77 0.15 27.73
N GLU F 158 14.60 -0.87 27.83
CA GLU F 158 15.05 -1.44 29.07
C GLU F 158 16.07 -0.67 29.87
N ASN F 159 16.87 0.17 29.24
CA ASN F 159 17.80 1.00 29.97
C ASN F 159 17.44 2.48 30.02
N VAL F 160 16.23 2.79 29.61
CA VAL F 160 15.78 4.13 29.62
C VAL F 160 15.55 4.65 31.02
N GLU F 161 15.43 3.78 32.01
CA GLU F 161 15.20 4.33 33.33
C GLU F 161 16.53 4.77 33.94
N LYS F 162 17.52 3.89 33.94
CA LYS F 162 18.89 4.24 34.35
C LYS F 162 19.29 5.56 33.71
N GLU F 163 19.42 5.56 32.39
CA GLU F 163 19.66 6.77 31.63
C GLU F 163 18.35 7.53 31.59
N GLY F 164 18.41 8.86 31.56
CA GLY F 164 17.17 9.63 31.62
C GLY F 164 16.43 9.63 30.30
N HIS F 165 17.22 9.72 29.22
CA HIS F 165 16.70 9.94 27.89
C HIS F 165 17.67 9.23 26.96
N LEU F 166 17.16 8.70 25.84
CA LEU F 166 18.01 7.88 24.99
C LEU F 166 17.78 8.14 23.49
N ILE F 167 18.87 8.46 22.80
CA ILE F 167 18.84 8.63 21.34
C ILE F 167 19.61 7.49 20.72
N ILE F 168 18.93 6.68 19.91
CA ILE F 168 19.58 5.52 19.33
C ILE F 168 19.66 5.59 17.81
N GLY F 169 20.88 5.47 17.29
CA GLY F 169 21.13 5.39 15.87
C GLY F 169 20.94 3.96 15.37
N LEU F 170 19.88 3.74 14.59
CA LEU F 170 19.56 2.43 14.04
C LEU F 170 20.43 2.16 12.81
N PRO F 171 20.59 0.90 12.46
CA PRO F 171 21.39 0.54 11.30
C PRO F 171 20.72 0.99 10.02
N ARG F 172 21.41 0.99 8.90
CA ARG F 172 20.91 1.68 7.72
C ARG F 172 19.53 1.28 7.22
N TYR F 173 18.74 2.29 6.94
CA TYR F 173 17.44 2.13 6.35
C TYR F 173 16.57 1.02 6.94
N MSE F 174 16.36 1.08 8.24
CA MSE F 174 15.44 0.20 8.90
C MSE F 174 14.55 0.91 9.85
O MSE F 174 14.93 1.92 10.41
CB MSE F 174 16.25 -0.91 9.53
CG MSE F 174 16.76 -0.55 10.90
SE MSE F 174 17.22 -2.19 11.82
CE MSE F 174 15.49 -2.48 12.67
N GLU F 175 13.37 0.39 10.07
CA GLU F 175 12.48 0.92 11.07
C GLU F 175 12.15 -0.15 12.10
N VAL F 176 11.63 0.32 13.22
CA VAL F 176 11.27 -0.52 14.34
C VAL F 176 9.85 -0.10 14.74
N ASN F 177 9.01 -1.08 15.09
CA ASN F 177 7.65 -0.83 15.58
C ASN F 177 7.41 -1.70 16.80
N ILE F 178 6.69 -1.18 17.78
CA ILE F 178 6.42 -1.90 19.01
C ILE F 178 4.94 -1.94 19.31
N LYS F 179 4.37 -3.12 19.43
CA LYS F 179 3.01 -3.25 19.91
C LYS F 179 2.84 -4.52 20.68
N ASP F 180 2.14 -4.46 21.82
CA ASP F 180 1.78 -5.69 22.51
C ASP F 180 2.99 -6.54 22.92
N GLY F 181 4.05 -5.91 23.38
CA GLY F 181 5.21 -6.62 23.85
C GLY F 181 6.20 -7.11 22.82
N LYS F 182 5.97 -6.78 21.56
CA LYS F 182 6.78 -7.23 20.45
C LYS F 182 7.44 -6.10 19.68
N ILE F 183 8.70 -6.24 19.35
CA ILE F 183 9.31 -5.30 18.42
C ILE F 183 9.45 -6.00 17.04
N ILE F 184 8.80 -5.44 16.03
CA ILE F 184 9.04 -5.87 14.66
C ILE F 184 10.00 -4.89 14.00
N GLY F 185 11.09 -5.42 13.44
CA GLY F 185 12.05 -4.63 12.70
C GLY F 185 12.03 -5.05 11.23
N ARG F 186 12.13 -4.06 10.34
CA ARG F 186 12.02 -4.28 8.90
C ARG F 186 13.00 -3.40 8.15
N SER F 187 13.58 -3.92 7.07
CA SER F 187 14.34 -3.09 6.13
C SER F 187 13.37 -2.14 5.44
N LEU F 188 13.79 -0.90 5.20
CA LEU F 188 12.95 0.05 4.47
C LEU F 188 13.18 -0.04 2.95
N ASP F 189 14.12 -0.88 2.54
CA ASP F 189 14.44 -1.05 1.13
C ASP F 189 13.71 -2.25 0.50
N PRO F 190 12.66 -2.00 -0.29
CA PRO F 190 11.88 -3.04 -0.97
C PRO F 190 12.74 -3.87 -1.91
N ARG F 191 13.84 -3.31 -2.39
CA ARG F 191 14.72 -4.04 -3.29
C ARG F 191 15.36 -5.24 -2.60
N GLU F 192 15.33 -5.24 -1.28
CA GLU F 192 15.96 -6.31 -0.50
C GLU F 192 15.05 -7.54 -0.34
N GLY F 193 13.77 -7.42 -0.68
CA GLY F 193 12.88 -8.56 -0.76
C GLY F 193 12.05 -8.88 0.46
N GLY F 194 11.95 -7.94 1.40
CA GLY F 194 11.09 -8.10 2.55
C GLY F 194 11.76 -8.69 3.77
N LEU F 195 12.94 -8.19 4.12
CA LEU F 195 13.67 -8.70 5.28
C LEU F 195 13.15 -8.05 6.56
N TYR F 196 12.88 -8.88 7.57
CA TYR F 196 12.26 -8.40 8.79
C TYR F 196 12.71 -9.26 9.95
N GLY F 197 12.45 -8.83 11.18
CA GLY F 197 12.82 -9.62 12.34
C GLY F 197 11.93 -9.28 13.50
N SER F 198 12.14 -9.94 14.65
CA SER F 198 11.24 -9.77 15.77
C SER F 198 11.95 -9.98 17.09
N ALA F 199 11.39 -9.42 18.17
CA ALA F 199 11.88 -9.65 19.53
C ALA F 199 10.81 -9.25 20.54
N GLU F 200 10.92 -9.79 21.75
CA GLU F 200 9.97 -9.47 22.81
C GLU F 200 10.53 -8.32 23.60
N VAL F 201 9.67 -7.49 24.14
CA VAL F 201 10.16 -6.42 24.95
C VAL F 201 9.23 -6.08 26.08
N SER F 202 9.81 -5.74 27.20
CA SER F 202 9.03 -5.38 28.37
C SER F 202 9.07 -3.86 28.60
N VAL F 203 8.04 -3.17 28.15
CA VAL F 203 8.09 -1.72 28.11
C VAL F 203 7.64 -1.06 29.39
N PRO F 204 8.59 -0.42 30.06
CA PRO F 204 8.32 0.16 31.36
C PRO F 204 7.06 1.02 31.34
N GLU F 205 6.44 1.20 32.49
CA GLU F 205 5.25 2.05 32.56
C GLU F 205 5.63 3.51 32.31
N GLY F 206 4.93 4.14 31.37
CA GLY F 206 5.14 5.55 31.09
C GLY F 206 6.21 5.92 30.08
N VAL F 207 7.03 4.96 29.62
CA VAL F 207 8.01 5.30 28.60
C VAL F 207 7.33 5.45 27.23
N LYS F 208 7.86 6.37 26.44
CA LYS F 208 7.33 6.69 25.12
C LYS F 208 8.52 6.63 24.18
N TRP F 209 8.26 6.48 22.88
CA TRP F 209 9.33 6.40 21.90
C TRP F 209 8.91 6.99 20.57
N GLU F 210 9.88 7.38 19.76
CA GLU F 210 9.59 7.86 18.40
C GLU F 210 10.63 7.35 17.41
N ILE F 211 10.25 7.26 16.14
CA ILE F 211 11.24 6.98 15.12
C ILE F 211 11.15 8.05 14.03
N TYR F 212 12.31 8.58 13.62
CA TYR F 212 12.34 9.64 12.62
C TYR F 212 13.71 9.68 11.97
N PRO F 213 13.82 10.33 10.80
CA PRO F 213 15.13 10.39 10.14
C PRO F 213 16.19 11.18 10.92
N ASN F 214 17.41 10.62 10.93
CA ASN F 214 18.57 11.29 11.48
C ASN F 214 18.94 12.41 10.53
N PRO F 215 18.84 13.66 11.01
CA PRO F 215 18.98 14.85 10.15
C PRO F 215 20.38 14.95 9.58
N VAL F 216 21.34 14.33 10.21
CA VAL F 216 22.71 14.38 9.74
C VAL F 216 23.25 13.07 9.12
N ALA F 217 22.43 12.06 9.06
CA ALA F 217 22.78 10.76 8.44
C ALA F 217 21.68 10.22 7.53
N ARG F 218 21.65 10.68 6.30
CA ARG F 218 20.56 10.36 5.39
C ARG F 218 20.51 8.87 5.13
N ARG F 219 19.29 8.37 5.22
CA ARG F 219 18.92 6.97 5.17
C ARG F 219 19.02 6.19 6.51
N PHE F 220 19.48 6.83 7.56
CA PHE F 220 19.43 6.24 8.89
C PHE F 220 18.34 6.85 9.74
N MSE F 221 17.63 6.04 10.47
CA MSE F 221 16.67 6.55 11.42
C MSE F 221 17.19 6.68 12.83
O MSE F 221 18.12 5.99 13.20
CB MSE F 221 15.44 5.67 11.47
CG MSE F 221 14.99 5.30 10.09
SE MSE F 221 14.16 6.80 9.16
CE MSE F 221 15.53 7.08 7.81
N ILE F 222 16.57 7.58 13.60
CA ILE F 222 16.80 7.67 15.03
C ILE F 222 15.66 6.94 15.73
N PHE F 223 15.96 6.13 16.73
CA PHE F 223 14.94 5.64 17.65
C PHE F 223 15.17 6.41 18.95
N GLU F 224 14.22 7.28 19.32
CA GLU F 224 14.38 8.16 20.47
C GLU F 224 13.41 7.79 21.60
N ILE F 225 13.95 7.64 22.82
CA ILE F 225 13.19 7.11 23.96
C ILE F 225 13.11 8.03 25.19
N PHE F 226 11.89 8.24 25.70
CA PHE F 226 11.67 9.07 26.88
C PHE F 226 11.20 8.25 28.08
N SER F 227 11.60 8.65 29.28
CA SER F 227 11.06 8.10 30.52
C SER F 227 9.81 8.89 30.96
#